data_7KM2
#
_entry.id   7KM2
#
_cell.length_a   90.675
_cell.length_b   151.091
_cell.length_c   167.590
_cell.angle_alpha   90.000
_cell.angle_beta   90.000
_cell.angle_gamma   90.000
#
_symmetry.space_group_name_H-M   'P 21 21 21'
#
loop_
_entity.id
_entity.type
_entity.pdbx_description
1 polymer 'Flavin prenyltransferase UbiX'
2 non-polymer 'FLAVIN MONONUCLEOTIDE'
3 water water
#
_entity_poly.entity_id   1
_entity_poly.type   'polypeptide(L)'
_entity_poly.pdbx_seq_one_letter_code
;MKRYVVGISGASGIVLAVTLVSELARLGHHIDVIISPSAQKTLYYELDTKSFLSTIPQNFHNQIVLHHISSIESSVSSGS
NTIDATIIVPCSVATVAAISCGLADNLLRRVADVALKEKRPLILVPREAPLSAIHLENLLKLAQNGAVILPPMPIWYFKP
QTAEDIANDIVGKILAILQLDSPLIKRWENPRLEHHHHHH
;
_entity_poly.pdbx_strand_id   L,I,A,B,C,D,E,F,G,H,J,K
#
loop_
_chem_comp.id
_chem_comp.type
_chem_comp.name
_chem_comp.formula
FMN non-polymer 'FLAVIN MONONUCLEOTIDE' 'C17 H21 N4 O9 P'
#
# COMPACT_ATOMS: atom_id res chain seq x y z
N MET A 1 -33.40 29.43 -13.73
CA MET A 1 -33.17 28.29 -14.62
C MET A 1 -31.74 27.78 -14.52
N LYS A 2 -31.60 26.59 -13.95
CA LYS A 2 -30.34 25.88 -13.88
C LYS A 2 -30.28 24.82 -14.97
N ARG A 3 -29.09 24.26 -15.18
CA ARG A 3 -28.85 23.33 -16.28
C ARG A 3 -28.31 22.03 -15.70
N TYR A 4 -29.06 20.95 -15.88
CA TYR A 4 -28.71 19.66 -15.31
C TYR A 4 -28.49 18.65 -16.43
N VAL A 5 -27.52 17.76 -16.23
CA VAL A 5 -27.30 16.63 -17.13
C VAL A 5 -27.75 15.38 -16.41
N VAL A 6 -28.68 14.65 -17.03
CA VAL A 6 -29.12 13.34 -16.54
C VAL A 6 -28.70 12.28 -17.55
N GLY A 7 -27.86 11.36 -17.10
CA GLY A 7 -27.38 10.26 -17.93
C GLY A 7 -28.04 8.97 -17.47
N ILE A 8 -28.60 8.24 -18.43
CA ILE A 8 -29.40 7.06 -18.12
C ILE A 8 -28.60 5.86 -18.63
N SER A 9 -27.94 5.19 -17.70
CA SER A 9 -27.08 4.05 -17.94
C SER A 9 -27.89 2.78 -17.78
N GLY A 10 -27.42 1.72 -18.42
CA GLY A 10 -28.24 0.54 -18.66
C GLY A 10 -28.87 -0.16 -17.47
N SER A 12 -31.11 -1.23 -14.12
CA SER A 12 -32.55 -1.31 -13.92
C SER A 12 -33.03 -0.15 -13.05
N GLY A 13 -34.16 0.42 -13.41
CA GLY A 13 -34.75 1.47 -12.61
C GLY A 13 -34.87 2.79 -13.33
N ILE A 14 -35.22 2.73 -14.62
CA ILE A 14 -35.39 3.94 -15.41
C ILE A 14 -36.54 4.80 -14.89
N VAL A 15 -37.41 4.24 -14.04
CA VAL A 15 -38.47 5.05 -13.44
C VAL A 15 -37.89 6.18 -12.61
N LEU A 16 -36.73 5.95 -12.00
CA LEU A 16 -36.08 6.99 -11.21
C LEU A 16 -35.67 8.16 -12.08
N ALA A 17 -35.12 7.85 -13.26
CA ALA A 17 -34.72 8.91 -14.19
C ALA A 17 -35.92 9.66 -14.73
N VAL A 18 -36.99 8.94 -15.09
CA VAL A 18 -38.20 9.60 -15.56
C VAL A 18 -38.73 10.54 -14.47
N THR A 19 -38.78 10.04 -13.23
CA THR A 19 -39.29 10.87 -12.13
C THR A 19 -38.41 12.09 -11.90
N LEU A 20 -37.09 11.93 -11.91
CA LEU A 20 -36.19 13.07 -11.70
C LEU A 20 -36.32 14.11 -12.81
N VAL A 21 -36.23 13.67 -14.07
CA VAL A 21 -36.24 14.61 -15.20
C VAL A 21 -37.50 15.46 -15.20
N SER A 22 -38.66 14.83 -15.00
CA SER A 22 -39.89 15.60 -15.11
C SER A 22 -40.09 16.53 -13.92
N GLU A 23 -39.59 16.16 -12.73
CA GLU A 23 -39.71 17.06 -11.59
C GLU A 23 -38.76 18.24 -11.72
N LEU A 24 -37.53 17.98 -12.19
CA LEU A 24 -36.63 19.06 -12.58
C LEU A 24 -37.31 19.97 -13.59
N ALA A 25 -38.00 19.37 -14.56
CA ALA A 25 -38.69 20.17 -15.57
C ALA A 25 -39.85 20.96 -14.97
N ARG A 26 -40.61 20.35 -14.07
CA ARG A 26 -41.70 21.05 -13.40
C ARG A 26 -41.19 22.21 -12.56
N LEU A 27 -39.95 22.13 -12.09
CA LEU A 27 -39.35 23.20 -11.30
C LEU A 27 -38.79 24.33 -12.16
N GLY A 28 -38.91 24.24 -13.48
CA GLY A 28 -38.50 25.32 -14.36
C GLY A 28 -37.07 25.26 -14.83
N HIS A 29 -36.47 24.08 -14.82
CA HIS A 29 -35.08 23.89 -15.16
C HIS A 29 -34.92 23.21 -16.51
N HIS A 30 -33.68 23.20 -16.99
CA HIS A 30 -33.33 22.62 -18.28
C HIS A 30 -32.55 21.33 -18.04
N ILE A 31 -32.90 20.30 -18.81
CA ILE A 31 -32.28 19.00 -18.64
C ILE A 31 -31.72 18.54 -19.97
N ASP A 32 -30.45 18.16 -19.97
CA ASP A 32 -29.82 17.46 -21.09
C ASP A 32 -29.78 15.98 -20.72
N VAL A 33 -30.54 15.16 -21.43
CA VAL A 33 -30.61 13.73 -21.16
C VAL A 33 -29.74 12.98 -22.16
N ILE A 34 -29.04 11.97 -21.67
CA ILE A 34 -28.20 11.11 -22.48
C ILE A 34 -28.58 9.68 -22.14
N ILE A 35 -29.02 8.92 -23.13
CA ILE A 35 -29.53 7.57 -22.91
C ILE A 35 -28.59 6.58 -23.59
N SER A 36 -28.09 5.63 -22.80
CA SER A 36 -27.26 4.58 -23.36
C SER A 36 -28.12 3.67 -24.22
N PRO A 37 -27.53 3.01 -25.21
CA PRO A 37 -28.27 1.95 -25.91
C PRO A 37 -28.76 0.89 -24.94
N SER A 38 -27.94 0.58 -23.93
CA SER A 38 -28.30 -0.43 -22.94
C SER A 38 -29.53 -0.03 -22.15
N ALA A 39 -29.69 1.26 -21.87
CA ALA A 39 -30.84 1.74 -21.12
C ALA A 39 -32.07 1.94 -21.99
N GLN A 40 -31.90 2.10 -23.31
CA GLN A 40 -33.05 2.16 -24.19
C GLN A 40 -33.77 0.81 -24.29
N LYS A 41 -33.03 -0.29 -24.15
CA LYS A 41 -33.67 -1.59 -23.97
C LYS A 41 -34.36 -1.67 -22.61
N TYR A 45 -38.06 -0.19 -22.57
CA TYR A 45 -39.28 -0.80 -23.16
C TYR A 45 -39.84 -1.81 -22.15
N ASP A 48 -42.81 -0.31 -20.43
CA ASP A 48 -43.31 -0.71 -21.75
C ASP A 48 -43.61 0.43 -22.72
N THR A 49 -42.60 1.20 -23.06
CA THR A 49 -42.80 2.38 -23.90
C THR A 49 -41.63 2.55 -24.86
N LYS A 50 -41.94 3.14 -26.01
CA LYS A 50 -40.99 3.23 -27.11
C LYS A 50 -39.97 4.35 -26.88
N SER A 51 -40.45 5.58 -26.77
CA SER A 51 -39.60 6.75 -26.60
C SER A 51 -39.56 7.17 -25.14
N PHE A 52 -38.39 7.67 -24.70
CA PHE A 52 -38.28 8.18 -23.35
C PHE A 52 -39.06 9.49 -23.18
N LEU A 53 -39.12 10.31 -24.21
CA LEU A 53 -39.88 11.55 -24.11
C LEU A 53 -41.38 11.31 -23.92
N SER A 54 -41.89 10.13 -24.29
CA SER A 54 -43.31 9.87 -24.08
C SER A 54 -43.66 9.72 -22.59
N THR A 55 -42.67 9.54 -21.71
CA THR A 55 -42.90 9.42 -20.27
C THR A 55 -42.99 10.77 -19.57
N ILE A 56 -42.53 11.85 -20.19
CA ILE A 56 -42.53 13.18 -19.60
C ILE A 56 -43.71 13.97 -20.16
N PRO A 57 -44.42 14.75 -19.34
CA PRO A 57 -45.50 15.58 -19.88
C PRO A 57 -45.00 16.46 -21.03
N GLN A 58 -45.85 16.60 -22.05
CA GLN A 58 -45.42 17.21 -23.30
C GLN A 58 -45.06 18.69 -23.13
N ASN A 59 -45.71 19.39 -22.22
CA ASN A 59 -45.38 20.81 -22.02
C ASN A 59 -43.95 21.01 -21.53
N PHE A 60 -43.33 19.96 -21.00
CA PHE A 60 -41.94 20.04 -20.54
C PHE A 60 -40.92 19.77 -21.65
N HIS A 61 -41.37 19.45 -22.87
CA HIS A 61 -40.43 18.93 -23.87
C HIS A 61 -39.46 19.99 -24.37
N ASN A 62 -39.90 21.26 -24.45
CA ASN A 62 -39.00 22.33 -24.85
C ASN A 62 -37.81 22.45 -23.91
N GLN A 63 -37.97 22.01 -22.65
CA GLN A 63 -36.94 22.10 -21.62
C GLN A 63 -35.99 20.90 -21.60
N ILE A 64 -36.14 19.96 -22.52
CA ILE A 64 -35.40 18.71 -22.48
C ILE A 64 -34.76 18.48 -23.85
N VAL A 65 -33.48 18.12 -23.84
CA VAL A 65 -32.73 17.86 -25.07
C VAL A 65 -32.11 16.47 -24.96
N LEU A 66 -32.43 15.60 -25.90
CA LEU A 66 -31.85 14.27 -25.95
C LEU A 66 -30.57 14.28 -26.77
N HIS A 67 -29.55 13.56 -26.28
CA HIS A 67 -28.28 13.44 -26.97
C HIS A 67 -27.96 11.98 -27.26
N HIS A 68 -27.41 11.76 -28.45
CA HIS A 68 -26.88 10.45 -28.81
C HIS A 68 -25.60 10.20 -28.02
N ILE A 69 -25.46 8.99 -27.50
CA ILE A 69 -24.33 8.70 -26.63
C ILE A 69 -23.00 8.60 -27.37
N SER A 70 -23.02 8.53 -28.71
CA SER A 70 -21.81 8.42 -29.52
C SER A 70 -21.39 9.74 -30.17
N SER A 71 -21.79 10.88 -29.59
CA SER A 71 -21.53 12.19 -30.18
C SER A 71 -20.26 12.79 -29.55
N ILE A 72 -19.17 12.82 -30.31
CA ILE A 72 -17.96 13.44 -29.79
C ILE A 72 -18.17 14.94 -29.63
N ILE A 83 -23.57 24.49 -16.63
CA ILE A 83 -23.98 23.17 -16.14
C ILE A 83 -23.87 23.03 -14.63
N ASP A 84 -25.03 22.93 -13.97
CA ASP A 84 -25.08 23.01 -12.51
C ASP A 84 -24.76 21.68 -11.84
N ALA A 85 -25.20 20.56 -12.41
CA ALA A 85 -24.91 19.26 -11.80
C ALA A 85 -25.19 18.16 -12.79
N THR A 86 -24.54 17.02 -12.57
CA THR A 86 -24.67 15.84 -13.43
C THR A 86 -25.11 14.64 -12.60
N ILE A 87 -26.16 13.97 -13.05
CA ILE A 87 -26.72 12.82 -12.35
C ILE A 87 -26.79 11.66 -13.33
N ILE A 88 -26.19 10.54 -12.96
CA ILE A 88 -26.28 9.32 -13.75
C ILE A 88 -27.22 8.37 -13.02
N VAL A 89 -28.44 8.21 -13.54
CA VAL A 89 -29.49 7.46 -12.88
C VAL A 89 -30.42 6.76 -13.88
N PRO A 90 -30.55 5.42 -13.80
CA PRO A 90 -29.69 4.55 -13.01
C PRO A 90 -28.29 4.52 -13.60
N CYS A 91 -27.33 3.99 -12.85
CA CYS A 91 -25.93 3.98 -13.26
C CYS A 91 -25.43 2.55 -13.19
N SER A 92 -25.11 1.96 -14.34
CA SER A 92 -24.68 0.57 -14.36
C SER A 92 -23.27 0.46 -13.79
N VAL A 93 -22.87 -0.78 -13.47
CA VAL A 93 -21.54 -0.97 -12.92
C VAL A 93 -20.48 -0.73 -13.99
N ALA A 94 -20.80 -1.02 -15.26
CA ALA A 94 -19.84 -0.75 -16.32
C ALA A 94 -19.59 0.76 -16.45
N THR A 95 -20.64 1.56 -16.32
CA THR A 95 -20.46 3.00 -16.35
C THR A 95 -19.67 3.49 -15.14
N VAL A 96 -19.95 2.95 -13.95
CA VAL A 96 -19.11 3.26 -12.78
C VAL A 96 -17.65 2.94 -13.11
N ALA A 97 -17.41 1.71 -13.56
CA ALA A 97 -16.08 1.26 -13.92
C ALA A 97 -15.40 2.24 -14.86
N ALA A 98 -16.10 2.60 -15.95
CA ALA A 98 -15.47 3.46 -16.97
C ALA A 98 -15.07 4.81 -16.39
N ILE A 99 -16.00 5.45 -15.69
CA ILE A 99 -15.69 6.74 -15.08
C ILE A 99 -14.53 6.61 -14.09
N SER A 100 -14.56 5.59 -13.24
CA SER A 100 -13.49 5.47 -12.26
C SER A 100 -12.12 5.31 -12.91
N CYS A 101 -12.06 4.78 -14.14
CA CYS A 101 -10.80 4.57 -14.88
C CYS A 101 -10.36 5.76 -15.72
N GLY A 102 -11.20 6.78 -15.89
CA GLY A 102 -10.91 7.85 -16.82
C GLY A 102 -11.18 7.50 -18.27
N LEU A 103 -12.00 6.48 -18.50
CA LEU A 103 -12.25 5.94 -19.84
C LEU A 103 -13.36 6.74 -20.51
N ALA A 104 -13.02 7.98 -20.85
CA ALA A 104 -14.01 8.96 -21.28
C ALA A 104 -14.23 8.82 -22.79
N ASP A 105 -14.82 7.69 -23.18
CA ASP A 105 -14.88 7.37 -24.61
C ASP A 105 -16.30 7.22 -25.13
N ASN A 106 -17.30 7.75 -24.42
CA ASN A 106 -18.59 8.10 -25.02
C ASN A 106 -19.05 9.38 -24.33
N LEU A 107 -20.18 9.93 -24.82
CA LEU A 107 -20.65 11.22 -24.32
C LEU A 107 -21.01 11.14 -22.84
N LEU A 108 -21.68 10.06 -22.42
CA LEU A 108 -22.01 9.91 -21.00
C LEU A 108 -20.75 9.94 -20.14
N ARG A 109 -19.75 9.15 -20.51
CA ARG A 109 -18.55 9.05 -19.69
C ARG A 109 -17.78 10.36 -19.67
N ARG A 110 -17.71 11.07 -20.80
CA ARG A 110 -16.86 12.25 -20.77
C ARG A 110 -17.57 13.42 -20.08
N VAL A 111 -18.90 13.47 -20.09
CA VAL A 111 -19.56 14.48 -19.27
C VAL A 111 -19.40 14.19 -17.78
N ALA A 112 -19.34 12.91 -17.39
CA ALA A 112 -18.98 12.61 -16.02
C ALA A 112 -17.55 13.05 -15.72
N ASP A 113 -16.64 12.74 -16.63
CA ASP A 113 -15.24 13.11 -16.44
C ASP A 113 -15.09 14.62 -16.35
N VAL A 114 -15.81 15.37 -17.20
CA VAL A 114 -15.74 16.83 -17.13
C VAL A 114 -16.16 17.32 -15.76
N ALA A 115 -17.23 16.76 -15.21
CA ALA A 115 -17.68 17.20 -13.90
C ALA A 115 -16.65 16.90 -12.81
N LEU A 116 -16.01 15.73 -12.87
CA LEU A 116 -14.91 15.45 -11.95
C LEU A 116 -13.72 16.37 -12.20
N LYS A 117 -13.41 16.63 -13.47
CA LYS A 117 -12.27 17.48 -13.81
C LYS A 117 -12.47 18.94 -13.37
N GLU A 118 -13.71 19.42 -13.37
CA GLU A 118 -13.98 20.81 -13.00
C GLU A 118 -14.48 20.97 -11.58
N LYS A 119 -14.49 19.89 -10.79
CA LYS A 119 -15.02 19.91 -9.44
C LYS A 119 -16.48 20.42 -9.42
N ARG A 120 -17.29 19.94 -10.36
CA ARG A 120 -18.73 20.19 -10.41
C ARG A 120 -19.49 18.96 -9.92
N PRO A 121 -20.74 19.11 -9.48
CA PRO A 121 -21.44 17.98 -8.84
C PRO A 121 -21.70 16.81 -9.80
N LEU A 122 -21.35 15.61 -9.34
CA LEU A 122 -21.60 14.38 -10.07
C LEU A 122 -22.29 13.41 -9.12
N ILE A 123 -23.55 13.10 -9.37
CA ILE A 123 -24.33 12.21 -8.52
C ILE A 123 -24.53 10.88 -9.25
N LEU A 124 -24.02 9.80 -8.65
CA LEU A 124 -24.11 8.47 -9.23
C LEU A 124 -25.11 7.66 -8.44
N VAL A 125 -26.02 6.98 -9.15
CA VAL A 125 -27.07 6.19 -8.51
C VAL A 125 -26.87 4.73 -8.91
N PRO A 126 -25.90 4.02 -8.35
CA PRO A 126 -25.64 2.65 -8.79
C PRO A 126 -26.72 1.70 -8.28
N ARG A 127 -27.17 0.81 -9.16
CA ARG A 127 -28.18 -0.20 -8.82
C ARG A 127 -27.63 -1.56 -9.19
N GLU A 128 -26.73 -2.08 -8.36
CA GLU A 128 -26.26 -3.45 -8.46
C GLU A 128 -26.30 -4.06 -7.07
N ALA A 129 -26.63 -5.35 -7.00
CA ALA A 129 -26.65 -6.08 -5.73
C ALA A 129 -26.67 -7.57 -6.00
N PRO A 130 -25.74 -8.32 -5.38
CA PRO A 130 -24.74 -7.79 -4.45
C PRO A 130 -23.65 -6.95 -5.13
N LEU A 131 -22.90 -6.21 -4.34
CA LEU A 131 -21.78 -5.42 -4.82
C LEU A 131 -20.50 -6.19 -4.53
N SER A 132 -19.81 -6.62 -5.59
CA SER A 132 -18.56 -7.32 -5.45
C SER A 132 -17.47 -6.35 -5.04
N ALA A 133 -16.31 -6.90 -4.65
CA ALA A 133 -15.18 -6.07 -4.24
C ALA A 133 -14.70 -5.17 -5.39
N ILE A 134 -14.74 -5.68 -6.63
CA ILE A 134 -14.33 -4.86 -7.78
C ILE A 134 -15.20 -3.63 -7.93
N HIS A 135 -16.52 -3.77 -7.80
CA HIS A 135 -17.37 -2.60 -7.97
C HIS A 135 -17.28 -1.66 -6.78
N LEU A 136 -17.09 -2.20 -5.58
CA LEU A 136 -16.94 -1.35 -4.41
C LEU A 136 -15.68 -0.50 -4.51
N GLU A 137 -14.58 -1.11 -4.99
CA GLU A 137 -13.35 -0.35 -5.19
C GLU A 137 -13.56 0.79 -6.20
N ASN A 138 -14.30 0.55 -7.29
CA ASN A 138 -14.58 1.64 -8.25
C ASN A 138 -15.41 2.73 -7.60
N LEU A 139 -16.45 2.35 -6.86
CA LEU A 139 -17.27 3.34 -6.16
C LEU A 139 -16.43 4.14 -5.18
N LEU A 140 -15.59 3.46 -4.40
CA LEU A 140 -14.74 4.13 -3.42
C LEU A 140 -13.84 5.15 -4.10
N LYS A 141 -13.15 4.71 -5.16
CA LYS A 141 -12.28 5.61 -5.90
C LYS A 141 -13.06 6.84 -6.37
N LEU A 142 -14.27 6.65 -6.88
CA LEU A 142 -15.07 7.80 -7.32
C LEU A 142 -15.47 8.69 -6.15
N ALA A 143 -15.83 8.08 -5.01
CA ALA A 143 -16.13 8.89 -3.83
C ALA A 143 -14.92 9.72 -3.43
N GLN A 144 -13.73 9.12 -3.44
CA GLN A 144 -12.52 9.86 -3.08
C GLN A 144 -12.20 10.96 -4.06
N ASN A 145 -12.70 10.89 -5.29
CA ASN A 145 -12.54 12.00 -6.23
C ASN A 145 -13.75 12.94 -6.27
N GLY A 146 -14.67 12.84 -5.32
CA GLY A 146 -15.70 13.85 -5.14
C GLY A 146 -17.07 13.50 -5.67
N ALA A 147 -17.23 12.36 -6.33
CA ALA A 147 -18.56 11.97 -6.78
C ALA A 147 -19.42 11.60 -5.57
N VAL A 148 -20.70 11.93 -5.66
CA VAL A 148 -21.68 11.52 -4.65
C VAL A 148 -22.21 10.14 -5.04
N ILE A 149 -22.00 9.16 -4.16
CA ILE A 149 -22.46 7.80 -4.39
C ILE A 149 -23.78 7.61 -3.67
N LEU A 150 -24.87 7.57 -4.43
CA LEU A 150 -26.23 7.56 -3.90
C LEU A 150 -26.98 6.33 -4.40
N PRO A 151 -26.77 5.17 -3.78
CA PRO A 151 -27.57 4.01 -4.14
C PRO A 151 -29.02 4.23 -3.81
N PRO A 152 -29.94 3.68 -4.59
CA PRO A 152 -31.40 3.91 -4.39
C PRO A 152 -31.97 3.07 -3.25
N MET A 153 -31.78 3.56 -2.02
CA MET A 153 -32.24 2.86 -0.83
C MET A 153 -33.64 3.36 -0.45
N PRO A 154 -34.63 2.48 -0.36
CA PRO A 154 -35.94 2.92 0.15
C PRO A 154 -35.82 3.52 1.54
N ILE A 155 -36.64 4.53 1.81
CA ILE A 155 -36.49 5.28 3.03
C ILE A 155 -37.34 4.71 4.18
N TRP A 156 -38.47 4.08 3.88
CA TRP A 156 -39.24 3.27 4.82
C TRP A 156 -39.75 4.00 6.06
N TYR A 157 -38.93 4.81 6.72
CA TYR A 157 -39.53 5.49 7.87
C TYR A 157 -40.53 6.55 7.44
N PHE A 158 -40.64 6.81 6.13
CA PHE A 158 -41.75 7.56 5.56
C PHE A 158 -43.01 6.72 5.38
N LYS A 159 -42.99 5.46 5.79
CA LYS A 159 -44.10 4.53 5.62
C LYS A 159 -44.68 4.54 4.21
N PRO A 160 -43.89 4.24 3.20
CA PRO A 160 -44.42 4.19 1.84
C PRO A 160 -45.47 3.09 1.71
N GLN A 161 -46.44 3.33 0.83
CA GLN A 161 -47.47 2.34 0.55
C GLN A 161 -47.31 1.72 -0.81
N THR A 162 -47.10 2.52 -1.84
CA THR A 162 -46.95 2.04 -3.21
C THR A 162 -45.48 1.92 -3.57
N ALA A 163 -45.22 1.20 -4.65
CA ALA A 163 -43.91 1.30 -5.30
C ALA A 163 -43.63 2.75 -5.69
N GLU A 164 -44.66 3.46 -6.15
CA GLU A 164 -44.50 4.84 -6.55
C GLU A 164 -44.02 5.71 -5.40
N ASP A 165 -44.49 5.44 -4.18
CA ASP A 165 -44.00 6.17 -3.00
C ASP A 165 -42.48 6.04 -2.89
N ILE A 166 -42.00 4.80 -2.99
CA ILE A 166 -40.59 4.53 -2.74
C ILE A 166 -39.71 5.24 -3.77
N ALA A 167 -40.09 5.15 -5.06
CA ALA A 167 -39.36 5.85 -6.10
C ALA A 167 -39.30 7.36 -5.83
N ASN A 168 -40.46 7.96 -5.52
CA ASN A 168 -40.52 9.40 -5.32
C ASN A 168 -39.64 9.85 -4.15
N ASP A 169 -39.63 9.08 -3.06
CA ASP A 169 -38.78 9.45 -1.93
C ASP A 169 -37.30 9.32 -2.30
N ILE A 170 -36.95 8.36 -3.15
CA ILE A 170 -35.55 8.23 -3.58
C ILE A 170 -35.15 9.45 -4.41
N VAL A 171 -36.01 9.85 -5.34
CA VAL A 171 -35.78 11.06 -6.14
C VAL A 171 -35.70 12.29 -5.25
N GLY A 172 -36.60 12.40 -4.28
CA GLY A 172 -36.51 13.49 -3.32
C GLY A 172 -35.15 13.56 -2.64
N LYS A 173 -34.52 12.41 -2.41
CA LYS A 173 -33.17 12.41 -1.86
C LYS A 173 -32.16 13.00 -2.85
N ILE A 174 -32.35 12.75 -4.15
CA ILE A 174 -31.48 13.35 -5.17
C ILE A 174 -31.67 14.88 -5.18
N LEU A 175 -32.93 15.32 -5.21
CA LEU A 175 -33.20 16.76 -5.25
C LEU A 175 -32.63 17.48 -4.03
N ALA A 176 -32.69 16.86 -2.85
CA ALA A 176 -32.12 17.47 -1.66
C ALA A 176 -30.61 17.67 -1.81
N ILE A 177 -29.91 16.69 -2.36
CA ILE A 177 -28.49 16.87 -2.64
C ILE A 177 -28.28 17.96 -3.69
N LEU A 178 -29.18 18.07 -4.67
CA LEU A 178 -29.14 19.17 -5.62
C LEU A 178 -29.45 20.52 -4.98
N GLN A 179 -29.73 20.54 -3.68
CA GLN A 179 -30.04 21.75 -2.94
C GLN A 179 -31.21 22.50 -3.57
N LEU A 180 -32.16 21.74 -4.12
CA LEU A 180 -33.43 22.25 -4.61
C LEU A 180 -34.52 22.00 -3.58
N ASP A 181 -35.61 22.73 -3.70
CA ASP A 181 -36.78 22.48 -2.86
C ASP A 181 -37.88 21.88 -3.73
N SER A 182 -38.51 20.83 -3.20
CA SER A 182 -39.52 20.09 -3.95
C SER A 182 -40.45 19.40 -2.99
N PRO A 183 -41.74 19.27 -3.32
CA PRO A 183 -42.64 18.47 -2.47
C PRO A 183 -42.29 16.99 -2.45
N LEU A 184 -41.35 16.55 -3.27
CA LEU A 184 -40.87 15.17 -3.19
C LEU A 184 -39.96 14.95 -1.99
N ILE A 185 -39.38 16.01 -1.44
CA ILE A 185 -38.50 15.91 -0.27
C ILE A 185 -39.35 15.89 0.99
N LYS A 186 -39.21 14.83 1.78
CA LYS A 186 -40.03 14.69 2.98
C LYS A 186 -39.15 14.70 4.24
N MET B 1 15.02 2.92 -43.23
CA MET B 1 15.81 2.20 -42.24
C MET B 1 14.95 1.61 -41.13
N LYS B 2 14.33 2.48 -40.34
CA LYS B 2 13.51 2.05 -39.20
C LYS B 2 12.05 2.27 -39.50
N ARG B 3 11.21 1.65 -38.67
CA ARG B 3 9.77 1.65 -38.85
C ARG B 3 9.10 2.16 -37.58
N TYR B 4 8.15 3.06 -37.76
CA TYR B 4 7.50 3.72 -36.64
C TYR B 4 6.00 3.52 -36.73
N VAL B 5 5.35 3.61 -35.58
CA VAL B 5 3.90 3.69 -35.49
C VAL B 5 3.56 5.03 -34.88
N VAL B 6 2.77 5.83 -35.60
CA VAL B 6 2.27 7.09 -35.07
C VAL B 6 0.76 6.94 -34.96
N GLY B 7 0.29 6.94 -33.71
CA GLY B 7 -1.14 6.89 -33.44
C GLY B 7 -1.61 8.30 -33.13
N ILE B 8 -2.75 8.67 -33.72
CA ILE B 8 -3.26 10.02 -33.60
C ILE B 8 -4.65 9.91 -32.99
N SER B 9 -4.77 10.27 -31.74
CA SER B 9 -6.03 9.99 -31.05
C SER B 9 -6.62 11.19 -30.35
N GLY B 10 -5.80 11.99 -29.68
CA GLY B 10 -6.30 13.25 -29.18
C GLY B 10 -6.96 14.03 -30.27
N ALA B 11 -7.66 15.10 -29.89
CA ALA B 11 -8.27 15.92 -30.92
C ALA B 11 -8.02 17.40 -30.64
N SER B 12 -6.75 17.71 -30.44
CA SER B 12 -6.16 19.03 -30.60
C SER B 12 -4.65 18.88 -30.63
N GLY B 13 -4.01 19.34 -31.71
CA GLY B 13 -2.57 19.24 -31.81
C GLY B 13 -2.13 18.26 -32.87
N ILE B 14 -2.99 18.01 -33.85
CA ILE B 14 -2.61 17.07 -34.89
C ILE B 14 -1.46 17.63 -35.71
N VAL B 15 -1.24 18.94 -35.68
CA VAL B 15 -0.07 19.48 -36.35
C VAL B 15 1.18 18.78 -35.85
N LEU B 16 1.21 18.37 -34.58
CA LEU B 16 2.38 17.69 -34.05
C LEU B 16 2.62 16.35 -34.74
N ALA B 17 1.54 15.59 -34.98
CA ALA B 17 1.69 14.32 -35.67
C ALA B 17 2.09 14.52 -37.12
N VAL B 18 1.57 15.58 -37.74
CA VAL B 18 1.94 15.85 -39.12
C VAL B 18 3.43 16.13 -39.22
N THR B 19 3.95 17.05 -38.39
CA THR B 19 5.36 17.39 -38.60
C THR B 19 6.26 16.24 -38.14
N LEU B 20 5.81 15.40 -37.21
CA LEU B 20 6.61 14.24 -36.83
C LEU B 20 6.66 13.20 -37.96
N VAL B 21 5.52 12.83 -38.52
CA VAL B 21 5.52 11.88 -39.62
C VAL B 21 6.30 12.43 -40.81
N SER B 22 6.13 13.71 -41.12
CA SER B 22 6.82 14.30 -42.27
C SER B 22 8.32 14.19 -42.10
N GLU B 23 8.81 14.51 -40.91
CA GLU B 23 10.25 14.44 -40.64
C GLU B 23 10.76 13.01 -40.63
N LEU B 24 10.02 12.08 -40.02
CA LEU B 24 10.45 10.69 -40.04
C LEU B 24 10.56 10.17 -41.47
N ALA B 25 9.61 10.54 -42.33
CA ALA B 25 9.68 10.14 -43.73
C ALA B 25 10.83 10.84 -44.45
N ARG B 26 11.03 12.13 -44.17
CA ARG B 26 12.14 12.85 -44.81
C ARG B 26 13.48 12.22 -44.46
N LEU B 27 13.58 11.66 -43.26
CA LEU B 27 14.78 10.95 -42.81
C LEU B 27 14.92 9.56 -43.44
N GLY B 28 13.92 9.11 -44.20
CA GLY B 28 14.00 7.84 -44.90
C GLY B 28 13.36 6.67 -44.20
N HIS B 29 12.61 6.89 -43.13
CA HIS B 29 12.01 5.79 -42.38
C HIS B 29 10.58 5.51 -42.85
N HIS B 30 10.01 4.44 -42.30
CA HIS B 30 8.67 4.01 -42.65
C HIS B 30 7.74 4.22 -41.47
N ILE B 31 6.53 4.69 -41.74
CA ILE B 31 5.61 5.05 -40.66
C ILE B 31 4.23 4.49 -40.96
N ASP B 32 3.74 3.66 -40.03
CA ASP B 32 2.33 3.28 -39.99
C ASP B 32 1.56 4.29 -39.13
N VAL B 33 0.51 4.86 -39.70
CA VAL B 33 -0.25 5.94 -39.10
C VAL B 33 -1.65 5.43 -38.80
N ILE B 34 -2.07 5.56 -37.55
CA ILE B 34 -3.39 5.11 -37.10
C ILE B 34 -4.16 6.31 -36.58
N ILE B 35 -5.28 6.64 -37.25
CA ILE B 35 -6.06 7.83 -36.96
C ILE B 35 -7.40 7.42 -36.35
N SER B 36 -7.76 8.04 -35.24
CA SER B 36 -9.04 7.80 -34.59
C SER B 36 -10.10 8.71 -35.17
N PRO B 37 -11.39 8.35 -35.02
CA PRO B 37 -12.47 9.24 -35.48
C PRO B 37 -12.34 10.64 -34.91
N SER B 38 -11.93 10.74 -33.65
CA SER B 38 -11.79 12.05 -33.03
C SER B 38 -10.73 12.88 -33.75
N ALA B 39 -9.62 12.25 -34.14
CA ALA B 39 -8.54 12.97 -34.82
C ALA B 39 -8.90 13.31 -36.26
N GLN B 40 -9.76 12.51 -36.88
CA GLN B 40 -10.20 12.81 -38.23
C GLN B 40 -10.89 14.18 -38.30
N LYS B 41 -11.74 14.48 -37.31
CA LYS B 41 -12.36 15.79 -37.23
C LYS B 41 -11.31 16.88 -37.01
N THR B 42 -10.31 16.61 -36.17
CA THR B 42 -9.33 17.62 -35.85
C THR B 42 -8.48 17.98 -37.05
N LEU B 43 -8.20 16.99 -37.90
CA LEU B 43 -7.49 17.25 -39.14
C LEU B 43 -8.11 18.42 -39.90
N TYR B 44 -9.44 18.47 -39.94
CA TYR B 44 -10.12 19.48 -40.73
C TYR B 44 -10.18 20.82 -39.98
N TYR B 45 -10.60 20.78 -38.72
CA TYR B 45 -10.66 22.01 -37.91
C TYR B 45 -9.31 22.70 -37.82
N GLU B 46 -8.22 21.94 -37.67
CA GLU B 46 -6.92 22.55 -37.38
C GLU B 46 -5.97 22.58 -38.56
N LEU B 47 -6.20 21.78 -39.61
CA LEU B 47 -5.28 21.77 -40.75
C LEU B 47 -5.97 21.97 -42.10
N ASP B 48 -7.28 22.27 -42.10
CA ASP B 48 -8.01 22.71 -43.28
C ASP B 48 -8.11 21.63 -44.35
N THR B 49 -7.96 20.36 -43.99
CA THR B 49 -7.99 19.31 -44.99
C THR B 49 -8.71 18.10 -44.42
N LYS B 50 -9.28 17.29 -45.30
CA LYS B 50 -9.97 16.09 -44.89
C LYS B 50 -9.17 14.82 -45.16
N SER B 51 -7.91 14.95 -45.59
CA SER B 51 -7.07 13.81 -45.85
C SER B 51 -5.70 14.01 -45.21
N PHE B 52 -5.28 13.02 -44.41
CA PHE B 52 -4.00 13.12 -43.72
C PHE B 52 -2.84 13.28 -44.70
N LEU B 53 -2.83 12.50 -45.78
CA LEU B 53 -1.68 12.51 -46.69
C LEU B 53 -1.47 13.86 -47.38
N SER B 54 -2.51 14.68 -47.51
CA SER B 54 -2.35 15.99 -48.14
C SER B 54 -1.45 16.93 -47.36
N THR B 55 -1.15 16.61 -46.10
CA THR B 55 -0.23 17.39 -45.29
C THR B 55 1.22 16.98 -45.45
N ILE B 56 1.46 15.91 -46.19
CA ILE B 56 2.78 15.28 -46.36
C ILE B 56 3.26 15.47 -47.79
N PRO B 57 4.54 15.77 -48.03
CA PRO B 57 5.05 15.83 -49.40
C PRO B 57 4.88 14.51 -50.14
N GLN B 58 4.51 14.63 -51.42
CA GLN B 58 4.13 13.46 -52.21
C GLN B 58 5.25 12.42 -52.29
N ASN B 59 6.50 12.86 -52.43
CA ASN B 59 7.64 11.96 -52.42
C ASN B 59 7.67 11.03 -51.21
N PHE B 60 6.95 11.36 -50.12
CA PHE B 60 6.97 10.57 -48.90
C PHE B 60 5.81 9.60 -48.77
N HIS B 61 4.77 9.71 -49.61
CA HIS B 61 3.55 8.91 -49.42
C HIS B 61 3.83 7.42 -49.46
N ASN B 62 4.72 7.00 -50.35
CA ASN B 62 5.19 5.61 -50.42
C ASN B 62 5.72 5.07 -49.10
N GLN B 63 6.06 5.93 -48.15
CA GLN B 63 6.62 5.50 -46.87
C GLN B 63 5.57 5.46 -45.76
N ILE B 64 4.31 5.73 -46.06
CA ILE B 64 3.28 5.91 -45.06
C ILE B 64 2.11 5.00 -45.35
N VAL B 65 1.69 4.23 -44.36
CA VAL B 65 0.51 3.38 -44.46
C VAL B 65 -0.47 3.81 -43.39
N LEU B 66 -1.71 4.01 -43.80
CA LEU B 66 -2.74 4.47 -42.88
C LEU B 66 -3.63 3.30 -42.49
N HIS B 67 -4.04 3.27 -41.22
CA HIS B 67 -4.85 2.19 -40.72
C HIS B 67 -6.11 2.73 -40.08
N HIS B 68 -7.22 2.06 -40.37
CA HIS B 68 -8.40 2.20 -39.54
C HIS B 68 -8.09 1.73 -38.12
N ILE B 69 -8.48 2.54 -37.14
CA ILE B 69 -8.28 2.14 -35.75
C ILE B 69 -9.09 0.91 -35.37
N SER B 70 -10.00 0.46 -36.24
CA SER B 70 -10.90 -0.65 -35.95
C SER B 70 -10.41 -1.99 -36.48
N SER B 71 -9.19 -2.09 -37.00
CA SER B 71 -8.70 -3.38 -37.48
C SER B 71 -8.72 -4.43 -36.38
N THR B 82 9.89 -5.61 -34.74
CA THR B 82 9.87 -5.09 -36.10
C THR B 82 9.48 -3.60 -36.14
N ILE B 83 8.84 -3.10 -35.09
CA ILE B 83 8.57 -1.67 -34.94
C ILE B 83 9.60 -1.12 -33.96
N ASP B 84 10.36 -0.11 -34.38
CA ASP B 84 11.38 0.47 -33.52
C ASP B 84 10.81 1.37 -32.44
N ALA B 85 9.67 2.00 -32.67
CA ALA B 85 9.11 2.88 -31.66
C ALA B 85 7.69 3.24 -32.04
N THR B 86 6.90 3.48 -31.01
CA THR B 86 5.48 3.79 -31.12
C THR B 86 5.23 5.12 -30.43
N ILE B 87 4.56 6.04 -31.14
CA ILE B 87 4.32 7.40 -30.65
C ILE B 87 2.84 7.70 -30.86
N ILE B 88 2.15 8.04 -29.78
CA ILE B 88 0.76 8.46 -29.86
C ILE B 88 0.72 9.96 -29.64
N VAL B 89 0.35 10.70 -30.68
CA VAL B 89 0.40 12.15 -30.63
C VAL B 89 -0.65 12.74 -31.58
N PRO B 90 -1.51 13.63 -31.06
CA PRO B 90 -1.77 13.77 -29.62
C PRO B 90 -2.36 12.49 -29.04
N CYS B 91 -2.46 12.40 -27.72
CA CYS B 91 -2.98 11.22 -27.04
C CYS B 91 -4.08 11.66 -26.08
N SER B 92 -5.32 11.24 -26.35
CA SER B 92 -6.45 11.62 -25.51
C SER B 92 -6.39 10.95 -24.14
N VAL B 93 -7.16 11.48 -23.17
CA VAL B 93 -7.17 10.83 -21.85
C VAL B 93 -7.76 9.44 -21.93
N ALA B 94 -8.72 9.22 -22.83
CA ALA B 94 -9.34 7.90 -22.95
C ALA B 94 -8.33 6.87 -23.44
N THR B 95 -7.51 7.26 -24.42
CA THR B 95 -6.46 6.36 -24.88
C THR B 95 -5.48 6.04 -23.76
N VAL B 96 -5.10 7.06 -22.98
CA VAL B 96 -4.20 6.82 -21.85
C VAL B 96 -4.84 5.84 -20.88
N ALA B 97 -6.11 6.08 -20.52
CA ALA B 97 -6.81 5.21 -19.58
C ALA B 97 -6.83 3.77 -20.09
N ALA B 98 -7.15 3.58 -21.37
CA ALA B 98 -7.22 2.25 -21.94
C ALA B 98 -5.88 1.54 -21.89
N ILE B 99 -4.80 2.23 -22.28
CA ILE B 99 -3.50 1.59 -22.29
C ILE B 99 -3.07 1.24 -20.86
N SER B 100 -3.36 2.12 -19.90
CA SER B 100 -2.98 1.88 -18.51
C SER B 100 -3.73 0.69 -17.92
N CYS B 101 -4.93 0.43 -18.42
CA CYS B 101 -5.69 -0.72 -17.93
C CYS B 101 -5.30 -2.03 -18.59
N GLY B 102 -4.64 -1.99 -19.75
CA GLY B 102 -4.45 -3.19 -20.53
C GLY B 102 -5.58 -3.47 -21.48
N LEU B 103 -6.42 -2.47 -21.74
CA LEU B 103 -7.66 -2.64 -22.49
C LEU B 103 -7.33 -2.50 -23.98
N ALA B 104 -6.80 -3.58 -24.56
CA ALA B 104 -6.25 -3.56 -25.91
C ALA B 104 -7.32 -3.99 -26.92
N ASP B 105 -8.32 -3.12 -27.11
CA ASP B 105 -9.52 -3.50 -27.85
C ASP B 105 -9.75 -2.65 -29.11
N ASN B 106 -8.78 -1.85 -29.54
CA ASN B 106 -8.72 -1.38 -30.92
C ASN B 106 -7.27 -1.48 -31.38
N LEU B 107 -7.00 -1.15 -32.63
CA LEU B 107 -5.66 -1.32 -33.17
C LEU B 107 -4.64 -0.42 -32.45
N LEU B 108 -4.99 0.82 -32.18
CA LEU B 108 -4.05 1.71 -31.51
C LEU B 108 -3.72 1.22 -30.10
N ARG B 109 -4.75 0.82 -29.34
CA ARG B 109 -4.48 0.28 -28.02
C ARG B 109 -3.67 -1.02 -28.10
N ARG B 110 -3.89 -1.83 -29.14
CA ARG B 110 -3.11 -3.06 -29.24
C ARG B 110 -1.63 -2.79 -29.57
N VAL B 111 -1.34 -1.89 -30.52
CA VAL B 111 0.07 -1.65 -30.82
C VAL B 111 0.78 -1.06 -29.61
N ALA B 112 0.10 -0.17 -28.85
CA ALA B 112 0.69 0.33 -27.60
C ALA B 112 0.96 -0.80 -26.63
N ASP B 113 0.01 -1.72 -26.48
CA ASP B 113 0.20 -2.84 -25.58
C ASP B 113 1.35 -3.70 -26.05
N VAL B 114 1.53 -3.83 -27.37
CA VAL B 114 2.64 -4.63 -27.88
C VAL B 114 3.98 -3.98 -27.53
N ALA B 115 4.05 -2.65 -27.64
CA ALA B 115 5.28 -1.94 -27.27
C ALA B 115 5.68 -2.23 -25.82
N LEU B 116 4.74 -2.06 -24.89
CA LEU B 116 4.99 -2.38 -23.49
C LEU B 116 5.31 -3.85 -23.29
N LYS B 117 4.63 -4.75 -24.02
CA LYS B 117 4.89 -6.18 -23.87
C LYS B 117 6.30 -6.51 -24.31
N GLU B 118 6.78 -5.86 -25.36
CA GLU B 118 8.10 -6.15 -25.90
C GLU B 118 9.18 -5.24 -25.35
N LYS B 119 8.84 -4.24 -24.53
CA LYS B 119 9.81 -3.32 -23.96
C LYS B 119 10.48 -2.46 -25.02
N ARG B 120 9.72 -2.09 -26.04
CA ARG B 120 10.17 -1.14 -27.04
C ARG B 120 9.57 0.22 -26.75
N PRO B 121 10.15 1.29 -27.29
CA PRO B 121 9.69 2.63 -26.93
C PRO B 121 8.20 2.85 -27.21
N LEU B 122 7.51 3.38 -26.20
CA LEU B 122 6.14 3.92 -26.33
C LEU B 122 6.15 5.34 -25.78
N ILE B 123 5.93 6.31 -26.66
CA ILE B 123 5.94 7.73 -26.27
C ILE B 123 4.51 8.25 -26.36
N LEU B 124 4.00 8.78 -25.25
CA LEU B 124 2.65 9.33 -25.20
C LEU B 124 2.71 10.84 -25.06
N VAL B 125 1.97 11.55 -25.91
CA VAL B 125 1.93 13.00 -25.88
C VAL B 125 0.53 13.43 -25.46
N PRO B 126 0.21 13.37 -24.18
CA PRO B 126 -1.15 13.73 -23.73
C PRO B 126 -1.32 15.22 -23.64
N ARG B 127 -2.54 15.70 -23.93
CA ARG B 127 -2.73 17.14 -24.03
C ARG B 127 -3.91 17.67 -23.20
N GLU B 128 -4.31 16.94 -22.17
CA GLU B 128 -5.42 17.36 -21.31
C GLU B 128 -4.95 18.33 -20.22
N ALA B 129 -5.72 19.39 -20.00
CA ALA B 129 -5.45 20.37 -18.95
C ALA B 129 -6.75 21.03 -18.48
N PRO B 130 -6.98 21.14 -17.15
CA PRO B 130 -6.17 20.56 -16.08
C PRO B 130 -6.17 19.05 -16.07
N LEU B 131 -5.22 18.47 -15.35
CA LEU B 131 -5.12 17.03 -15.18
C LEU B 131 -5.76 16.64 -13.86
N SER B 132 -6.86 15.88 -13.92
CA SER B 132 -7.45 15.37 -12.70
C SER B 132 -6.58 14.27 -12.10
N ALA B 133 -6.85 13.97 -10.84
CA ALA B 133 -6.19 12.87 -10.16
C ALA B 133 -6.35 11.56 -10.92
N ILE B 134 -7.53 11.32 -11.48
CA ILE B 134 -7.76 10.05 -12.17
C ILE B 134 -6.84 9.93 -13.37
N HIS B 135 -6.68 11.02 -14.11
CA HIS B 135 -5.81 10.94 -15.29
C HIS B 135 -4.33 10.91 -14.89
N LEU B 136 -3.96 11.62 -13.83
CA LEU B 136 -2.59 11.56 -13.35
C LEU B 136 -2.22 10.15 -12.90
N GLU B 137 -3.14 9.48 -12.20
CA GLU B 137 -2.88 8.10 -11.78
C GLU B 137 -2.59 7.20 -12.98
N ASN B 138 -3.37 7.32 -14.06
CA ASN B 138 -3.09 6.53 -15.26
C ASN B 138 -1.74 6.87 -15.86
N LEU B 139 -1.42 8.16 -15.96
CA LEU B 139 -0.12 8.56 -16.48
C LEU B 139 1.00 7.99 -15.63
N LEU B 140 0.86 8.07 -14.30
CA LEU B 140 1.87 7.53 -13.41
C LEU B 140 2.09 6.05 -13.69
N LYS B 141 0.98 5.29 -13.77
CA LYS B 141 1.08 3.85 -13.95
C LYS B 141 1.79 3.53 -15.26
N LEU B 142 1.52 4.32 -16.30
CA LEU B 142 2.19 4.11 -17.59
C LEU B 142 3.69 4.46 -17.52
N ALA B 143 4.03 5.58 -16.88
CA ALA B 143 5.44 5.91 -16.67
C ALA B 143 6.16 4.83 -15.88
N GLN B 144 5.49 4.24 -14.88
CA GLN B 144 6.11 3.16 -14.11
C GLN B 144 6.29 1.90 -14.93
N ASN B 145 5.58 1.76 -16.05
CA ASN B 145 5.68 0.54 -16.82
C ASN B 145 6.47 0.75 -18.11
N GLY B 146 7.15 1.88 -18.24
CA GLY B 146 8.14 2.09 -19.28
C GLY B 146 7.80 3.17 -20.27
N ALA B 147 6.51 3.52 -20.41
CA ALA B 147 6.11 4.53 -21.38
C ALA B 147 6.74 5.87 -21.04
N VAL B 148 7.07 6.63 -22.08
CA VAL B 148 7.58 7.99 -21.91
C VAL B 148 6.38 8.95 -21.96
N ILE B 149 6.20 9.72 -20.90
CA ILE B 149 5.08 10.65 -20.80
C ILE B 149 5.62 12.02 -21.20
N LEU B 150 5.35 12.43 -22.43
CA LEU B 150 5.93 13.64 -23.03
C LEU B 150 4.81 14.60 -23.40
N PRO B 151 4.29 15.35 -22.43
CA PRO B 151 3.25 16.32 -22.75
C PRO B 151 3.83 17.41 -23.63
N PRO B 152 3.03 18.01 -24.48
CA PRO B 152 3.57 18.96 -25.47
C PRO B 152 3.80 20.34 -24.85
N MET B 153 4.89 20.41 -24.07
CA MET B 153 5.24 21.60 -23.31
C MET B 153 6.10 22.53 -24.16
N PRO B 154 5.66 23.76 -24.42
CA PRO B 154 6.49 24.68 -25.21
C PRO B 154 7.85 24.92 -24.56
N ILE B 155 8.86 25.07 -25.40
CA ILE B 155 10.24 25.26 -24.95
C ILE B 155 10.61 26.72 -25.10
N TRP B 156 10.22 27.53 -24.12
CA TRP B 156 10.38 28.96 -24.26
C TRP B 156 11.83 29.42 -24.23
N TYR B 157 12.76 28.59 -23.71
CA TYR B 157 14.14 29.06 -23.68
C TYR B 157 14.84 28.92 -25.03
N PHE B 158 14.17 28.34 -26.02
CA PHE B 158 14.58 28.47 -27.42
C PHE B 158 14.00 29.71 -28.09
N LYS B 159 13.27 30.53 -27.34
CA LYS B 159 12.76 31.82 -27.81
C LYS B 159 11.97 31.71 -29.11
N PRO B 160 10.88 30.95 -29.13
CA PRO B 160 10.07 30.83 -30.35
C PRO B 160 9.40 32.16 -30.70
N GLN B 161 9.20 32.38 -32.00
CA GLN B 161 8.46 33.55 -32.43
C GLN B 161 7.10 33.23 -33.03
N THR B 162 6.95 32.09 -33.68
CA THR B 162 5.69 31.67 -34.27
C THR B 162 5.17 30.43 -33.55
N ALA B 163 3.88 30.13 -33.80
CA ALA B 163 3.32 28.87 -33.32
C ALA B 163 4.01 27.68 -33.97
N GLU B 164 4.41 27.83 -35.24
CA GLU B 164 5.14 26.75 -35.90
C GLU B 164 6.46 26.46 -35.20
N ASP B 165 7.17 27.51 -34.75
CA ASP B 165 8.38 27.30 -33.95
C ASP B 165 8.08 26.44 -32.75
N ILE B 166 6.98 26.74 -32.05
CA ILE B 166 6.70 25.98 -30.85
C ILE B 166 6.39 24.53 -31.20
N ALA B 167 5.68 24.30 -32.30
CA ALA B 167 5.36 22.92 -32.70
C ALA B 167 6.63 22.17 -33.13
N ASN B 168 7.46 22.80 -33.97
CA ASN B 168 8.69 22.14 -34.40
C ASN B 168 9.55 21.72 -33.23
N ASP B 169 9.69 22.60 -32.23
CA ASP B 169 10.57 22.29 -31.11
C ASP B 169 10.03 21.14 -30.29
N ILE B 170 8.72 21.07 -30.10
CA ILE B 170 8.15 19.93 -29.40
C ILE B 170 8.40 18.65 -30.19
N VAL B 171 8.25 18.71 -31.51
CA VAL B 171 8.54 17.51 -32.31
C VAL B 171 10.01 17.16 -32.22
N GLY B 172 10.88 18.17 -32.23
CA GLY B 172 12.30 17.92 -32.02
C GLY B 172 12.57 17.18 -30.72
N LYS B 173 11.81 17.48 -29.66
CA LYS B 173 11.98 16.74 -28.42
C LYS B 173 11.57 15.29 -28.59
N ILE B 174 10.51 15.03 -29.36
CA ILE B 174 10.13 13.65 -29.68
C ILE B 174 11.27 12.96 -30.43
N LEU B 175 11.81 13.63 -31.44
CA LEU B 175 12.87 13.01 -32.25
C LEU B 175 14.13 12.74 -31.44
N ALA B 176 14.47 13.62 -30.50
CA ALA B 176 15.62 13.34 -29.64
C ALA B 176 15.34 12.17 -28.70
N ILE B 177 14.10 12.04 -28.23
CA ILE B 177 13.77 10.87 -27.44
C ILE B 177 13.87 9.61 -28.30
N LEU B 178 13.46 9.70 -29.57
CA LEU B 178 13.68 8.59 -30.50
C LEU B 178 15.14 8.38 -30.86
N GLN B 179 16.02 9.25 -30.36
CA GLN B 179 17.45 9.21 -30.68
C GLN B 179 17.69 9.31 -32.18
N LEU B 180 16.93 10.15 -32.84
CA LEU B 180 17.17 10.47 -34.24
C LEU B 180 17.89 11.80 -34.32
N ASP B 181 18.63 11.98 -35.41
CA ASP B 181 19.22 13.27 -35.72
C ASP B 181 18.28 14.04 -36.64
N SER B 182 18.05 15.31 -36.33
CA SER B 182 17.13 16.08 -37.14
C SER B 182 17.41 17.56 -36.94
N PRO B 183 17.29 18.38 -37.99
CA PRO B 183 17.45 19.83 -37.78
C PRO B 183 16.38 20.42 -36.89
N LEU B 184 15.29 19.70 -36.65
CA LEU B 184 14.28 20.15 -35.71
C LEU B 184 14.79 20.14 -34.26
N ILE B 185 15.78 19.32 -33.93
CA ILE B 185 16.28 19.23 -32.57
C ILE B 185 17.16 20.43 -32.26
N LYS B 186 16.79 21.19 -31.23
CA LYS B 186 17.65 22.24 -30.73
C LYS B 186 18.23 21.83 -29.38
N ARG B 187 19.45 22.27 -29.12
CA ARG B 187 20.18 21.99 -27.88
C ARG B 187 20.42 23.29 -27.11
N TRP B 188 20.35 23.20 -25.79
CA TRP B 188 20.38 24.37 -24.91
C TRP B 188 21.75 25.05 -24.88
N MET C 1 25.29 13.55 34.32
CA MET C 1 25.32 14.72 33.44
C MET C 1 25.02 14.30 32.00
N LYS C 2 23.76 14.44 31.62
CA LYS C 2 23.33 14.07 30.28
C LYS C 2 23.62 15.20 29.30
N ARG C 3 23.60 14.85 28.00
CA ARG C 3 23.84 15.79 26.91
C ARG C 3 22.64 15.79 25.99
N TYR C 4 22.09 16.98 25.75
CA TYR C 4 20.93 17.13 24.89
C TYR C 4 21.22 18.04 23.71
N VAL C 5 20.52 17.78 22.61
CA VAL C 5 20.53 18.67 21.46
C VAL C 5 19.13 19.26 21.33
N VAL C 6 19.04 20.59 21.36
CA VAL C 6 17.78 21.28 21.20
C VAL C 6 17.86 22.06 19.91
N GLY C 7 17.00 21.71 18.95
CA GLY C 7 16.93 22.41 17.68
C GLY C 7 15.68 23.28 17.70
N ILE C 8 15.86 24.56 17.36
CA ILE C 8 14.80 25.53 17.48
C ILE C 8 14.43 25.96 16.08
N SER C 9 13.24 25.59 15.65
CA SER C 9 12.77 25.87 14.31
C SER C 9 11.75 27.01 14.37
N GLY C 10 11.49 27.62 13.23
CA GLY C 10 10.76 28.87 13.20
C GLY C 10 9.26 28.80 13.39
N ALA C 11 8.78 28.00 14.32
CA ALA C 11 7.34 28.03 14.56
C ALA C 11 7.06 28.80 15.85
N SER C 12 5.82 29.26 15.97
CA SER C 12 5.42 30.03 17.14
C SER C 12 5.66 29.23 18.40
N GLY C 13 6.11 29.90 19.46
CA GLY C 13 6.24 29.25 20.74
C GLY C 13 7.67 29.03 21.17
N ILE C 14 8.53 30.00 20.83
CA ILE C 14 9.93 29.84 21.20
C ILE C 14 10.13 29.90 22.71
N VAL C 15 9.17 30.46 23.46
CA VAL C 15 9.21 30.37 24.92
C VAL C 15 9.34 28.93 25.40
N LEU C 16 8.77 27.97 24.66
CA LEU C 16 8.93 26.57 25.03
C LEU C 16 10.39 26.14 25.02
N ALA C 17 11.14 26.58 24.01
CA ALA C 17 12.55 26.25 23.92
C ALA C 17 13.34 26.95 25.01
N VAL C 18 13.00 28.20 25.30
CA VAL C 18 13.68 28.93 26.35
C VAL C 18 13.52 28.19 27.67
N THR C 19 12.27 27.84 27.98
CA THR C 19 11.97 27.16 29.23
C THR C 19 12.64 25.79 29.29
N LEU C 20 12.60 25.03 28.19
CA LEU C 20 13.22 23.70 28.21
C LEU C 20 14.72 23.79 28.44
N VAL C 21 15.40 24.69 27.72
CA VAL C 21 16.85 24.79 27.84
C VAL C 21 17.24 25.26 29.24
N SER C 22 16.53 26.28 29.76
CA SER C 22 16.78 26.73 31.13
C SER C 22 16.69 25.58 32.13
N GLU C 23 15.61 24.81 32.04
CA GLU C 23 15.39 23.75 33.03
C GLU C 23 16.38 22.60 32.84
N LEU C 24 16.72 22.27 31.60
CA LEU C 24 17.74 21.25 31.37
C LEU C 24 19.06 21.67 32.01
N ALA C 25 19.42 22.94 31.86
CA ALA C 25 20.64 23.44 32.47
C ALA C 25 20.50 23.56 33.98
N ARG C 26 19.34 24.03 34.47
CA ARG C 26 19.18 24.13 35.92
C ARG C 26 19.31 22.77 36.58
N LEU C 27 18.95 21.71 35.86
CA LEU C 27 19.15 20.35 36.35
C LEU C 27 20.57 19.82 36.12
N GLY C 28 21.47 20.64 35.56
CA GLY C 28 22.87 20.29 35.49
C GLY C 28 23.36 19.65 34.21
N HIS C 29 22.54 19.62 33.16
CA HIS C 29 22.92 18.94 31.94
C HIS C 29 23.54 19.90 30.93
N HIS C 30 23.98 19.35 29.80
CA HIS C 30 24.60 20.10 28.72
C HIS C 30 23.67 20.14 27.52
N ILE C 31 23.56 21.31 26.88
CA ILE C 31 22.66 21.48 25.74
C ILE C 31 23.43 22.12 24.58
N ASP C 32 23.46 21.44 23.45
CA ASP C 32 23.84 22.05 22.18
C ASP C 32 22.58 22.61 21.53
N VAL C 33 22.59 23.89 21.18
CA VAL C 33 21.39 24.56 20.69
C VAL C 33 21.64 25.02 19.26
N ILE C 34 20.70 24.73 18.37
CA ILE C 34 20.79 25.10 16.96
C ILE C 34 19.56 25.93 16.64
N ILE C 35 19.78 27.19 16.27
CA ILE C 35 18.71 28.13 15.99
C ILE C 35 18.69 28.42 14.49
N SER C 36 17.56 28.19 13.87
CA SER C 36 17.41 28.49 12.46
C SER C 36 17.17 29.98 12.26
N PRO C 37 17.43 30.49 11.05
CA PRO C 37 17.11 31.92 10.78
C PRO C 37 15.66 32.29 11.01
N SER C 38 14.73 31.37 10.74
CA SER C 38 13.33 31.65 11.03
C SER C 38 13.05 31.70 12.53
N ALA C 39 13.60 30.77 13.31
CA ALA C 39 13.48 30.88 14.76
C ALA C 39 14.10 32.18 15.29
N GLN C 40 15.18 32.65 14.64
CA GLN C 40 15.77 33.92 15.03
C GLN C 40 14.75 35.05 14.92
N LYS C 41 13.99 35.08 13.82
CA LYS C 41 12.90 36.04 13.69
C LYS C 41 11.83 35.83 14.75
N THR C 42 11.37 34.59 14.91
CA THR C 42 10.36 34.27 15.90
C THR C 42 10.79 34.72 17.30
N LEU C 43 12.07 34.55 17.60
CA LEU C 43 12.64 35.04 18.85
C LEU C 43 12.37 36.54 19.05
N TYR C 44 12.55 37.33 17.99
CA TYR C 44 12.34 38.76 18.10
C TYR C 44 10.85 39.08 18.23
N TYR C 45 10.03 38.51 17.36
CA TYR C 45 8.60 38.86 17.37
C TYR C 45 7.94 38.43 18.67
N GLU C 46 8.30 37.26 19.20
CA GLU C 46 7.60 36.69 20.35
C GLU C 46 8.23 37.02 21.69
N LEU C 47 9.55 37.23 21.74
CA LEU C 47 10.26 37.51 22.99
C LEU C 47 11.07 38.81 22.96
N ASP C 48 10.98 39.61 21.90
CA ASP C 48 11.52 40.97 21.86
C ASP C 48 13.05 41.05 22.00
N THR C 49 13.78 39.97 21.71
CA THR C 49 15.24 40.00 21.74
C THR C 49 15.80 39.33 20.49
N LYS C 50 17.07 39.62 20.23
CA LYS C 50 17.82 38.95 19.18
C LYS C 50 18.86 38.01 19.72
N SER C 51 18.96 37.86 21.04
CA SER C 51 19.93 36.99 21.68
C SER C 51 19.18 35.89 22.44
N PHE C 52 19.31 34.65 21.98
CA PHE C 52 18.70 33.55 22.70
C PHE C 52 19.28 33.45 24.11
N LEU C 53 20.59 33.68 24.22
CA LEU C 53 21.27 33.53 25.50
C LEU C 53 20.83 34.57 26.53
N SER C 54 20.41 35.75 26.09
CA SER C 54 19.92 36.74 27.05
C SER C 54 18.65 36.27 27.75
N THR C 55 17.92 35.31 27.18
CA THR C 55 16.73 34.76 27.84
C THR C 55 17.06 33.70 28.87
N ILE C 56 18.35 33.37 29.05
CA ILE C 56 18.79 32.29 29.92
C ILE C 56 19.68 32.91 30.98
N PRO C 57 19.50 32.58 32.27
CA PRO C 57 20.41 33.12 33.29
C PRO C 57 21.86 32.76 32.99
N GLN C 58 22.75 33.69 33.32
CA GLN C 58 24.11 33.70 32.81
C GLN C 58 24.96 32.55 33.36
N ASN C 59 24.70 32.12 34.59
CA ASN C 59 25.47 31.02 35.15
C ASN C 59 25.27 29.71 34.41
N PHE C 60 24.26 29.60 33.53
CA PHE C 60 24.07 28.38 32.77
C PHE C 60 24.68 28.44 31.37
N HIS C 61 25.35 29.54 31.01
CA HIS C 61 25.86 29.67 29.64
C HIS C 61 27.01 28.72 29.37
N ASN C 62 27.83 28.42 30.37
CA ASN C 62 28.89 27.42 30.19
C ASN C 62 28.35 26.02 29.92
N GLN C 63 27.04 25.80 30.01
CA GLN C 63 26.40 24.53 29.71
C GLN C 63 25.71 24.50 28.36
N ILE C 64 25.73 25.61 27.64
CA ILE C 64 25.01 25.76 26.38
C ILE C 64 26.02 26.10 25.30
N VAL C 65 25.99 25.37 24.20
CA VAL C 65 26.81 25.71 23.03
C VAL C 65 25.85 25.99 21.89
N LEU C 66 25.97 27.17 21.30
CA LEU C 66 25.20 27.52 20.10
C LEU C 66 25.97 27.03 18.89
N HIS C 67 25.27 26.38 17.97
CA HIS C 67 25.87 26.02 16.70
C HIS C 67 25.10 26.70 15.58
N HIS C 68 25.85 27.15 14.56
CA HIS C 68 25.27 27.74 13.38
C HIS C 68 24.56 26.68 12.53
N ILE C 69 23.43 27.08 11.94
CA ILE C 69 22.56 26.16 11.21
C ILE C 69 23.25 25.51 10.00
N SER C 70 24.35 26.09 9.51
CA SER C 70 25.06 25.57 8.34
C SER C 70 26.22 24.63 8.69
N SER C 71 26.52 24.43 9.97
CA SER C 71 27.69 23.63 10.38
C SER C 71 27.37 22.13 10.39
N ILE C 72 27.04 21.59 9.22
CA ILE C 72 26.87 20.15 9.10
C ILE C 72 28.15 19.39 9.43
N GLU C 73 29.28 20.11 9.55
CA GLU C 73 30.54 19.50 9.98
C GLU C 73 30.65 19.37 11.50
N SER C 74 29.73 19.95 12.27
CA SER C 74 29.89 20.01 13.72
C SER C 74 29.85 18.61 14.34
N SER C 75 30.39 18.51 15.56
CA SER C 75 30.50 17.24 16.25
C SER C 75 29.18 16.75 16.84
N VAL C 76 28.16 17.59 16.93
CA VAL C 76 26.82 17.06 17.16
C VAL C 76 26.28 16.37 15.91
N SER C 77 26.81 16.70 14.72
CA SER C 77 26.30 16.15 13.47
C SER C 77 26.79 14.73 13.20
N SER C 78 27.56 14.14 14.11
CA SER C 78 27.99 12.76 13.98
C SER C 78 27.31 11.86 15.03
N THR C 82 28.41 11.16 23.18
CA THR C 82 27.14 10.70 22.63
C THR C 82 25.98 11.45 23.28
N ILE C 83 24.84 11.48 22.59
CA ILE C 83 23.74 12.37 22.91
C ILE C 83 22.60 11.57 23.53
N ASP C 84 22.06 12.07 24.64
CA ASP C 84 20.98 11.38 25.32
C ASP C 84 19.62 11.62 24.65
N ALA C 85 19.39 12.77 24.05
CA ALA C 85 18.13 12.98 23.35
C ALA C 85 18.20 14.25 22.53
N THR C 86 17.39 14.29 21.47
CA THR C 86 17.32 15.42 20.57
C THR C 86 15.87 15.89 20.52
N ILE C 87 15.67 17.20 20.68
CA ILE C 87 14.35 17.81 20.76
C ILE C 87 14.28 18.98 19.79
N ILE C 88 13.31 18.97 18.88
CA ILE C 88 13.10 20.10 17.99
C ILE C 88 11.85 20.82 18.47
N VAL C 89 12.05 22.01 19.04
CA VAL C 89 11.00 22.78 19.70
C VAL C 89 11.29 24.27 19.59
N PRO C 90 10.34 25.05 19.07
CA PRO C 90 9.17 24.55 18.33
C PRO C 90 9.62 23.92 17.02
N CYS C 91 8.73 23.19 16.36
CA CYS C 91 9.07 22.54 15.11
C CYS C 91 8.08 22.97 14.04
N SER C 92 8.57 23.63 13.00
CA SER C 92 7.67 24.03 11.93
C SER C 92 7.32 22.82 11.07
N VAL C 93 6.22 22.93 10.32
CA VAL C 93 5.85 21.81 9.46
C VAL C 93 6.86 21.63 8.33
N ALA C 94 7.57 22.70 7.95
CA ALA C 94 8.60 22.57 6.93
C ALA C 94 9.76 21.72 7.45
N THR C 95 10.15 21.90 8.72
CA THR C 95 11.17 21.05 9.30
C THR C 95 10.67 19.61 9.48
N VAL C 96 9.41 19.44 9.90
CA VAL C 96 8.80 18.10 9.93
C VAL C 96 8.94 17.43 8.56
N ALA C 97 8.56 18.15 7.50
CA ALA C 97 8.63 17.60 6.15
C ALA C 97 10.06 17.17 5.81
N ALA C 98 11.05 18.02 6.11
CA ALA C 98 12.43 17.72 5.79
C ALA C 98 12.91 16.45 6.51
N ILE C 99 12.65 16.36 7.81
CA ILE C 99 13.11 15.20 8.59
C ILE C 99 12.43 13.93 8.09
N SER C 100 11.13 14.01 7.79
CA SER C 100 10.41 12.84 7.31
C SER C 100 10.93 12.38 5.96
N CYS C 101 11.46 13.31 5.14
CA CYS C 101 12.04 12.93 3.85
C CYS C 101 13.45 12.36 3.97
N GLY C 102 14.15 12.64 5.07
CA GLY C 102 15.55 12.36 5.13
C GLY C 102 16.45 13.49 4.61
N LEU C 103 15.90 14.68 4.42
CA LEU C 103 16.59 15.79 3.74
C LEU C 103 17.51 16.54 4.73
N ALA C 104 18.62 15.90 5.05
CA ALA C 104 19.46 16.34 6.18
C ALA C 104 20.50 17.39 5.73
N ASP C 105 20.02 18.47 5.12
CA ASP C 105 20.93 19.39 4.44
C ASP C 105 21.15 20.69 5.22
N ASN C 106 20.80 20.73 6.50
CA ASN C 106 21.39 21.71 7.41
C ASN C 106 21.60 21.00 8.74
N LEU C 107 22.18 21.70 9.71
CA LEU C 107 22.58 21.05 10.96
C LEU C 107 21.38 20.65 11.80
N LEU C 108 20.36 21.52 11.88
CA LEU C 108 19.14 21.16 12.60
C LEU C 108 18.52 19.88 12.03
N ARG C 109 18.39 19.81 10.70
CA ARG C 109 17.82 18.62 10.08
C ARG C 109 18.74 17.42 10.23
N ARG C 110 20.06 17.67 10.23
CA ARG C 110 21.02 16.58 10.37
C ARG C 110 20.93 15.92 11.74
N VAL C 111 20.87 16.71 12.81
CA VAL C 111 20.86 16.13 14.15
C VAL C 111 19.61 15.29 14.36
N ALA C 112 18.49 15.67 13.72
CA ALA C 112 17.30 14.83 13.80
C ALA C 112 17.50 13.51 13.06
N ASP C 113 18.09 13.58 11.86
CA ASP C 113 18.35 12.36 11.10
C ASP C 113 19.30 11.43 11.85
N VAL C 114 20.29 12.00 12.53
CA VAL C 114 21.25 11.20 13.28
C VAL C 114 20.58 10.48 14.44
N ALA C 115 19.67 11.18 15.13
CA ALA C 115 18.94 10.54 16.20
C ALA C 115 18.13 9.35 15.67
N LEU C 116 17.45 9.52 14.55
CA LEU C 116 16.73 8.41 13.94
C LEU C 116 17.67 7.29 13.53
N LYS C 117 18.79 7.65 12.89
CA LYS C 117 19.73 6.64 12.40
C LYS C 117 20.33 5.83 13.55
N GLU C 118 20.58 6.46 14.69
CA GLU C 118 21.16 5.75 15.82
C GLU C 118 20.12 5.28 16.80
N LYS C 119 18.83 5.48 16.50
CA LYS C 119 17.75 5.11 17.41
C LYS C 119 18.00 5.67 18.81
N ARG C 120 18.31 6.97 18.87
CA ARG C 120 18.32 7.76 20.08
C ARG C 120 17.05 8.57 20.12
N PRO C 121 16.59 8.99 21.29
CA PRO C 121 15.31 9.71 21.36
C PRO C 121 15.29 10.94 20.46
N LEU C 122 14.20 11.10 19.71
CA LEU C 122 13.93 12.30 18.92
C LEU C 122 12.54 12.76 19.27
N ILE C 123 12.44 13.90 19.96
CA ILE C 123 11.16 14.48 20.33
C ILE C 123 10.89 15.67 19.42
N LEU C 124 9.72 15.69 18.80
CA LEU C 124 9.37 16.75 17.87
C LEU C 124 8.16 17.49 18.43
N VAL C 125 8.24 18.81 18.48
CA VAL C 125 7.16 19.60 19.06
C VAL C 125 6.55 20.45 17.96
N PRO C 126 5.74 19.85 17.09
CA PRO C 126 5.20 20.61 15.95
C PRO C 126 4.05 21.50 16.37
N ARG C 127 3.98 22.65 15.75
CA ARG C 127 2.91 23.61 16.04
C ARG C 127 2.43 24.17 14.71
N GLU C 128 1.25 23.73 14.30
CA GLU C 128 0.61 24.22 13.09
C GLU C 128 -0.86 23.87 13.22
N ALA C 129 -1.72 24.81 12.85
CA ALA C 129 -3.15 24.55 12.98
C ALA C 129 -3.93 25.48 12.06
N PRO C 130 -4.83 24.91 11.25
CA PRO C 130 -5.13 23.48 11.11
C PRO C 130 -4.01 22.68 10.46
N LEU C 131 -4.07 21.36 10.60
CA LEU C 131 -3.07 20.43 10.06
C LEU C 131 -3.63 19.74 8.83
N SER C 132 -3.01 19.98 7.69
CA SER C 132 -3.45 19.38 6.44
C SER C 132 -3.07 17.91 6.37
N ALA C 133 -3.64 17.23 5.36
CA ALA C 133 -3.32 15.82 5.12
C ALA C 133 -1.83 15.63 4.77
N ILE C 134 -1.25 16.57 4.03
CA ILE C 134 0.19 16.47 3.71
C ILE C 134 1.03 16.46 4.99
N HIS C 135 0.76 17.39 5.90
CA HIS C 135 1.54 17.43 7.14
C HIS C 135 1.23 16.24 8.06
N LEU C 136 -0.02 15.79 8.10
CA LEU C 136 -0.33 14.63 8.94
C LEU C 136 0.42 13.38 8.47
N GLU C 137 0.54 13.20 7.15
CA GLU C 137 1.26 12.06 6.61
C GLU C 137 2.75 12.11 6.98
N ASN C 138 3.38 13.29 6.95
CA ASN C 138 4.78 13.37 7.39
C ASN C 138 4.91 13.07 8.88
N LEU C 139 3.99 13.60 9.67
CA LEU C 139 3.99 13.33 11.10
C LEU C 139 3.82 11.83 11.37
N LEU C 140 2.83 11.21 10.72
CA LEU C 140 2.63 9.76 10.81
C LEU C 140 3.92 9.01 10.48
N LYS C 141 4.54 9.35 9.34
CA LYS C 141 5.74 8.63 8.90
C LYS C 141 6.85 8.76 9.95
N LEU C 142 6.96 9.95 10.57
CA LEU C 142 7.95 10.13 11.62
C LEU C 142 7.63 9.29 12.84
N ALA C 143 6.35 9.25 13.24
CA ALA C 143 5.96 8.44 14.38
C ALA C 143 6.23 6.96 14.11
N GLN C 144 6.00 6.51 12.87
CA GLN C 144 6.28 5.10 12.55
C GLN C 144 7.77 4.80 12.53
N ASN C 145 8.62 5.82 12.41
CA ASN C 145 10.05 5.65 12.49
C ASN C 145 10.62 6.00 13.88
N GLY C 146 9.76 6.09 14.90
CA GLY C 146 10.22 6.21 16.27
C GLY C 146 10.36 7.62 16.80
N ALA C 147 10.18 8.65 15.97
CA ALA C 147 10.04 9.99 16.50
C ALA C 147 8.88 10.06 17.50
N VAL C 148 9.09 10.78 18.60
CA VAL C 148 7.99 11.12 19.51
C VAL C 148 7.35 12.41 19.00
N ILE C 149 6.07 12.34 18.70
CA ILE C 149 5.35 13.50 18.18
C ILE C 149 4.58 14.13 19.33
N LEU C 150 5.00 15.32 19.74
CA LEU C 150 4.51 15.94 20.97
C LEU C 150 4.11 17.38 20.66
N PRO C 151 2.92 17.58 20.09
CA PRO C 151 2.44 18.93 19.85
C PRO C 151 2.20 19.66 21.16
N PRO C 152 2.40 20.98 21.19
CA PRO C 152 2.21 21.74 22.43
C PRO C 152 0.74 21.89 22.80
N MET C 153 0.21 20.85 23.46
CA MET C 153 -1.20 20.77 23.82
C MET C 153 -1.36 21.22 25.26
N PRO C 154 -2.12 22.28 25.54
CA PRO C 154 -2.28 22.72 26.94
C PRO C 154 -2.98 21.65 27.80
N ILE C 155 -2.61 21.61 29.08
CA ILE C 155 -3.14 20.65 30.02
C ILE C 155 -4.06 21.37 31.00
N TRP C 156 -5.35 21.42 30.69
CA TRP C 156 -6.24 22.28 31.45
C TRP C 156 -6.67 21.69 32.79
N TYR C 157 -6.43 20.39 33.05
CA TYR C 157 -6.80 19.87 34.38
C TYR C 157 -5.79 20.24 35.46
N PHE C 158 -4.64 20.85 35.13
CA PHE C 158 -3.83 21.52 36.13
C PHE C 158 -4.32 22.92 36.42
N LYS C 159 -5.46 23.29 35.84
CA LYS C 159 -6.10 24.59 36.02
C LYS C 159 -5.08 25.74 35.94
N PRO C 160 -4.44 25.93 34.79
CA PRO C 160 -3.50 27.04 34.65
C PRO C 160 -4.20 28.37 34.86
N GLN C 161 -3.47 29.33 35.43
CA GLN C 161 -3.99 30.68 35.53
C GLN C 161 -3.36 31.64 34.51
N THR C 162 -2.06 31.48 34.23
CA THR C 162 -1.33 32.38 33.33
C THR C 162 -0.84 31.63 32.10
N ALA C 163 -0.47 32.39 31.07
CA ALA C 163 0.18 31.81 29.89
C ALA C 163 1.44 31.05 30.28
N GLU C 164 2.24 31.62 31.19
CA GLU C 164 3.45 30.96 31.66
C GLU C 164 3.15 29.58 32.26
N ASP C 165 2.08 29.46 33.06
CA ASP C 165 1.65 28.17 33.54
C ASP C 165 1.44 27.18 32.40
N ILE C 166 0.80 27.62 31.32
CA ILE C 166 0.51 26.71 30.22
C ILE C 166 1.80 26.28 29.53
N ALA C 167 2.75 27.22 29.37
CA ALA C 167 4.04 26.87 28.77
C ALA C 167 4.82 25.91 29.67
N ASN C 168 4.85 26.20 30.97
CA ASN C 168 5.55 25.35 31.94
C ASN C 168 5.04 23.91 31.89
N ASP C 169 3.72 23.73 31.88
CA ASP C 169 3.19 22.37 31.91
C ASP C 169 3.50 21.63 30.60
N ILE C 170 3.49 22.34 29.46
CA ILE C 170 3.87 21.72 28.18
C ILE C 170 5.34 21.28 28.21
N VAL C 171 6.22 22.13 28.76
CA VAL C 171 7.63 21.73 28.87
C VAL C 171 7.78 20.58 29.86
N GLY C 172 6.99 20.58 30.93
CA GLY C 172 6.99 19.45 31.83
C GLY C 172 6.73 18.13 31.12
N LYS C 173 5.83 18.13 30.15
CA LYS C 173 5.57 16.90 29.42
C LYS C 173 6.77 16.48 28.60
N ILE C 174 7.49 17.43 28.00
CA ILE C 174 8.74 17.11 27.31
C ILE C 174 9.72 16.46 28.27
N LEU C 175 9.81 17.01 29.49
CA LEU C 175 10.79 16.51 30.45
C LEU C 175 10.39 15.12 30.92
N ALA C 176 9.10 14.86 31.07
CA ALA C 176 8.66 13.51 31.43
C ALA C 176 9.00 12.50 30.33
N ILE C 177 8.77 12.86 29.05
CA ILE C 177 9.21 12.00 27.95
C ILE C 177 10.71 11.74 28.00
N LEU C 178 11.49 12.76 28.42
CA LEU C 178 12.94 12.63 28.62
C LEU C 178 13.31 11.84 29.87
N GLN C 179 12.32 11.49 30.70
CA GLN C 179 12.53 10.70 31.91
C GLN C 179 13.44 11.42 32.91
N LEU C 180 13.31 12.73 32.97
CA LEU C 180 13.95 13.55 34.00
C LEU C 180 12.94 13.93 35.08
N ASP C 181 13.41 14.06 36.30
CA ASP C 181 12.53 14.61 37.33
C ASP C 181 12.77 16.09 37.43
N SER C 182 11.73 16.86 37.14
CA SER C 182 11.72 18.28 37.21
C SER C 182 10.43 18.71 37.91
N PRO C 183 10.47 19.78 38.69
CA PRO C 183 9.23 20.30 39.26
C PRO C 183 8.28 20.86 38.22
N LEU C 184 8.72 21.03 36.98
CA LEU C 184 7.78 21.42 35.93
C LEU C 184 6.77 20.32 35.62
N ILE C 185 7.06 19.08 35.97
CA ILE C 185 6.18 17.94 35.68
C ILE C 185 5.11 17.86 36.76
N LYS C 186 3.85 17.95 36.35
CA LYS C 186 2.77 17.81 37.32
C LYS C 186 2.04 16.47 37.16
N MET D 1 -11.80 44.71 -4.76
CA MET D 1 -11.50 43.79 -5.86
C MET D 1 -10.97 42.45 -5.32
N LYS D 2 -10.30 41.68 -6.17
CA LYS D 2 -9.76 40.39 -5.75
C LYS D 2 -8.27 40.51 -5.44
N ARG D 3 -7.79 39.57 -4.63
CA ARG D 3 -6.39 39.53 -4.20
C ARG D 3 -5.79 38.19 -4.59
N TYR D 4 -4.72 38.23 -5.37
CA TYR D 4 -4.08 37.03 -5.89
C TYR D 4 -2.64 36.98 -5.42
N VAL D 5 -2.12 35.76 -5.29
CA VAL D 5 -0.72 35.52 -5.01
C VAL D 5 -0.16 34.77 -6.21
N VAL D 6 0.91 35.30 -6.79
CA VAL D 6 1.56 34.65 -7.92
C VAL D 6 2.98 34.32 -7.50
N GLY D 7 3.28 33.02 -7.41
CA GLY D 7 4.64 32.55 -7.21
C GLY D 7 5.24 32.23 -8.56
N ILE D 8 6.45 32.76 -8.80
CA ILE D 8 7.12 32.55 -10.06
C ILE D 8 8.31 31.65 -9.77
N SER D 9 8.21 30.43 -10.26
CA SER D 9 9.22 29.39 -10.07
C SER D 9 10.08 29.30 -11.33
N GLY D 10 11.20 28.59 -11.23
CA GLY D 10 12.20 28.69 -12.29
C GLY D 10 12.03 27.73 -13.44
N ALA D 11 10.80 27.44 -13.84
CA ALA D 11 10.60 26.65 -15.02
C ALA D 11 10.53 27.56 -16.24
N SER D 12 10.72 26.95 -17.41
CA SER D 12 10.62 27.71 -18.65
C SER D 12 9.19 28.20 -18.85
N GLY D 13 9.05 29.42 -19.37
CA GLY D 13 7.75 30.00 -19.62
C GLY D 13 7.40 31.17 -18.72
N ILE D 14 8.38 32.00 -18.35
CA ILE D 14 8.08 33.11 -17.45
C ILE D 14 7.18 34.15 -18.12
N VAL D 15 7.12 34.15 -19.46
CA VAL D 15 6.16 34.97 -20.17
C VAL D 15 4.73 34.70 -19.67
N LEU D 16 4.44 33.46 -19.25
CA LEU D 16 3.10 33.14 -18.72
C LEU D 16 2.78 33.95 -17.46
N ALA D 17 3.74 34.03 -16.53
CA ALA D 17 3.53 34.83 -15.32
C ALA D 17 3.44 36.32 -15.64
N VAL D 18 4.24 36.79 -16.59
CA VAL D 18 4.18 38.20 -16.96
C VAL D 18 2.79 38.57 -17.46
N THR D 19 2.23 37.77 -18.39
CA THR D 19 0.96 38.22 -18.93
C THR D 19 -0.18 37.93 -17.97
N LEU D 20 -0.06 36.90 -17.10
CA LEU D 20 -1.09 36.70 -16.09
C LEU D 20 -1.12 37.88 -15.10
N VAL D 21 0.05 38.30 -14.62
CA VAL D 21 0.08 39.37 -13.62
C VAL D 21 -0.46 40.66 -14.19
N SER D 22 -0.07 41.00 -15.43
CA SER D 22 -0.52 42.26 -16.00
C SER D 22 -2.00 42.22 -16.36
N GLU D 23 -2.51 41.05 -16.75
CA GLU D 23 -3.95 40.97 -16.99
C GLU D 23 -4.73 41.06 -15.68
N LEU D 24 -4.25 40.40 -14.61
CA LEU D 24 -4.91 40.51 -13.31
C LEU D 24 -4.94 41.96 -12.85
N ALA D 25 -3.85 42.68 -13.06
CA ALA D 25 -3.79 44.08 -12.68
C ALA D 25 -4.66 44.94 -13.59
N ARG D 26 -4.64 44.65 -14.90
CA ARG D 26 -5.50 45.41 -15.80
C ARG D 26 -6.97 45.24 -15.43
N LEU D 27 -7.35 44.05 -14.95
CA LEU D 27 -8.70 43.81 -14.46
C LEU D 27 -9.00 44.53 -13.16
N GLY D 28 -8.03 45.21 -12.56
CA GLY D 28 -8.25 45.97 -11.36
C GLY D 28 -7.90 45.26 -10.06
N HIS D 29 -7.32 44.08 -10.13
CA HIS D 29 -7.10 43.30 -8.93
C HIS D 29 -5.72 43.58 -8.34
N HIS D 30 -5.50 43.03 -7.15
CA HIS D 30 -4.22 43.17 -6.46
C HIS D 30 -3.43 41.86 -6.59
N ILE D 31 -2.12 41.96 -6.75
CA ILE D 31 -1.29 40.77 -6.93
C ILE D 31 -0.05 40.86 -6.05
N ASP D 32 0.13 39.89 -5.16
CA ASP D 32 1.40 39.70 -4.46
C ASP D 32 2.24 38.74 -5.28
N VAL D 33 3.46 39.13 -5.57
CA VAL D 33 4.33 38.37 -6.47
C VAL D 33 5.58 37.95 -5.71
N ILE D 34 5.95 36.68 -5.82
CA ILE D 34 7.16 36.14 -5.23
C ILE D 34 7.99 35.53 -6.35
N ILE D 35 9.20 36.04 -6.56
CA ILE D 35 10.06 35.58 -7.65
C ILE D 35 11.22 34.81 -7.06
N SER D 36 11.35 33.55 -7.48
CA SER D 36 12.48 32.77 -6.98
C SER D 36 13.76 33.22 -7.67
N PRO D 37 14.93 32.97 -7.06
CA PRO D 37 16.18 33.31 -7.74
C PRO D 37 16.36 32.59 -9.07
N SER D 38 15.90 31.33 -9.18
CA SER D 38 15.93 30.66 -10.48
C SER D 38 15.01 31.35 -11.47
N ALA D 39 13.83 31.78 -11.03
CA ALA D 39 12.97 32.54 -11.93
C ALA D 39 13.63 33.85 -12.36
N GLN D 40 14.41 34.47 -11.50
CA GLN D 40 15.15 35.68 -11.91
C GLN D 40 16.06 35.38 -13.10
N LYS D 41 16.79 34.26 -13.06
CA LYS D 41 17.63 33.87 -14.18
C LYS D 41 16.78 33.61 -15.42
N THR D 42 15.67 32.90 -15.27
CA THR D 42 14.78 32.62 -16.39
C THR D 42 14.26 33.92 -16.99
N LEU D 43 13.94 34.91 -16.15
CA LEU D 43 13.55 36.22 -16.64
C LEU D 43 14.60 36.80 -17.58
N TYR D 44 15.87 36.65 -17.22
CA TYR D 44 16.94 37.12 -18.08
C TYR D 44 16.97 36.34 -19.39
N TYR D 45 17.02 35.00 -19.31
CA TYR D 45 17.25 34.20 -20.51
C TYR D 45 16.06 34.23 -21.46
N GLU D 46 14.83 34.24 -20.96
CA GLU D 46 13.69 34.16 -21.84
C GLU D 46 13.10 35.53 -22.20
N LEU D 47 13.31 36.56 -21.38
CA LEU D 47 12.72 37.86 -21.62
C LEU D 47 13.72 39.02 -21.70
N ASP D 48 15.03 38.76 -21.58
CA ASP D 48 16.08 39.74 -21.88
C ASP D 48 15.99 40.99 -21.01
N THR D 49 15.53 40.82 -19.78
CA THR D 49 15.47 41.87 -18.76
C THR D 49 15.81 41.25 -17.42
N LYS D 50 16.23 42.11 -16.48
CA LYS D 50 16.47 41.70 -15.10
C LYS D 50 15.47 42.31 -14.11
N SER D 51 14.48 43.06 -14.58
CA SER D 51 13.48 43.70 -13.74
C SER D 51 12.11 43.22 -14.17
N PHE D 52 11.46 42.41 -13.30
CA PHE D 52 10.14 41.88 -13.63
C PHE D 52 9.13 43.00 -13.85
N LEU D 53 9.19 44.04 -13.02
CA LEU D 53 8.29 45.18 -13.17
C LEU D 53 8.44 45.87 -14.53
N SER D 54 9.66 45.90 -15.08
CA SER D 54 9.84 46.55 -16.38
C SER D 54 8.97 45.90 -17.45
N THR D 55 8.62 44.63 -17.28
CA THR D 55 7.72 43.96 -18.21
C THR D 55 6.25 44.31 -18.00
N ILE D 56 5.88 44.94 -16.88
CA ILE D 56 4.48 45.28 -16.61
C ILE D 56 4.29 46.77 -16.84
N PRO D 57 3.19 47.21 -17.47
CA PRO D 57 2.95 48.65 -17.61
C PRO D 57 2.95 49.36 -16.26
N GLN D 58 3.51 50.57 -16.25
CA GLN D 58 3.87 51.24 -15.01
C GLN D 58 2.64 51.62 -14.17
N ASN D 59 1.52 51.96 -14.81
CA ASN D 59 0.33 52.33 -14.06
C ASN D 59 -0.29 51.16 -13.30
N PHE D 60 0.14 49.94 -13.57
CA PHE D 60 -0.33 48.78 -12.79
C PHE D 60 0.55 48.49 -11.60
N HIS D 61 1.69 49.19 -11.46
CA HIS D 61 2.66 48.82 -10.43
C HIS D 61 2.12 49.01 -9.01
N ASN D 62 1.19 49.95 -8.81
CA ASN D 62 0.58 50.16 -7.49
C ASN D 62 -0.31 49.00 -7.05
N GLN D 63 -0.55 48.02 -7.92
CA GLN D 63 -1.35 46.86 -7.57
C GLN D 63 -0.49 45.65 -7.31
N ILE D 64 0.82 45.78 -7.41
CA ILE D 64 1.73 44.65 -7.35
C ILE D 64 2.70 44.86 -6.21
N VAL D 65 2.88 43.83 -5.40
CA VAL D 65 3.84 43.88 -4.30
C VAL D 65 4.79 42.71 -4.48
N LEU D 66 6.08 43.01 -4.64
CA LEU D 66 7.12 42.00 -4.75
C LEU D 66 7.61 41.60 -3.37
N HIS D 67 7.66 40.31 -3.09
CA HIS D 67 8.18 39.78 -1.84
C HIS D 67 9.44 38.97 -2.09
N HIS D 68 10.44 39.15 -1.24
CA HIS D 68 11.66 38.36 -1.34
C HIS D 68 11.39 36.90 -0.96
N ILE D 69 12.03 35.98 -1.68
CA ILE D 69 11.75 34.55 -1.50
C ILE D 69 11.98 34.09 -0.06
N SER D 70 12.78 34.82 0.71
CA SER D 70 13.11 34.39 2.07
C SER D 70 12.25 35.04 3.14
N SER D 71 11.34 35.94 2.78
CA SER D 71 10.46 36.60 3.74
C SER D 71 9.37 35.65 4.23
N ILE D 72 9.76 34.57 4.91
CA ILE D 72 8.77 33.63 5.44
C ILE D 72 7.83 34.33 6.43
N GLU D 73 8.29 35.42 7.05
CA GLU D 73 7.52 36.17 8.03
C GLU D 73 6.43 37.03 7.40
N SER D 74 6.38 37.13 6.07
CA SER D 74 5.51 38.11 5.44
C SER D 74 4.04 37.72 5.59
N SER D 75 3.17 38.74 5.60
CA SER D 75 1.77 38.60 6.02
C SER D 75 0.88 37.93 4.98
N VAL D 76 1.36 37.65 3.76
CA VAL D 76 0.56 36.85 2.85
C VAL D 76 0.47 35.41 3.34
N SER D 77 1.52 34.92 4.00
CA SER D 77 1.47 33.62 4.66
C SER D 77 0.90 33.75 6.08
N THR D 82 -7.53 38.67 2.92
CA THR D 82 -8.05 37.45 2.30
C THR D 82 -7.51 37.22 0.88
N ILE D 83 -7.00 36.02 0.61
CA ILE D 83 -6.42 35.66 -0.67
C ILE D 83 -7.47 34.91 -1.48
N ASP D 84 -7.70 35.38 -2.72
CA ASP D 84 -8.70 34.72 -3.56
C ASP D 84 -8.14 33.50 -4.28
N ALA D 85 -6.89 33.54 -4.73
CA ALA D 85 -6.29 32.33 -5.27
C ALA D 85 -4.79 32.51 -5.30
N THR D 86 -4.09 31.38 -5.35
CA THR D 86 -2.64 31.32 -5.43
C THR D 86 -2.26 30.57 -6.68
N ILE D 87 -1.39 31.14 -7.50
CA ILE D 87 -0.98 30.54 -8.75
C ILE D 87 0.54 30.47 -8.77
N ILE D 88 1.07 29.27 -8.91
CA ILE D 88 2.49 29.09 -9.14
C ILE D 88 2.69 28.88 -10.63
N VAL D 89 3.28 29.89 -11.29
CA VAL D 89 3.40 29.89 -12.74
C VAL D 89 4.65 30.66 -13.19
N PRO D 90 5.50 30.05 -14.03
CA PRO D 90 5.53 28.60 -14.27
C PRO D 90 6.00 27.91 -12.99
N CYS D 91 5.84 26.60 -12.89
CA CYS D 91 6.21 25.86 -11.69
C CYS D 91 7.17 24.74 -12.08
N SER D 92 8.41 24.84 -11.59
CA SER D 92 9.41 23.79 -11.80
C SER D 92 9.01 22.50 -11.09
N VAL D 93 9.56 21.36 -11.55
CA VAL D 93 9.25 20.13 -10.83
C VAL D 93 9.87 20.12 -9.46
N ALA D 94 10.96 20.87 -9.26
CA ALA D 94 11.53 21.03 -7.92
C ALA D 94 10.51 21.64 -6.97
N THR D 95 9.85 22.72 -7.41
CA THR D 95 8.83 23.36 -6.59
C THR D 95 7.60 22.47 -6.42
N VAL D 96 7.20 21.73 -7.47
CA VAL D 96 6.15 20.71 -7.31
C VAL D 96 6.52 19.73 -6.20
N ALA D 97 7.78 19.31 -6.18
CA ALA D 97 8.19 18.31 -5.20
C ALA D 97 8.14 18.90 -3.79
N ALA D 98 8.60 20.13 -3.62
CA ALA D 98 8.61 20.76 -2.31
C ALA D 98 7.18 20.92 -1.78
N ILE D 99 6.26 21.38 -2.62
CA ILE D 99 4.88 21.59 -2.16
C ILE D 99 4.21 20.26 -1.86
N SER D 100 4.48 19.23 -2.66
CA SER D 100 3.86 17.94 -2.39
C SER D 100 4.37 17.31 -1.11
N CYS D 101 5.56 17.70 -0.67
CA CYS D 101 6.15 17.22 0.58
C CYS D 101 5.77 18.07 1.77
N GLY D 102 5.15 19.22 1.55
CA GLY D 102 4.94 20.15 2.62
C GLY D 102 6.19 20.93 3.00
N LEU D 103 7.19 20.96 2.11
CA LEU D 103 8.49 21.54 2.45
C LEU D 103 8.43 23.06 2.29
N ALA D 104 7.69 23.70 3.19
CA ALA D 104 7.36 25.13 3.05
C ALA D 104 8.48 26.01 3.62
N ASP D 105 9.69 25.84 3.10
CA ASP D 105 10.84 26.52 3.72
C ASP D 105 11.30 27.75 2.96
N ASN D 106 10.49 28.27 2.05
CA ASN D 106 10.65 29.63 1.55
C ASN D 106 9.27 30.18 1.26
N LEU D 107 9.18 31.47 0.94
CA LEU D 107 7.88 32.11 0.90
C LEU D 107 7.02 31.58 -0.26
N LEU D 108 7.65 31.28 -1.40
CA LEU D 108 6.90 30.70 -2.51
C LEU D 108 6.31 29.35 -2.11
N ARG D 109 7.13 28.46 -1.57
CA ARG D 109 6.61 27.18 -1.09
C ARG D 109 5.54 27.40 0.00
N ARG D 110 5.72 28.41 0.84
CA ARG D 110 4.81 28.56 1.97
C ARG D 110 3.42 29.06 1.54
N VAL D 111 3.35 30.03 0.63
CA VAL D 111 2.03 30.49 0.18
C VAL D 111 1.27 29.35 -0.48
N ALA D 112 1.97 28.45 -1.17
CA ALA D 112 1.28 27.30 -1.72
C ALA D 112 0.79 26.40 -0.60
N ASP D 113 1.61 26.23 0.45
CA ASP D 113 1.22 25.39 1.56
C ASP D 113 0.01 25.99 2.29
N VAL D 114 -0.05 27.32 2.42
CA VAL D 114 -1.17 27.93 3.13
C VAL D 114 -2.46 27.72 2.36
N ALA D 115 -2.43 27.86 1.03
CA ALA D 115 -3.62 27.58 0.23
C ALA D 115 -4.15 26.18 0.49
N LEU D 116 -3.25 25.18 0.49
CA LEU D 116 -3.68 23.81 0.75
C LEU D 116 -4.21 23.66 2.17
N LYS D 117 -3.53 24.26 3.15
CA LYS D 117 -3.97 24.19 4.55
C LYS D 117 -5.35 24.82 4.72
N GLU D 118 -5.61 25.94 4.06
CA GLU D 118 -6.88 26.61 4.23
C GLU D 118 -7.91 26.22 3.18
N LYS D 119 -7.59 25.27 2.28
CA LYS D 119 -8.52 24.85 1.25
C LYS D 119 -8.91 26.02 0.35
N ARG D 120 -7.95 26.91 0.10
CA ARG D 120 -8.12 27.98 -0.88
C ARG D 120 -7.56 27.55 -2.22
N PRO D 121 -8.02 28.15 -3.31
CA PRO D 121 -7.57 27.73 -4.65
C PRO D 121 -6.06 27.85 -4.81
N LEU D 122 -5.45 26.78 -5.32
CA LEU D 122 -4.03 26.74 -5.66
C LEU D 122 -3.92 26.20 -7.07
N ILE D 123 -3.41 27.00 -7.99
CA ILE D 123 -3.21 26.60 -9.37
C ILE D 123 -1.71 26.46 -9.61
N LEU D 124 -1.28 25.26 -10.01
CA LEU D 124 0.08 24.99 -10.41
C LEU D 124 0.14 24.84 -11.91
N VAL D 125 1.18 25.42 -12.51
CA VAL D 125 1.39 25.37 -13.95
C VAL D 125 2.74 24.68 -14.16
N PRO D 126 2.80 23.38 -13.92
CA PRO D 126 4.09 22.69 -13.99
C PRO D 126 4.57 22.58 -15.43
N ARG D 127 5.85 22.85 -15.65
CA ARG D 127 6.43 22.76 -17.00
C ARG D 127 7.70 21.93 -16.93
N GLU D 128 7.66 20.75 -17.56
CA GLU D 128 8.76 19.83 -17.69
C GLU D 128 8.35 18.76 -18.68
N ALA D 129 9.32 18.26 -19.44
CA ALA D 129 9.12 17.19 -20.40
C ALA D 129 10.43 16.49 -20.65
N PRO D 130 10.41 15.14 -20.64
CA PRO D 130 9.25 14.34 -20.23
C PRO D 130 8.98 14.39 -18.72
N LEU D 131 7.86 13.84 -18.29
CA LEU D 131 7.50 13.73 -16.88
C LEU D 131 7.84 12.33 -16.41
N SER D 132 8.75 12.24 -15.44
CA SER D 132 9.14 10.96 -14.88
C SER D 132 8.07 10.46 -13.91
N ALA D 133 8.20 9.20 -13.49
CA ALA D 133 7.28 8.67 -12.47
C ALA D 133 7.41 9.43 -11.16
N ILE D 134 8.59 9.95 -10.84
CA ILE D 134 8.74 10.71 -9.61
C ILE D 134 7.89 11.98 -9.65
N HIS D 135 7.90 12.68 -10.78
CA HIS D 135 7.13 13.92 -10.90
C HIS D 135 5.64 13.67 -10.93
N LEU D 136 5.21 12.66 -11.70
CA LEU D 136 3.77 12.38 -11.79
C LEU D 136 3.21 12.03 -10.42
N GLU D 137 3.95 11.26 -9.63
CA GLU D 137 3.49 10.90 -8.29
C GLU D 137 3.35 12.15 -7.41
N ASN D 138 4.30 13.09 -7.49
CA ASN D 138 4.13 14.34 -6.75
C ASN D 138 2.90 15.10 -7.24
N LEU D 139 2.68 15.11 -8.55
CA LEU D 139 1.56 15.82 -9.14
C LEU D 139 0.24 15.18 -8.74
N LEU D 140 0.18 13.84 -8.80
CA LEU D 140 -1.00 13.12 -8.36
C LEU D 140 -1.33 13.48 -6.91
N LYS D 141 -0.33 13.42 -6.03
CA LYS D 141 -0.60 13.72 -4.61
C LYS D 141 -1.16 15.12 -4.44
N LEU D 142 -0.60 16.10 -5.17
CA LEU D 142 -1.13 17.45 -5.07
C LEU D 142 -2.57 17.54 -5.59
N ALA D 143 -2.86 16.93 -6.75
CA ALA D 143 -4.24 16.88 -7.24
C ALA D 143 -5.17 16.26 -6.22
N GLN D 144 -4.73 15.18 -5.55
CA GLN D 144 -5.56 14.58 -4.51
C GLN D 144 -5.74 15.49 -3.31
N ASN D 145 -4.84 16.45 -3.09
CA ASN D 145 -5.01 17.36 -1.97
C ASN D 145 -5.64 18.67 -2.38
N GLY D 146 -6.19 18.74 -3.59
CA GLY D 146 -6.98 19.88 -4.01
C GLY D 146 -6.32 20.82 -4.99
N ALA D 147 -5.03 20.67 -5.30
CA ALA D 147 -4.41 21.61 -6.23
C ALA D 147 -4.93 21.36 -7.63
N VAL D 148 -5.13 22.44 -8.39
CA VAL D 148 -5.44 22.33 -9.80
C VAL D 148 -4.14 22.20 -10.58
N ILE D 149 -3.99 21.11 -11.33
CA ILE D 149 -2.75 20.82 -12.03
C ILE D 149 -2.95 21.24 -13.48
N LEU D 150 -2.35 22.37 -13.86
CA LEU D 150 -2.57 22.98 -15.18
C LEU D 150 -1.26 23.10 -15.96
N PRO D 151 -0.84 22.06 -16.68
CA PRO D 151 0.34 22.17 -17.54
C PRO D 151 0.08 23.16 -18.67
N PRO D 152 1.10 23.94 -19.07
CA PRO D 152 0.88 24.94 -20.12
C PRO D 152 0.86 24.31 -21.50
N MET D 153 -0.28 23.84 -21.91
CA MET D 153 -0.37 23.16 -23.20
C MET D 153 -0.99 24.09 -24.24
N PRO D 154 -0.40 24.17 -25.42
CA PRO D 154 -0.97 25.05 -26.44
C PRO D 154 -2.37 24.57 -26.82
N ILE D 155 -3.22 25.55 -27.15
CA ILE D 155 -4.60 25.25 -27.51
C ILE D 155 -4.75 25.47 -29.01
N TRP D 156 -4.50 24.42 -29.78
CA TRP D 156 -4.34 24.57 -31.22
C TRP D 156 -5.66 24.79 -31.96
N TYR D 157 -6.81 24.49 -31.36
CA TYR D 157 -8.02 24.76 -32.13
C TYR D 157 -8.35 26.24 -32.18
N PHE D 158 -7.69 27.06 -31.38
CA PHE D 158 -7.76 28.51 -31.56
C PHE D 158 -6.89 28.99 -32.71
N LYS D 159 -6.28 28.07 -33.46
CA LYS D 159 -5.40 28.36 -34.58
C LYS D 159 -4.46 29.51 -34.25
N PRO D 160 -3.61 29.37 -33.23
CA PRO D 160 -2.64 30.43 -32.94
C PRO D 160 -1.66 30.58 -34.09
N GLN D 161 -1.14 31.79 -34.24
CA GLN D 161 -0.17 32.08 -35.30
C GLN D 161 1.20 32.44 -34.74
N THR D 162 1.24 33.19 -33.65
CA THR D 162 2.47 33.60 -33.02
C THR D 162 2.68 32.86 -31.71
N ALA D 163 3.91 32.92 -31.20
CA ALA D 163 4.19 32.43 -29.85
C ALA D 163 3.40 33.22 -28.80
N GLU D 164 3.09 34.49 -29.07
CA GLU D 164 2.31 35.28 -28.12
C GLU D 164 0.87 34.76 -28.03
N ASP D 165 0.25 34.46 -29.18
CA ASP D 165 -1.06 33.81 -29.19
C ASP D 165 -1.09 32.56 -28.30
N ILE D 166 -0.03 31.75 -28.35
CA ILE D 166 -0.03 30.52 -27.56
C ILE D 166 0.05 30.84 -26.07
N ALA D 167 0.93 31.77 -25.69
CA ALA D 167 0.98 32.21 -24.30
C ALA D 167 -0.35 32.81 -23.87
N ASN D 168 -0.94 33.65 -24.71
CA ASN D 168 -2.18 34.34 -24.34
C ASN D 168 -3.29 33.35 -24.02
N ASP D 169 -3.46 32.34 -24.88
CA ASP D 169 -4.57 31.40 -24.71
C ASP D 169 -4.36 30.53 -23.47
N ILE D 170 -3.12 30.12 -23.23
CA ILE D 170 -2.77 29.43 -21.99
C ILE D 170 -3.14 30.27 -20.76
N VAL D 171 -2.78 31.55 -20.78
CA VAL D 171 -3.12 32.38 -19.63
C VAL D 171 -4.63 32.54 -19.55
N GLY D 172 -5.29 32.63 -20.71
CA GLY D 172 -6.75 32.62 -20.71
C GLY D 172 -7.31 31.44 -19.93
N LYS D 173 -6.70 30.27 -20.04
CA LYS D 173 -7.23 29.11 -19.34
C LYS D 173 -7.02 29.25 -17.83
N ILE D 174 -5.93 29.88 -17.41
CA ILE D 174 -5.78 30.18 -15.99
C ILE D 174 -6.89 31.12 -15.55
N LEU D 175 -7.14 32.18 -16.32
CA LEU D 175 -8.14 33.17 -15.95
C LEU D 175 -9.53 32.53 -15.88
N ALA D 176 -9.83 31.63 -16.81
CA ALA D 176 -11.12 30.95 -16.78
C ALA D 176 -11.26 30.12 -15.51
N ILE D 177 -10.18 29.46 -15.08
CA ILE D 177 -10.24 28.73 -13.82
C ILE D 177 -10.43 29.68 -12.64
N LEU D 178 -9.87 30.89 -12.70
CA LEU D 178 -10.08 31.92 -11.70
C LEU D 178 -11.47 32.53 -11.75
N GLN D 179 -12.28 32.14 -12.73
CA GLN D 179 -13.62 32.69 -12.95
C GLN D 179 -13.58 34.20 -13.12
N LEU D 180 -12.57 34.67 -13.83
CA LEU D 180 -12.50 36.05 -14.27
C LEU D 180 -12.84 36.09 -15.76
N ASP D 181 -13.53 37.14 -16.18
CA ASP D 181 -13.72 37.35 -17.61
C ASP D 181 -12.62 38.26 -18.13
N SER D 182 -12.00 37.84 -19.22
CA SER D 182 -10.88 38.54 -19.83
C SER D 182 -10.96 38.33 -21.33
N PRO D 183 -10.55 39.31 -22.12
CA PRO D 183 -10.44 39.07 -23.57
C PRO D 183 -9.38 38.04 -23.92
N LEU D 184 -8.49 37.70 -22.99
CA LEU D 184 -7.55 36.60 -23.23
C LEU D 184 -8.27 35.26 -23.36
N ILE D 185 -9.52 35.16 -22.89
CA ILE D 185 -10.29 33.93 -22.96
C ILE D 185 -11.06 33.94 -24.28
N LYS D 186 -10.68 33.05 -25.20
CA LYS D 186 -11.27 33.05 -26.53
C LYS D 186 -12.48 32.12 -26.63
N MET E 1 -33.91 -29.30 8.73
CA MET E 1 -33.68 -28.08 9.51
C MET E 1 -32.29 -27.51 9.27
N LYS E 2 -32.22 -26.28 8.80
CA LYS E 2 -30.98 -25.51 8.89
C LYS E 2 -31.16 -24.44 9.96
N ARG E 3 -30.03 -23.84 10.34
CA ARG E 3 -30.00 -22.91 11.47
C ARG E 3 -29.37 -21.61 11.00
N TYR E 4 -30.12 -20.52 11.13
CA TYR E 4 -29.67 -19.22 10.71
C TYR E 4 -29.56 -18.29 11.92
N VAL E 5 -28.63 -17.35 11.83
CA VAL E 5 -28.56 -16.23 12.78
C VAL E 5 -28.89 -14.96 12.03
N VAL E 6 -29.89 -14.24 12.51
CA VAL E 6 -30.32 -12.97 11.92
C VAL E 6 -30.00 -11.87 12.91
N GLY E 7 -29.16 -10.92 12.50
CA GLY E 7 -28.85 -9.74 13.30
C GLY E 7 -29.58 -8.54 12.76
N ILE E 8 -30.23 -7.80 13.65
CA ILE E 8 -31.10 -6.71 13.25
C ILE E 8 -30.52 -5.46 13.86
N SER E 9 -30.01 -4.57 13.01
CA SER E 9 -29.29 -3.40 13.47
C SER E 9 -30.08 -2.16 13.07
N GLY E 10 -29.75 -1.04 13.69
CA GLY E 10 -30.64 0.09 13.68
C GLY E 10 -30.75 0.92 12.42
N ALA E 11 -30.65 0.31 11.25
CA ALA E 11 -30.94 1.08 10.04
C ALA E 11 -32.39 0.89 9.63
N SER E 12 -32.84 1.77 8.73
CA SER E 12 -34.20 1.72 8.23
C SER E 12 -34.43 0.47 7.36
N GLY E 13 -35.65 -0.07 7.43
CA GLY E 13 -35.94 -1.27 6.67
C GLY E 13 -36.11 -2.51 7.52
N ILE E 14 -36.63 -2.33 8.74
CA ILE E 14 -36.86 -3.44 9.66
C ILE E 14 -37.84 -4.45 9.05
N VAL E 15 -38.78 -3.99 8.22
CA VAL E 15 -39.68 -4.91 7.53
C VAL E 15 -38.91 -6.01 6.80
N LEU E 16 -37.72 -5.70 6.27
CA LEU E 16 -36.92 -6.75 5.62
C LEU E 16 -36.57 -7.90 6.58
N ALA E 17 -36.24 -7.56 7.84
CA ALA E 17 -35.89 -8.59 8.81
C ALA E 17 -37.12 -9.39 9.24
N VAL E 18 -38.26 -8.71 9.45
CA VAL E 18 -39.51 -9.42 9.72
C VAL E 18 -39.80 -10.42 8.62
N THR E 19 -39.79 -9.95 7.37
CA THR E 19 -40.15 -10.79 6.23
C THR E 19 -39.17 -11.96 6.10
N LEU E 20 -37.87 -11.70 6.21
CA LEU E 20 -36.89 -12.78 6.13
C LEU E 20 -37.10 -13.82 7.22
N VAL E 21 -37.25 -13.36 8.48
CA VAL E 21 -37.36 -14.32 9.58
C VAL E 21 -38.65 -15.14 9.46
N SER E 22 -39.77 -14.47 9.12
CA SER E 22 -41.02 -15.18 8.89
C SER E 22 -40.87 -16.27 7.82
N GLU E 23 -40.24 -15.92 6.69
CA GLU E 23 -40.12 -16.90 5.61
C GLU E 23 -39.18 -18.04 5.99
N LEU E 24 -38.03 -17.71 6.60
CA LEU E 24 -37.11 -18.76 7.07
C LEU E 24 -37.80 -19.72 8.03
N ALA E 25 -38.66 -19.21 8.91
CA ALA E 25 -39.40 -20.08 9.82
C ALA E 25 -40.49 -20.86 9.09
N ARG E 26 -41.23 -20.20 8.17
CA ARG E 26 -42.19 -20.91 7.34
C ARG E 26 -41.55 -22.11 6.65
N LEU E 27 -40.34 -21.94 6.11
CA LEU E 27 -39.61 -23.03 5.45
C LEU E 27 -39.11 -24.09 6.42
N GLY E 28 -39.32 -23.90 7.72
CA GLY E 28 -39.01 -24.91 8.72
C GLY E 28 -37.68 -24.78 9.41
N HIS E 29 -36.97 -23.68 9.25
CA HIS E 29 -35.62 -23.57 9.78
C HIS E 29 -35.64 -22.92 11.16
N HIS E 30 -34.51 -23.02 11.85
CA HIS E 30 -34.31 -22.41 13.15
C HIS E 30 -33.57 -21.08 12.98
N ILE E 31 -34.00 -20.07 13.72
CA ILE E 31 -33.41 -18.73 13.59
C ILE E 31 -33.11 -18.17 14.97
N ASP E 32 -31.84 -17.84 15.20
CA ASP E 32 -31.41 -17.05 16.36
C ASP E 32 -31.41 -15.59 15.96
N VAL E 33 -32.17 -14.78 16.66
CA VAL E 33 -32.35 -13.37 16.32
C VAL E 33 -31.71 -12.52 17.42
N ILE E 34 -31.01 -11.46 17.01
CA ILE E 34 -30.38 -10.50 17.91
C ILE E 34 -30.80 -9.12 17.42
N ILE E 35 -31.56 -8.41 18.23
CA ILE E 35 -32.05 -7.08 17.89
C ILE E 35 -31.28 -6.08 18.74
N SER E 36 -30.64 -5.13 18.08
CA SER E 36 -29.91 -4.09 18.80
C SER E 36 -30.87 -3.08 19.44
N PRO E 37 -30.41 -2.35 20.46
CA PRO E 37 -31.26 -1.27 21.03
C PRO E 37 -31.72 -0.23 20.01
N SER E 38 -30.89 0.12 19.03
CA SER E 38 -31.34 1.07 18.01
C SER E 38 -32.38 0.43 17.09
N ALA E 39 -32.21 -0.85 16.77
CA ALA E 39 -33.21 -1.54 15.96
C ALA E 39 -34.56 -1.64 16.70
N GLN E 40 -34.52 -1.80 18.02
CA GLN E 40 -35.74 -1.74 18.82
C GLN E 40 -36.51 -0.43 18.57
N LYS E 41 -35.80 0.69 18.49
CA LYS E 41 -36.45 1.97 18.21
C LYS E 41 -36.97 2.04 16.78
N THR E 42 -36.18 1.57 15.81
CA THR E 42 -36.64 1.50 14.43
C THR E 42 -37.90 0.64 14.31
N LEU E 43 -37.93 -0.50 15.00
CA LEU E 43 -39.12 -1.36 15.03
C LEU E 43 -40.37 -0.57 15.40
N TYR E 44 -40.26 0.30 16.41
CA TYR E 44 -41.44 1.06 16.84
C TYR E 44 -41.82 2.12 15.81
N TYR E 45 -40.84 2.81 15.24
CA TYR E 45 -41.14 3.87 14.30
C TYR E 45 -41.52 3.36 12.93
N GLU E 46 -41.11 2.14 12.56
CA GLU E 46 -41.47 1.62 11.25
C GLU E 46 -42.60 0.61 11.28
N LEU E 47 -42.72 -0.18 12.36
CA LEU E 47 -43.75 -1.21 12.44
C LEU E 47 -44.71 -1.06 13.60
N ASP E 48 -44.59 0.01 14.40
CA ASP E 48 -45.58 0.39 15.41
C ASP E 48 -45.79 -0.70 16.46
N THR E 49 -44.75 -1.48 16.71
CA THR E 49 -44.74 -2.42 17.82
C THR E 49 -43.41 -2.25 18.53
N LYS E 50 -43.37 -2.69 19.79
CA LYS E 50 -42.12 -2.80 20.51
C LYS E 50 -41.70 -4.26 20.67
N SER E 51 -42.42 -5.19 20.04
CA SER E 51 -42.18 -6.62 20.20
C SER E 51 -41.90 -7.22 18.83
N PHE E 52 -40.66 -7.65 18.60
CA PHE E 52 -40.35 -8.25 17.30
C PHE E 52 -41.17 -9.53 17.08
N LEU E 53 -41.33 -10.35 18.12
CA LEU E 53 -42.11 -11.58 17.98
C LEU E 53 -43.55 -11.30 17.54
N SER E 54 -44.11 -10.15 17.90
CA SER E 54 -45.48 -9.83 17.49
C SER E 54 -45.63 -9.73 15.99
N THR E 55 -44.55 -9.47 15.26
CA THR E 55 -44.65 -9.38 13.81
C THR E 55 -44.54 -10.73 13.13
N ILE E 56 -44.37 -11.81 13.89
CA ILE E 56 -44.22 -13.14 13.32
C ILE E 56 -45.36 -14.02 13.81
N PRO E 57 -45.95 -14.86 12.95
CA PRO E 57 -46.99 -15.79 13.41
C PRO E 57 -46.48 -16.61 14.58
N GLN E 58 -47.35 -16.69 15.61
CA GLN E 58 -47.00 -17.33 16.86
C GLN E 58 -46.69 -18.81 16.70
N ASN E 59 -47.31 -19.46 15.71
CA ASN E 59 -47.02 -20.86 15.45
C ASN E 59 -45.56 -21.07 15.02
N PHE E 60 -44.84 -20.00 14.64
CA PHE E 60 -43.43 -20.13 14.31
C PHE E 60 -42.50 -19.80 15.47
N HIS E 61 -43.03 -19.33 16.61
CA HIS E 61 -42.16 -18.85 17.68
C HIS E 61 -41.28 -19.94 18.25
N ASN E 62 -41.71 -21.19 18.15
CA ASN E 62 -40.88 -22.31 18.61
C ASN E 62 -39.60 -22.49 17.79
N GLN E 63 -39.49 -21.87 16.62
CA GLN E 63 -38.28 -21.98 15.79
C GLN E 63 -37.35 -20.79 15.96
N ILE E 64 -37.66 -19.88 16.87
CA ILE E 64 -36.96 -18.61 16.97
C ILE E 64 -36.52 -18.42 18.42
N VAL E 65 -35.26 -18.07 18.61
CA VAL E 65 -34.75 -17.69 19.91
C VAL E 65 -34.21 -16.28 19.81
N LEU E 66 -34.71 -15.39 20.66
CA LEU E 66 -34.18 -14.04 20.78
C LEU E 66 -33.05 -14.04 21.78
N HIS E 67 -31.97 -13.37 21.44
CA HIS E 67 -30.85 -13.17 22.34
C HIS E 67 -30.66 -11.69 22.61
N HIS E 68 -30.41 -11.35 23.86
CA HIS E 68 -30.07 -9.97 24.20
C HIS E 68 -28.74 -9.56 23.55
N ILE E 69 -28.63 -8.27 23.25
CA ILE E 69 -27.44 -7.73 22.56
C ILE E 69 -26.16 -7.87 23.39
N SER E 70 -26.28 -7.91 24.72
CA SER E 70 -25.09 -7.99 25.57
C SER E 70 -24.69 -9.42 25.86
N SER E 71 -25.43 -10.39 25.34
CA SER E 71 -25.24 -11.77 25.75
C SER E 71 -24.19 -12.44 24.87
N ILE E 72 -22.96 -11.92 24.97
CA ILE E 72 -21.85 -12.49 24.22
C ILE E 72 -21.45 -13.88 24.73
N GLU E 73 -22.12 -14.38 25.78
CA GLU E 73 -21.90 -15.75 26.25
C GLU E 73 -22.83 -16.75 25.60
N SER E 74 -23.73 -16.29 24.72
CA SER E 74 -24.75 -17.15 24.15
C SER E 74 -24.12 -18.25 23.28
N SER E 75 -24.87 -19.33 23.10
CA SER E 75 -24.36 -20.45 22.32
C SER E 75 -24.01 -20.05 20.90
N VAL E 76 -24.73 -19.08 20.33
CA VAL E 76 -24.39 -18.59 18.98
C VAL E 76 -23.19 -17.66 18.97
N SER E 77 -22.59 -17.38 20.14
CA SER E 77 -21.36 -16.59 20.21
C SER E 77 -20.11 -17.43 19.93
N SER E 78 -20.22 -18.75 20.00
CA SER E 78 -19.09 -19.63 19.76
C SER E 78 -19.14 -20.20 18.34
N GLY E 79 -17.96 -20.42 17.77
CA GLY E 79 -17.87 -21.09 16.48
C GLY E 79 -18.11 -22.59 16.53
N SER E 80 -18.21 -23.17 17.73
CA SER E 80 -18.41 -24.61 17.88
C SER E 80 -19.81 -25.07 17.51
N ASN E 81 -20.75 -24.14 17.34
CA ASN E 81 -22.15 -24.47 17.09
C ASN E 81 -22.50 -24.02 15.66
N THR E 82 -22.76 -25.00 14.80
CA THR E 82 -22.70 -24.76 13.35
C THR E 82 -23.93 -23.99 12.87
N ILE E 83 -23.68 -22.85 12.23
CA ILE E 83 -24.70 -22.02 11.63
C ILE E 83 -24.55 -22.12 10.12
N ASP E 84 -25.68 -22.24 9.43
CA ASP E 84 -25.62 -22.33 7.98
C ASP E 84 -25.42 -20.94 7.34
N ALA E 85 -25.95 -19.89 7.96
CA ALA E 85 -25.67 -18.56 7.43
C ALA E 85 -26.08 -17.53 8.47
N THR E 86 -25.40 -16.38 8.38
CA THR E 86 -25.63 -15.23 9.24
C THR E 86 -25.98 -14.03 8.38
N ILE E 87 -27.06 -13.33 8.73
CA ILE E 87 -27.58 -12.21 7.93
C ILE E 87 -27.78 -11.02 8.87
N ILE E 88 -27.12 -9.91 8.57
CA ILE E 88 -27.34 -8.66 9.29
C ILE E 88 -28.23 -7.79 8.41
N VAL E 89 -29.46 -7.59 8.84
CA VAL E 89 -30.49 -6.91 8.06
C VAL E 89 -31.51 -6.23 8.97
N PRO E 90 -31.81 -4.94 8.73
CA PRO E 90 -30.95 -4.06 7.92
C PRO E 90 -29.64 -3.87 8.64
N CYS E 91 -28.62 -3.29 7.99
CA CYS E 91 -27.32 -3.13 8.61
C CYS E 91 -26.93 -1.65 8.56
N SER E 92 -26.82 -1.02 9.72
CA SER E 92 -26.36 0.36 9.77
C SER E 92 -24.88 0.46 9.43
N VAL E 93 -24.44 1.66 9.05
CA VAL E 93 -23.01 1.84 8.75
C VAL E 93 -22.17 1.73 10.02
N ALA E 94 -22.74 2.06 11.18
CA ALA E 94 -22.02 1.87 12.43
C ALA E 94 -21.66 0.40 12.62
N THR E 95 -22.61 -0.50 12.35
CA THR E 95 -22.36 -1.92 12.49
C THR E 95 -21.41 -2.45 11.40
N VAL E 96 -21.59 -1.99 10.15
CA VAL E 96 -20.60 -2.29 9.10
C VAL E 96 -19.20 -1.93 9.57
N ALA E 97 -19.04 -0.71 10.08
CA ALA E 97 -17.74 -0.26 10.58
C ALA E 97 -17.20 -1.21 11.66
N ALA E 98 -18.04 -1.54 12.64
CA ALA E 98 -17.58 -2.40 13.73
C ALA E 98 -17.12 -3.75 13.20
N ILE E 99 -17.91 -4.35 12.31
CA ILE E 99 -17.58 -5.66 11.77
C ILE E 99 -16.32 -5.58 10.93
N SER E 100 -16.16 -4.49 10.17
CA SER E 100 -14.97 -4.37 9.33
C SER E 100 -13.71 -4.20 10.19
N CYS E 101 -13.84 -3.65 11.40
CA CYS E 101 -12.70 -3.52 12.29
C CYS E 101 -12.42 -4.79 13.09
N GLY E 102 -13.39 -5.69 13.19
CA GLY E 102 -13.29 -6.79 14.13
C GLY E 102 -13.77 -6.45 15.52
N LEU E 103 -14.54 -5.37 15.68
CA LEU E 103 -14.96 -4.89 17.00
C LEU E 103 -16.16 -5.72 17.50
N ALA E 104 -15.87 -6.95 17.92
CA ALA E 104 -16.92 -7.92 18.27
C ALA E 104 -17.36 -7.81 19.73
N ASP E 105 -17.74 -6.62 20.17
CA ASP E 105 -17.97 -6.39 21.59
C ASP E 105 -19.44 -6.34 21.95
N ASN E 106 -20.31 -6.83 21.07
CA ASN E 106 -21.65 -7.23 21.48
C ASN E 106 -22.01 -8.43 20.62
N LEU E 107 -23.15 -9.05 20.90
CA LEU E 107 -23.48 -10.35 20.32
C LEU E 107 -23.76 -10.24 18.84
N LEU E 108 -24.36 -9.13 18.42
CA LEU E 108 -24.59 -8.95 17.00
C LEU E 108 -23.26 -8.84 16.25
N ARG E 109 -22.35 -8.01 16.75
CA ARG E 109 -21.05 -7.89 16.12
C ARG E 109 -20.28 -9.20 16.22
N ARG E 110 -20.41 -9.89 17.35
CA ARG E 110 -19.70 -11.15 17.54
C ARG E 110 -20.17 -12.20 16.55
N VAL E 111 -21.50 -12.27 16.34
CA VAL E 111 -22.12 -13.24 15.40
C VAL E 111 -21.48 -13.07 14.01
N ALA E 112 -21.35 -11.83 13.55
CA ALA E 112 -20.77 -11.56 12.23
C ALA E 112 -19.29 -11.96 12.19
N ASP E 113 -18.54 -11.61 13.25
CA ASP E 113 -17.13 -11.97 13.31
C ASP E 113 -16.92 -13.47 13.35
N VAL E 114 -17.86 -14.21 13.95
CA VAL E 114 -17.73 -15.66 14.00
C VAL E 114 -17.93 -16.25 12.60
N ALA E 115 -18.87 -15.70 11.83
CA ALA E 115 -19.07 -16.19 10.47
C ALA E 115 -17.80 -15.98 9.65
N LEU E 116 -17.19 -14.79 9.74
CA LEU E 116 -15.99 -14.53 8.97
C LEU E 116 -14.84 -15.46 9.38
N LYS E 117 -14.70 -15.70 10.69
CA LYS E 117 -13.56 -16.53 11.10
C LYS E 117 -13.79 -17.99 10.76
N GLU E 118 -15.04 -18.45 10.81
CA GLU E 118 -15.32 -19.82 10.41
C GLU E 118 -15.52 -19.95 8.90
N LYS E 119 -15.50 -18.85 8.15
CA LYS E 119 -15.77 -18.87 6.71
C LYS E 119 -17.12 -19.49 6.41
N ARG E 120 -18.09 -19.15 7.22
CA ARG E 120 -19.46 -19.47 6.88
C ARG E 120 -20.11 -18.25 6.28
N PRO E 121 -21.22 -18.40 5.56
CA PRO E 121 -21.81 -17.23 4.89
C PRO E 121 -22.20 -16.13 5.86
N LEU E 122 -21.89 -14.90 5.47
CA LEU E 122 -22.31 -13.70 6.16
C LEU E 122 -22.86 -12.76 5.11
N ILE E 123 -24.12 -12.37 5.27
CA ILE E 123 -24.80 -11.49 4.33
C ILE E 123 -25.11 -10.20 5.06
N LEU E 124 -24.66 -9.09 4.50
CA LEU E 124 -24.88 -7.78 5.09
C LEU E 124 -25.82 -7.02 4.18
N VAL E 125 -26.85 -6.44 4.77
CA VAL E 125 -27.81 -5.64 4.02
C VAL E 125 -27.64 -4.19 4.47
N PRO E 126 -26.56 -3.53 4.06
CA PRO E 126 -26.30 -2.16 4.55
C PRO E 126 -27.22 -1.16 3.89
N ARG E 127 -27.71 -0.22 4.70
CA ARG E 127 -28.58 0.83 4.18
C ARG E 127 -28.08 2.18 4.67
N GLU E 128 -27.61 3.00 3.73
CA GLU E 128 -27.21 4.37 4.02
C GLU E 128 -27.11 5.09 2.68
N ALA E 129 -27.49 6.36 2.65
CA ALA E 129 -27.30 7.11 1.42
C ALA E 129 -27.19 8.60 1.71
N PRO E 130 -26.21 9.28 1.08
CA PRO E 130 -25.15 8.70 0.24
C PRO E 130 -24.17 7.86 1.04
N LEU E 131 -23.34 7.11 0.33
CA LEU E 131 -22.25 6.35 0.94
C LEU E 131 -20.97 7.15 0.81
N SER E 132 -20.39 7.50 1.96
CA SER E 132 -19.14 8.24 1.95
C SER E 132 -17.96 7.30 1.68
N ALA E 133 -16.80 7.88 1.39
CA ALA E 133 -15.58 7.09 1.20
C ALA E 133 -15.27 6.24 2.43
N ILE E 134 -15.50 6.79 3.63
CA ILE E 134 -15.24 6.01 4.84
C ILE E 134 -16.10 4.75 4.85
N HIS E 135 -17.37 4.89 4.51
CA HIS E 135 -18.26 3.72 4.54
C HIS E 135 -17.95 2.75 3.41
N LEU E 136 -17.63 3.29 2.22
CA LEU E 136 -17.33 2.40 1.09
C LEU E 136 -16.07 1.60 1.37
N GLU E 137 -15.10 2.20 2.04
CA GLU E 137 -13.88 1.47 2.37
C GLU E 137 -14.18 0.30 3.31
N ASN E 138 -15.04 0.51 4.30
CA ASN E 138 -15.47 -0.59 5.19
C ASN E 138 -16.18 -1.70 4.39
N LEU E 139 -17.09 -1.32 3.49
CA LEU E 139 -17.80 -2.30 2.66
C LEU E 139 -16.82 -3.09 1.80
N LEU E 140 -15.91 -2.37 1.13
CA LEU E 140 -14.86 -3.01 0.35
C LEU E 140 -14.10 -4.05 1.17
N LYS E 141 -13.62 -3.65 2.36
CA LYS E 141 -12.83 -4.57 3.17
C LYS E 141 -13.66 -5.80 3.56
N LEU E 142 -14.94 -5.59 3.88
CA LEU E 142 -15.80 -6.73 4.19
C LEU E 142 -16.01 -7.62 2.97
N ALA E 143 -16.21 -7.04 1.77
CA ALA E 143 -16.33 -7.89 0.58
C ALA E 143 -15.06 -8.69 0.33
N GLN E 144 -13.89 -8.06 0.53
CA GLN E 144 -12.63 -8.80 0.34
C GLN E 144 -12.43 -9.88 1.38
N ASN E 145 -13.14 -9.83 2.50
CA ASN E 145 -13.02 -10.85 3.53
C ASN E 145 -14.14 -11.87 3.44
N GLY E 146 -14.95 -11.79 2.40
CA GLY E 146 -15.89 -12.85 2.10
C GLY E 146 -17.33 -12.53 2.41
N ALA E 147 -17.59 -11.40 3.05
CA ALA E 147 -18.97 -11.00 3.32
C ALA E 147 -19.67 -10.73 2.00
N VAL E 148 -20.94 -11.09 1.92
CA VAL E 148 -21.78 -10.70 0.80
C VAL E 148 -22.37 -9.34 1.14
N ILE E 149 -22.18 -8.38 0.25
CA ILE E 149 -22.66 -7.02 0.44
C ILE E 149 -23.90 -6.84 -0.40
N LEU E 150 -25.07 -6.83 0.24
CA LEU E 150 -26.34 -6.82 -0.48
C LEU E 150 -27.18 -5.62 -0.05
N PRO E 151 -26.90 -4.45 -0.61
CA PRO E 151 -27.71 -3.28 -0.28
C PRO E 151 -29.13 -3.49 -0.76
N PRO E 152 -30.18 -2.98 0.03
CA PRO E 152 -31.59 -3.27 -0.28
C PRO E 152 -32.06 -2.38 -1.41
N MET E 153 -31.71 -2.76 -2.62
CA MET E 153 -32.10 -1.92 -3.75
C MET E 153 -33.29 -2.52 -4.49
N PRO E 154 -34.30 -1.71 -4.78
CA PRO E 154 -35.52 -2.23 -5.41
C PRO E 154 -35.23 -2.87 -6.76
N ILE E 155 -35.95 -3.95 -7.03
CA ILE E 155 -35.77 -4.74 -8.25
C ILE E 155 -36.92 -4.35 -9.17
N TRP E 156 -36.70 -3.30 -9.96
CA TRP E 156 -37.79 -2.74 -10.75
C TRP E 156 -38.13 -3.56 -11.98
N TYR E 157 -37.26 -4.46 -12.42
CA TYR E 157 -37.68 -5.26 -13.58
C TYR E 157 -38.67 -6.34 -13.21
N PHE E 158 -39.10 -6.40 -11.94
CA PHE E 158 -40.24 -7.19 -11.54
C PHE E 158 -41.54 -6.38 -11.51
N LYS E 159 -41.47 -5.09 -11.83
CA LYS E 159 -42.62 -4.20 -11.80
C LYS E 159 -43.43 -4.28 -10.51
N PRO E 160 -42.82 -3.99 -9.36
CA PRO E 160 -43.62 -3.92 -8.13
C PRO E 160 -44.66 -2.81 -8.24
N GLN E 161 -45.79 -3.04 -7.56
CA GLN E 161 -46.84 -2.04 -7.43
C GLN E 161 -46.89 -1.45 -6.03
N THR E 162 -46.79 -2.30 -5.01
CA THR E 162 -46.89 -1.91 -3.62
C THR E 162 -45.51 -1.86 -2.99
N ALA E 163 -45.43 -1.20 -1.82
CA ALA E 163 -44.20 -1.19 -1.05
C ALA E 163 -43.82 -2.59 -0.59
N GLU E 164 -44.82 -3.39 -0.19
CA GLU E 164 -44.56 -4.77 0.23
C GLU E 164 -43.94 -5.59 -0.89
N ASP E 165 -44.34 -5.36 -2.14
CA ASP E 165 -43.71 -6.02 -3.28
C ASP E 165 -42.20 -5.79 -3.28
N ILE E 166 -41.79 -4.55 -3.07
CA ILE E 166 -40.36 -4.24 -3.11
C ILE E 166 -39.63 -4.91 -1.97
N ALA E 167 -40.21 -4.87 -0.76
CA ALA E 167 -39.58 -5.56 0.37
C ALA E 167 -39.48 -7.06 0.10
N ASN E 168 -40.57 -7.65 -0.42
CA ASN E 168 -40.59 -9.09 -0.70
C ASN E 168 -39.53 -9.49 -1.73
N ASP E 169 -39.40 -8.72 -2.82
CA ASP E 169 -38.40 -9.05 -3.84
C ASP E 169 -36.99 -8.99 -3.26
N ILE E 170 -36.70 -7.96 -2.48
CA ILE E 170 -35.38 -7.84 -1.85
C ILE E 170 -35.10 -9.03 -0.93
N VAL E 171 -36.10 -9.42 -0.12
CA VAL E 171 -35.89 -10.60 0.72
C VAL E 171 -35.76 -11.86 -0.16
N GLY E 172 -36.44 -11.87 -1.31
CA GLY E 172 -36.24 -12.95 -2.26
C GLY E 172 -34.78 -13.11 -2.64
N LYS E 173 -34.07 -12.00 -2.83
CA LYS E 173 -32.68 -12.10 -3.26
C LYS E 173 -31.78 -12.64 -2.14
N ILE E 174 -32.08 -12.31 -0.87
CA ILE E 174 -31.35 -12.91 0.25
C ILE E 174 -31.54 -14.43 0.25
N LEU E 175 -32.79 -14.87 0.08
CA LEU E 175 -33.06 -16.31 0.08
C LEU E 175 -32.36 -16.98 -1.10
N ALA E 176 -32.27 -16.27 -2.24
CA ALA E 176 -31.52 -16.83 -3.36
C ALA E 176 -30.05 -16.99 -3.01
N ILE E 177 -29.48 -16.01 -2.28
CA ILE E 177 -28.10 -16.14 -1.83
C ILE E 177 -27.96 -17.33 -0.89
N LEU E 178 -28.97 -17.54 -0.02
CA LEU E 178 -29.01 -18.69 0.88
C LEU E 178 -29.29 -19.99 0.16
N GLN E 179 -29.51 -19.91 -1.17
CA GLN E 179 -29.83 -21.07 -1.97
C GLN E 179 -31.02 -21.81 -1.38
N LEU E 180 -32.02 -21.05 -0.96
CA LEU E 180 -33.26 -21.60 -0.46
C LEU E 180 -34.34 -21.47 -1.53
N ASP E 181 -35.17 -22.50 -1.64
CA ASP E 181 -36.35 -22.40 -2.46
C ASP E 181 -37.42 -21.62 -1.71
N SER E 182 -38.05 -20.66 -2.39
CA SER E 182 -39.08 -19.85 -1.74
C SER E 182 -39.92 -19.12 -2.76
N PRO E 183 -41.23 -18.98 -2.54
CA PRO E 183 -42.07 -18.23 -3.49
C PRO E 183 -41.76 -16.73 -3.55
N LEU E 184 -40.97 -16.18 -2.65
CA LEU E 184 -40.60 -14.78 -2.81
C LEU E 184 -39.50 -14.58 -3.85
N ILE E 185 -38.92 -15.65 -4.39
CA ILE E 185 -37.89 -15.54 -5.42
C ILE E 185 -38.58 -15.50 -6.77
N LYS E 186 -38.02 -14.76 -7.72
CA LYS E 186 -38.52 -14.75 -9.10
C LYS E 186 -37.33 -14.74 -10.05
N MET F 1 -27.76 -32.91 -14.55
CA MET F 1 -27.41 -31.96 -15.60
C MET F 1 -27.03 -30.62 -15.00
N LYS F 2 -25.78 -30.24 -15.17
CA LYS F 2 -25.30 -28.94 -14.75
C LYS F 2 -25.32 -27.98 -15.95
N ARG F 3 -25.12 -26.70 -15.66
CA ARG F 3 -25.28 -25.66 -16.67
C ARG F 3 -24.03 -24.81 -16.67
N TYR F 4 -23.31 -24.80 -17.79
CA TYR F 4 -22.08 -24.04 -17.89
C TYR F 4 -22.24 -22.87 -18.86
N VAL F 5 -21.45 -21.84 -18.62
CA VAL F 5 -21.27 -20.75 -19.57
C VAL F 5 -19.84 -20.82 -20.04
N VAL F 6 -19.64 -20.93 -21.33
CA VAL F 6 -18.34 -20.90 -21.93
C VAL F 6 -18.28 -19.66 -22.79
N GLY F 7 -17.41 -18.73 -22.42
CA GLY F 7 -17.16 -17.54 -23.20
C GLY F 7 -15.89 -17.73 -24.01
N ILE F 8 -15.99 -17.41 -25.29
CA ILE F 8 -14.89 -17.60 -26.24
C ILE F 8 -14.40 -16.23 -26.65
N SER F 9 -13.24 -15.86 -26.13
CA SER F 9 -12.62 -14.58 -26.39
C SER F 9 -11.62 -14.75 -27.52
N GLY F 10 -11.15 -13.63 -28.03
CA GLY F 10 -10.39 -13.62 -29.26
C GLY F 10 -8.92 -13.82 -29.01
N ALA F 11 -8.52 -15.06 -28.79
CA ALA F 11 -7.12 -15.38 -28.57
C ALA F 11 -6.87 -16.76 -29.17
N SER F 12 -5.59 -17.07 -29.39
CA SER F 12 -5.21 -18.35 -29.97
C SER F 12 -5.58 -19.50 -29.04
N GLY F 13 -6.10 -20.58 -29.61
CA GLY F 13 -6.40 -21.77 -28.81
C GLY F 13 -7.87 -22.14 -28.76
N ILE F 14 -8.62 -21.72 -29.77
CA ILE F 14 -10.07 -21.97 -29.74
C ILE F 14 -10.36 -23.47 -29.76
N VAL F 15 -9.41 -24.28 -30.24
CA VAL F 15 -9.56 -25.72 -30.10
C VAL F 15 -9.84 -26.11 -28.65
N LEU F 16 -9.29 -25.38 -27.68
CA LEU F 16 -9.60 -25.69 -26.28
C LEU F 16 -11.09 -25.52 -25.99
N ALA F 17 -11.69 -24.44 -26.49
CA ALA F 17 -13.12 -24.23 -26.26
C ALA F 17 -13.95 -25.31 -26.95
N VAL F 18 -13.57 -25.66 -28.17
CA VAL F 18 -14.27 -26.72 -28.90
C VAL F 18 -14.27 -28.00 -28.10
N THR F 19 -13.09 -28.45 -27.64
CA THR F 19 -13.09 -29.74 -26.98
C THR F 19 -13.64 -29.66 -25.56
N LEU F 20 -13.63 -28.48 -24.93
CA LEU F 20 -14.30 -28.37 -23.64
C LEU F 20 -15.82 -28.48 -23.81
N VAL F 21 -16.39 -27.74 -24.77
CA VAL F 21 -17.83 -27.77 -24.97
C VAL F 21 -18.31 -29.17 -25.32
N SER F 22 -17.62 -29.85 -26.25
CA SER F 22 -18.13 -31.16 -26.67
C SER F 22 -18.01 -32.18 -25.54
N GLU F 23 -16.99 -32.07 -24.71
CA GLU F 23 -16.90 -33.00 -23.59
C GLU F 23 -17.95 -32.68 -22.53
N LEU F 24 -18.20 -31.40 -22.27
CA LEU F 24 -19.29 -31.03 -21.36
C LEU F 24 -20.65 -31.55 -21.88
N ALA F 25 -20.89 -31.42 -23.19
CA ALA F 25 -22.14 -31.92 -23.75
C ALA F 25 -22.17 -33.44 -23.74
N ARG F 26 -21.03 -34.07 -23.98
CA ARG F 26 -21.02 -35.54 -23.97
C ARG F 26 -21.32 -36.09 -22.57
N LEU F 27 -20.95 -35.36 -21.51
CA LEU F 27 -21.25 -35.78 -20.15
C LEU F 27 -22.69 -35.53 -19.77
N GLY F 28 -23.46 -34.86 -20.62
CA GLY F 28 -24.87 -34.67 -20.41
C GLY F 28 -25.25 -33.29 -19.94
N HIS F 29 -24.34 -32.34 -19.99
CA HIS F 29 -24.56 -31.02 -19.41
C HIS F 29 -25.03 -30.04 -20.47
N HIS F 30 -25.56 -28.92 -19.99
CA HIS F 30 -26.01 -27.83 -20.84
C HIS F 30 -24.95 -26.75 -20.85
N ILE F 31 -24.68 -26.19 -22.03
CA ILE F 31 -23.67 -25.16 -22.21
C ILE F 31 -24.28 -23.98 -22.97
N ASP F 32 -24.29 -22.81 -22.34
CA ASP F 32 -24.49 -21.54 -23.01
C ASP F 32 -23.14 -21.04 -23.50
N VAL F 33 -23.03 -20.81 -24.81
CA VAL F 33 -21.77 -20.44 -25.45
C VAL F 33 -21.88 -19.02 -25.98
N ILE F 34 -20.90 -18.18 -25.63
CA ILE F 34 -20.81 -16.79 -26.09
C ILE F 34 -19.49 -16.66 -26.85
N ILE F 35 -19.57 -16.28 -28.12
CA ILE F 35 -18.39 -16.19 -28.97
C ILE F 35 -18.21 -14.73 -29.40
N SER F 36 -17.05 -14.17 -29.12
CA SER F 36 -16.79 -12.81 -29.54
C SER F 36 -16.56 -12.75 -31.04
N PRO F 37 -16.84 -11.60 -31.65
CA PRO F 37 -16.45 -11.40 -33.06
C PRO F 37 -14.99 -11.73 -33.36
N SER F 38 -14.07 -11.41 -32.45
CA SER F 38 -12.66 -11.74 -32.67
C SER F 38 -12.44 -13.25 -32.62
N ALA F 39 -13.23 -13.98 -31.84
CA ALA F 39 -13.06 -15.43 -31.74
C ALA F 39 -13.56 -16.13 -33.00
N GLN F 40 -14.52 -15.53 -33.69
CA GLN F 40 -15.05 -16.15 -34.91
C GLN F 40 -13.97 -16.22 -35.99
N LYS F 41 -13.16 -15.17 -36.12
CA LYS F 41 -12.08 -15.19 -37.11
C LYS F 41 -10.98 -16.17 -36.71
N THR F 42 -10.62 -16.21 -35.42
CA THR F 42 -9.66 -17.21 -34.95
C THR F 42 -10.17 -18.62 -35.21
N LEU F 43 -11.49 -18.80 -35.18
CA LEU F 43 -12.08 -20.10 -35.48
C LEU F 43 -11.78 -20.54 -36.92
N TYR F 44 -11.85 -19.62 -37.88
CA TYR F 44 -11.59 -19.98 -39.27
C TYR F 44 -10.11 -20.20 -39.52
N TYR F 45 -9.26 -19.33 -38.97
CA TYR F 45 -7.81 -19.50 -39.09
C TYR F 45 -7.37 -20.82 -38.50
N GLU F 46 -7.79 -21.11 -37.28
CA GLU F 46 -7.21 -22.23 -36.54
C GLU F 46 -7.94 -23.54 -36.79
N LEU F 47 -9.25 -23.51 -37.07
CA LEU F 47 -10.03 -24.72 -37.28
C LEU F 47 -10.66 -24.83 -38.67
N ASP F 48 -10.43 -23.87 -39.57
CA ASP F 48 -10.89 -23.95 -40.96
C ASP F 48 -12.41 -23.98 -41.07
N THR F 49 -13.11 -23.22 -40.24
CA THR F 49 -14.56 -23.16 -40.40
C THR F 49 -15.11 -21.85 -39.83
N LYS F 50 -16.27 -21.49 -40.38
CA LYS F 50 -17.03 -20.33 -39.93
C LYS F 50 -17.94 -20.69 -38.76
N SER F 51 -18.32 -21.96 -38.66
CA SER F 51 -19.40 -22.42 -37.80
C SER F 51 -18.80 -23.12 -36.59
N PHE F 52 -18.92 -22.49 -35.42
CA PHE F 52 -18.56 -23.19 -34.19
C PHE F 52 -19.31 -24.51 -34.06
N LEU F 53 -20.61 -24.51 -34.39
CA LEU F 53 -21.39 -25.73 -34.21
C LEU F 53 -20.97 -26.84 -35.17
N SER F 54 -20.32 -26.51 -36.28
CA SER F 54 -19.82 -27.55 -37.17
C SER F 54 -18.59 -28.25 -36.60
N THR F 55 -18.05 -27.79 -35.47
CA THR F 55 -16.96 -28.51 -34.80
C THR F 55 -17.48 -29.40 -33.68
N ILE F 56 -18.77 -29.37 -33.41
CA ILE F 56 -19.37 -30.13 -32.31
C ILE F 56 -20.22 -31.23 -32.93
N PRO F 57 -20.22 -32.45 -32.37
CA PRO F 57 -21.11 -33.49 -32.89
C PRO F 57 -22.57 -33.08 -32.83
N GLN F 58 -23.30 -33.38 -33.91
CA GLN F 58 -24.68 -32.92 -34.07
C GLN F 58 -25.62 -33.44 -32.97
N ASN F 59 -25.32 -34.61 -32.39
CA ASN F 59 -26.13 -35.12 -31.28
C ASN F 59 -26.09 -34.23 -30.05
N PHE F 60 -25.09 -33.36 -29.94
CA PHE F 60 -24.90 -32.50 -28.77
C PHE F 60 -25.51 -31.11 -28.94
N HIS F 61 -25.93 -30.73 -30.15
CA HIS F 61 -26.38 -29.36 -30.43
C HIS F 61 -27.59 -28.95 -29.57
N ASN F 62 -28.48 -29.89 -29.26
CA ASN F 62 -29.65 -29.60 -28.42
C ASN F 62 -29.28 -29.27 -26.97
N GLN F 63 -28.02 -29.47 -26.55
CA GLN F 63 -27.57 -29.10 -25.22
C GLN F 63 -26.77 -27.80 -25.22
N ILE F 64 -26.67 -27.14 -26.37
CA ILE F 64 -25.86 -25.94 -26.53
C ILE F 64 -26.77 -24.82 -27.01
N VAL F 65 -26.58 -23.64 -26.42
CA VAL F 65 -27.30 -22.44 -26.83
C VAL F 65 -26.25 -21.37 -27.15
N LEU F 66 -26.27 -20.86 -28.38
CA LEU F 66 -25.36 -19.79 -28.77
C LEU F 66 -26.00 -18.44 -28.46
N HIS F 67 -25.23 -17.56 -27.83
CA HIS F 67 -25.67 -16.19 -27.59
C HIS F 67 -24.74 -15.21 -28.28
N HIS F 68 -25.34 -14.15 -28.83
CA HIS F 68 -24.58 -13.07 -29.45
C HIS F 68 -23.90 -12.24 -28.37
N ILE F 69 -22.67 -11.80 -28.65
CA ILE F 69 -21.92 -11.05 -27.64
C ILE F 69 -22.59 -9.72 -27.29
N SER F 70 -23.53 -9.24 -28.11
CA SER F 70 -24.11 -7.93 -27.86
C SER F 70 -25.40 -7.98 -27.06
N SER F 71 -25.96 -9.16 -26.80
CA SER F 71 -27.26 -9.25 -26.14
C SER F 71 -27.08 -9.33 -24.63
N GLU F 73 -28.91 -8.15 -22.59
CA GLU F 73 -30.22 -8.29 -21.98
C GLU F 73 -30.53 -9.72 -21.53
N SER F 74 -29.65 -10.67 -21.86
CA SER F 74 -29.97 -12.10 -21.87
C SER F 74 -30.09 -12.67 -20.45
N SER F 75 -30.55 -13.93 -20.38
CA SER F 75 -30.82 -14.57 -19.10
C SER F 75 -29.56 -15.05 -18.39
N VAL F 76 -28.47 -15.30 -19.13
CA VAL F 76 -27.18 -15.53 -18.49
C VAL F 76 -26.59 -14.24 -17.93
N SER F 77 -27.24 -13.10 -18.15
CA SER F 77 -26.85 -11.83 -17.51
C SER F 77 -27.39 -11.77 -16.08
N THR F 82 -29.41 -20.27 -12.19
CA THR F 82 -28.03 -20.18 -11.73
C THR F 82 -27.11 -21.17 -12.44
N ILE F 83 -25.89 -20.72 -12.63
CA ILE F 83 -24.87 -21.40 -13.42
C ILE F 83 -23.96 -22.17 -12.48
N ASP F 84 -23.55 -23.37 -12.89
CA ASP F 84 -22.60 -24.13 -12.09
C ASP F 84 -21.16 -23.62 -12.28
N ALA F 85 -20.81 -23.16 -13.47
CA ALA F 85 -19.50 -22.52 -13.65
C ALA F 85 -19.47 -21.76 -14.97
N THR F 86 -18.56 -20.81 -15.02
CA THR F 86 -18.31 -19.97 -16.18
C THR F 86 -16.84 -20.11 -16.55
N ILE F 87 -16.55 -20.41 -17.82
CA ILE F 87 -15.19 -20.58 -18.32
C ILE F 87 -14.98 -19.64 -19.50
N ILE F 88 -13.98 -18.76 -19.40
CA ILE F 88 -13.60 -17.90 -20.51
C ILE F 88 -12.35 -18.52 -21.12
N VAL F 89 -12.52 -19.18 -22.27
CA VAL F 89 -11.46 -19.93 -22.93
C VAL F 89 -11.61 -19.88 -24.44
N PRO F 90 -10.57 -19.44 -25.15
CA PRO F 90 -9.39 -18.75 -24.62
C PRO F 90 -9.79 -17.37 -24.10
N CYS F 91 -8.91 -16.73 -23.33
CA CYS F 91 -9.24 -15.45 -22.73
C CYS F 91 -8.17 -14.44 -23.12
N SER F 92 -8.52 -13.48 -23.99
CA SER F 92 -7.57 -12.47 -24.43
C SER F 92 -7.24 -11.50 -23.28
N VAL F 93 -6.16 -10.73 -23.46
CA VAL F 93 -5.74 -9.80 -22.40
C VAL F 93 -6.73 -8.66 -22.27
N ALA F 94 -7.36 -8.27 -23.38
CA ALA F 94 -8.39 -7.24 -23.32
C ALA F 94 -9.58 -7.68 -22.49
N THR F 95 -9.97 -8.95 -22.62
CA THR F 95 -11.06 -9.49 -21.82
C THR F 95 -10.66 -9.58 -20.35
N VAL F 96 -9.43 -10.04 -20.07
CA VAL F 96 -8.95 -10.05 -18.69
C VAL F 96 -8.99 -8.63 -18.10
N ALA F 97 -8.50 -7.65 -18.88
CA ALA F 97 -8.47 -6.28 -18.37
C ALA F 97 -9.88 -5.77 -18.07
N ALA F 98 -10.83 -6.04 -18.98
CA ALA F 98 -12.18 -5.51 -18.80
C ALA F 98 -12.83 -6.10 -17.56
N ILE F 99 -12.63 -7.41 -17.33
CA ILE F 99 -13.24 -8.08 -16.19
C ILE F 99 -12.59 -7.60 -14.90
N SER F 100 -11.28 -7.37 -14.91
CA SER F 100 -10.64 -6.91 -13.70
C SER F 100 -11.01 -5.47 -13.37
N CYS F 101 -11.38 -4.66 -14.36
CA CYS F 101 -11.84 -3.30 -14.09
C CYS F 101 -13.31 -3.23 -13.74
N GLY F 102 -14.06 -4.33 -13.89
CA GLY F 102 -15.50 -4.30 -13.73
C GLY F 102 -16.23 -3.74 -14.93
N LEU F 103 -15.60 -3.73 -16.09
CA LEU F 103 -16.16 -3.10 -17.29
C LEU F 103 -17.04 -4.10 -18.04
N ALA F 104 -18.26 -4.26 -17.52
CA ALA F 104 -19.18 -5.33 -17.94
C ALA F 104 -20.13 -4.83 -19.05
N ASP F 105 -19.57 -4.60 -20.22
CA ASP F 105 -20.36 -3.90 -21.23
C ASP F 105 -20.61 -4.73 -22.48
N ASN F 106 -20.44 -6.05 -22.39
CA ASN F 106 -20.93 -6.97 -23.41
C ASN F 106 -21.25 -8.27 -22.68
N LEU F 107 -21.96 -9.17 -23.37
CA LEU F 107 -22.48 -10.34 -22.68
C LEU F 107 -21.36 -11.21 -22.10
N LEU F 108 -20.22 -11.29 -22.78
CA LEU F 108 -19.12 -12.12 -22.26
C LEU F 108 -18.56 -11.52 -20.98
N ARG F 109 -18.35 -10.21 -20.96
CA ARG F 109 -17.86 -9.58 -19.75
C ARG F 109 -18.90 -9.65 -18.63
N ARG F 110 -20.18 -9.52 -18.98
CA ARG F 110 -21.19 -9.51 -17.95
C ARG F 110 -21.25 -10.86 -17.26
N VAL F 111 -21.21 -11.93 -18.04
CA VAL F 111 -21.36 -13.28 -17.50
C VAL F 111 -20.21 -13.56 -16.53
N ALA F 112 -19.01 -13.07 -16.85
CA ALA F 112 -17.88 -13.22 -15.93
C ALA F 112 -18.07 -12.39 -14.67
N ASP F 113 -18.54 -11.15 -14.82
CA ASP F 113 -18.88 -10.30 -13.68
C ASP F 113 -19.94 -10.95 -12.79
N VAL F 114 -20.98 -11.54 -13.40
CA VAL F 114 -22.03 -12.19 -12.63
C VAL F 114 -21.46 -13.32 -11.78
N ALA F 115 -20.53 -14.09 -12.35
CA ALA F 115 -19.93 -15.18 -11.58
C ALA F 115 -19.19 -14.66 -10.36
N LEU F 116 -18.39 -13.59 -10.54
CA LEU F 116 -17.69 -13.02 -9.39
C LEU F 116 -18.69 -12.48 -8.36
N LYS F 117 -19.72 -11.77 -8.81
CA LYS F 117 -20.70 -11.18 -7.90
C LYS F 117 -21.44 -12.25 -7.09
N GLU F 118 -21.75 -13.38 -7.72
CA GLU F 118 -22.48 -14.45 -7.05
C GLU F 118 -21.55 -15.45 -6.39
N LYS F 119 -20.23 -15.26 -6.50
CA LYS F 119 -19.24 -16.17 -5.93
C LYS F 119 -19.40 -17.57 -6.50
N ARG F 120 -19.60 -17.64 -7.80
CA ARG F 120 -19.65 -18.92 -8.46
C ARG F 120 -18.39 -19.09 -9.31
N PRO F 121 -18.01 -20.31 -9.61
CA PRO F 121 -16.73 -20.54 -10.30
C PRO F 121 -16.62 -19.75 -11.59
N LEU F 122 -15.48 -19.05 -11.73
CA LEU F 122 -15.07 -18.41 -12.96
C LEU F 122 -13.65 -18.89 -13.26
N ILE F 123 -13.51 -19.64 -14.34
CA ILE F 123 -12.20 -20.11 -14.80
C ILE F 123 -11.81 -19.29 -16.01
N LEU F 124 -10.64 -18.65 -15.94
CA LEU F 124 -10.06 -17.88 -17.05
C LEU F 124 -8.88 -18.66 -17.63
N VAL F 125 -8.84 -18.76 -18.95
CA VAL F 125 -7.71 -19.45 -19.60
C VAL F 125 -6.96 -18.41 -20.41
N PRO F 126 -6.15 -17.56 -19.76
CA PRO F 126 -5.45 -16.49 -20.50
C PRO F 126 -4.31 -17.06 -21.31
N ARG F 127 -4.14 -16.50 -22.50
CA ARG F 127 -3.11 -16.97 -23.44
C ARG F 127 -2.38 -15.74 -24.00
N GLU F 128 -1.37 -15.29 -23.28
CA GLU F 128 -0.53 -14.20 -23.75
C GLU F 128 0.88 -14.48 -23.25
N ALA F 129 1.87 -14.30 -24.12
CA ALA F 129 3.24 -14.58 -23.77
C ALA F 129 4.12 -13.73 -24.65
N PRO F 130 5.03 -12.93 -24.08
CA PRO F 130 5.21 -12.68 -22.63
C PRO F 130 4.05 -11.92 -21.98
N LEU F 131 3.96 -12.03 -20.65
CA LEU F 131 3.00 -11.29 -19.85
C LEU F 131 3.68 -10.07 -19.25
N SER F 132 3.22 -8.89 -19.65
CA SER F 132 3.74 -7.64 -19.09
C SER F 132 3.26 -7.45 -17.65
N ALA F 133 3.85 -6.47 -16.98
CA ALA F 133 3.43 -6.13 -15.61
C ALA F 133 1.96 -5.72 -15.56
N ILE F 134 1.50 -4.97 -16.55
CA ILE F 134 0.10 -4.54 -16.55
C ILE F 134 -0.81 -5.76 -16.63
N HIS F 135 -0.49 -6.72 -17.49
CA HIS F 135 -1.36 -7.87 -17.59
C HIS F 135 -1.27 -8.76 -16.36
N LEU F 136 -0.09 -8.85 -15.73
CA LEU F 136 0.01 -9.69 -14.54
C LEU F 136 -0.77 -9.05 -13.39
N GLU F 137 -0.77 -7.72 -13.29
CA GLU F 137 -1.55 -7.05 -12.26
C GLU F 137 -3.04 -7.36 -12.40
N ASN F 138 -3.58 -7.29 -13.62
CA ASN F 138 -4.99 -7.62 -13.82
C ASN F 138 -5.29 -9.06 -13.42
N LEU F 139 -4.40 -9.98 -13.80
CA LEU F 139 -4.54 -11.38 -13.42
C LEU F 139 -4.50 -11.53 -11.91
N LEU F 140 -3.59 -10.80 -11.25
CA LEU F 140 -3.50 -10.90 -9.81
C LEU F 140 -4.80 -10.46 -9.17
N LYS F 141 -5.36 -9.35 -9.65
CA LYS F 141 -6.57 -8.79 -9.07
C LYS F 141 -7.74 -9.75 -9.20
N LEU F 142 -7.80 -10.46 -10.32
CA LEU F 142 -8.90 -11.41 -10.51
C LEU F 142 -8.71 -12.65 -9.63
N ALA F 143 -7.47 -13.13 -9.47
CA ALA F 143 -7.26 -14.27 -8.58
C ALA F 143 -7.61 -13.90 -7.13
N GLN F 144 -7.37 -12.65 -6.73
CA GLN F 144 -7.74 -12.23 -5.38
C GLN F 144 -9.24 -12.08 -5.22
N ASN F 145 -9.97 -11.90 -6.33
CA ASN F 145 -11.42 -11.82 -6.29
C ASN F 145 -12.09 -13.16 -6.58
N GLY F 146 -11.35 -14.26 -6.55
CA GLY F 146 -11.93 -15.58 -6.65
C GLY F 146 -11.81 -16.29 -7.99
N ALA F 147 -11.44 -15.59 -9.06
CA ALA F 147 -11.28 -16.26 -10.35
C ALA F 147 -10.14 -17.26 -10.31
N VAL F 148 -10.32 -18.39 -10.99
CA VAL F 148 -9.25 -19.36 -11.19
C VAL F 148 -8.50 -18.95 -12.46
N ILE F 149 -7.20 -18.68 -12.33
CA ILE F 149 -6.35 -18.31 -13.45
C ILE F 149 -5.65 -19.58 -13.93
N LEU F 150 -6.00 -20.03 -15.12
CA LEU F 150 -5.63 -21.36 -15.63
C LEU F 150 -5.06 -21.20 -17.03
N PRO F 151 -3.79 -20.79 -17.15
CA PRO F 151 -3.18 -20.69 -18.48
C PRO F 151 -3.03 -22.05 -19.12
N PRO F 152 -3.07 -22.13 -20.42
CA PRO F 152 -3.01 -23.46 -21.09
C PRO F 152 -1.57 -23.94 -21.11
N MET F 153 -1.17 -24.56 -20.00
CA MET F 153 0.21 -24.98 -19.80
C MET F 153 0.32 -26.43 -20.19
N PRO F 154 1.05 -26.79 -21.25
CA PRO F 154 1.16 -28.19 -21.63
C PRO F 154 1.57 -29.07 -20.47
N ILE F 155 0.98 -30.27 -20.40
CA ILE F 155 1.31 -31.22 -19.34
C ILE F 155 2.25 -32.27 -19.89
N TRP F 156 3.55 -31.98 -19.87
CA TRP F 156 4.50 -32.85 -20.56
C TRP F 156 4.72 -34.16 -19.82
N TYR F 157 4.46 -34.22 -18.51
CA TYR F 157 4.65 -35.50 -17.82
C TYR F 157 3.61 -36.54 -18.21
N PHE F 158 2.60 -36.19 -19.00
CA PHE F 158 1.79 -37.21 -19.64
C PHE F 158 2.36 -37.68 -20.97
N LYS F 159 3.52 -37.15 -21.34
CA LYS F 159 4.21 -37.52 -22.58
C LYS F 159 3.27 -37.51 -23.79
N PRO F 160 2.68 -36.36 -24.11
CA PRO F 160 1.81 -36.28 -25.29
C PRO F 160 2.62 -36.51 -26.56
N GLN F 161 1.97 -37.06 -27.57
CA GLN F 161 2.59 -37.26 -28.88
C GLN F 161 2.10 -36.29 -29.94
N THR F 162 0.82 -36.00 -29.95
CA THR F 162 0.18 -35.17 -30.96
C THR F 162 -0.17 -33.81 -30.36
N ALA F 163 -0.46 -32.85 -31.24
CA ALA F 163 -0.96 -31.57 -30.76
C ALA F 163 -2.29 -31.76 -30.04
N GLU F 164 -3.12 -32.68 -30.54
CA GLU F 164 -4.40 -32.90 -29.89
C GLU F 164 -4.23 -33.46 -28.49
N ASP F 165 -3.26 -34.36 -28.30
CA ASP F 165 -2.90 -34.83 -26.96
C ASP F 165 -2.70 -33.66 -26.01
N ILE F 166 -1.86 -32.70 -26.38
CA ILE F 166 -1.60 -31.57 -25.50
C ILE F 166 -2.91 -30.84 -25.20
N ALA F 167 -3.72 -30.62 -26.24
CA ALA F 167 -4.96 -29.89 -26.06
C ALA F 167 -5.94 -30.67 -25.17
N ASN F 168 -6.08 -31.99 -25.40
CA ASN F 168 -7.02 -32.77 -24.58
C ASN F 168 -6.63 -32.77 -23.11
N ASP F 169 -5.32 -32.78 -22.81
CA ASP F 169 -4.89 -32.84 -21.42
C ASP F 169 -5.12 -31.50 -20.73
N ILE F 170 -4.96 -30.40 -21.46
CA ILE F 170 -5.31 -29.09 -20.92
C ILE F 170 -6.79 -29.04 -20.58
N VAL F 171 -7.65 -29.49 -21.50
CA VAL F 171 -9.09 -29.46 -21.20
C VAL F 171 -9.38 -30.38 -20.01
N GLY F 172 -8.68 -31.51 -19.94
CA GLY F 172 -8.78 -32.35 -18.75
C GLY F 172 -8.54 -31.60 -17.45
N LYS F 173 -7.54 -30.72 -17.43
CA LYS F 173 -7.28 -29.93 -16.23
C LYS F 173 -8.47 -29.00 -15.92
N ILE F 174 -8.99 -28.32 -16.94
CA ILE F 174 -10.22 -27.54 -16.75
C ILE F 174 -11.32 -28.42 -16.17
N LEU F 175 -11.50 -29.62 -16.72
CA LEU F 175 -12.56 -30.49 -16.21
C LEU F 175 -12.28 -30.95 -14.78
N ALA F 176 -10.99 -31.07 -14.40
CA ALA F 176 -10.69 -31.37 -13.00
C ALA F 176 -11.07 -30.20 -12.11
N ILE F 177 -10.79 -28.97 -12.55
CA ILE F 177 -11.14 -27.80 -11.73
C ILE F 177 -12.66 -27.71 -11.58
N LEU F 178 -13.41 -28.11 -12.62
CA LEU F 178 -14.86 -28.23 -12.55
C LEU F 178 -15.34 -29.40 -11.69
N GLN F 179 -14.42 -30.15 -11.08
CA GLN F 179 -14.77 -31.34 -10.30
C GLN F 179 -15.69 -32.26 -11.10
N LEU F 180 -15.40 -32.39 -12.38
CA LEU F 180 -16.11 -33.33 -13.22
C LEU F 180 -15.26 -34.59 -13.38
N ASP F 181 -15.90 -35.74 -13.27
CA ASP F 181 -15.26 -37.02 -13.52
C ASP F 181 -15.35 -37.27 -15.03
N SER F 182 -14.24 -37.08 -15.73
CA SER F 182 -14.23 -37.24 -17.16
C SER F 182 -13.05 -38.08 -17.59
N PRO F 183 -13.22 -38.90 -18.65
CA PRO F 183 -12.10 -39.71 -19.14
C PRO F 183 -11.04 -38.92 -19.89
N LEU F 184 -11.27 -37.64 -20.20
CA LEU F 184 -10.16 -36.78 -20.63
C LEU F 184 -9.18 -36.46 -19.50
N ILE F 185 -9.49 -36.78 -18.26
CA ILE F 185 -8.57 -36.46 -17.18
C ILE F 185 -7.66 -37.65 -16.91
N LYS F 186 -6.35 -37.42 -16.97
CA LYS F 186 -5.39 -38.37 -16.46
C LYS F 186 -4.74 -37.79 -15.21
N ARG F 187 -4.23 -38.67 -14.37
CA ARG F 187 -3.71 -38.28 -13.07
C ARG F 187 -2.26 -38.75 -12.93
N TRP F 188 -1.50 -38.00 -12.15
CA TRP F 188 -0.07 -38.21 -12.02
C TRP F 188 0.29 -39.58 -11.44
N MET G 1 -29.45 34.16 11.47
CA MET G 1 -29.18 33.08 12.40
C MET G 1 -28.53 31.91 11.68
N LYS G 2 -27.75 31.12 12.42
CA LYS G 2 -27.18 29.89 11.90
C LYS G 2 -27.31 28.84 12.98
N ARG G 3 -27.28 27.58 12.57
CA ARG G 3 -27.39 26.47 13.50
C ARG G 3 -26.06 25.72 13.54
N TYR G 4 -25.54 25.51 14.75
CA TYR G 4 -24.29 24.79 14.92
C TYR G 4 -24.51 23.57 15.78
N VAL G 5 -23.66 22.57 15.59
CA VAL G 5 -23.65 21.40 16.44
C VAL G 5 -22.29 21.34 17.12
N VAL G 6 -22.31 21.33 18.44
CA VAL G 6 -21.09 21.24 19.22
C VAL G 6 -21.18 19.96 20.03
N GLY G 7 -20.34 18.99 19.68
CA GLY G 7 -20.18 17.80 20.49
C GLY G 7 -19.01 18.03 21.41
N ILE G 8 -19.21 17.76 22.68
CA ILE G 8 -18.15 17.93 23.67
C ILE G 8 -17.72 16.54 24.07
N SER G 9 -16.49 16.20 23.76
CA SER G 9 -15.93 14.89 24.03
C SER G 9 -14.92 14.99 25.16
N GLY G 10 -14.55 13.84 25.72
CA GLY G 10 -13.89 13.82 27.00
C GLY G 10 -12.39 14.08 27.01
N ALA G 11 -11.92 15.05 26.25
CA ALA G 11 -10.52 15.44 26.34
C ALA G 11 -10.41 16.68 27.22
N SER G 12 -9.18 17.03 27.57
CA SER G 12 -8.97 18.21 28.38
C SER G 12 -9.27 19.47 27.57
N GLY G 13 -9.80 20.49 28.24
CA GLY G 13 -10.08 21.76 27.57
C GLY G 13 -11.54 22.05 27.32
N ILE G 14 -12.42 21.58 28.21
CA ILE G 14 -13.85 21.92 28.15
C ILE G 14 -14.06 23.42 28.05
N VAL G 15 -13.20 24.21 28.71
CA VAL G 15 -13.31 25.67 28.65
C VAL G 15 -13.39 26.15 27.20
N LEU G 16 -12.75 25.41 26.28
CA LEU G 16 -12.86 25.76 24.86
C LEU G 16 -14.31 25.65 24.36
N ALA G 17 -15.00 24.58 24.75
CA ALA G 17 -16.39 24.40 24.33
C ALA G 17 -17.32 25.44 24.98
N VAL G 18 -17.13 25.70 26.27
CA VAL G 18 -17.85 26.78 26.94
C VAL G 18 -17.69 28.09 26.17
N THR G 19 -16.44 28.46 25.88
CA THR G 19 -16.18 29.73 25.22
C THR G 19 -16.82 29.77 23.84
N LEU G 20 -16.73 28.67 23.09
CA LEU G 20 -17.29 28.63 21.75
C LEU G 20 -18.81 28.76 21.76
N VAL G 21 -19.47 27.94 22.59
CA VAL G 21 -20.94 27.99 22.69
C VAL G 21 -21.40 29.35 23.19
N SER G 22 -20.64 29.95 24.11
CA SER G 22 -21.00 31.25 24.67
C SER G 22 -20.96 32.32 23.60
N GLU G 23 -19.89 32.34 22.82
CA GLU G 23 -19.73 33.36 21.80
C GLU G 23 -20.72 33.16 20.67
N LEU G 24 -20.92 31.91 20.25
CA LEU G 24 -21.93 31.63 19.22
C LEU G 24 -23.32 32.06 19.68
N ALA G 25 -23.68 31.76 20.93
CA ALA G 25 -24.93 32.28 21.47
C ALA G 25 -24.94 33.80 21.44
N ARG G 26 -23.84 34.43 21.85
CA ARG G 26 -23.83 35.90 21.92
C ARG G 26 -23.98 36.53 20.54
N LEU G 27 -23.58 35.83 19.49
CA LEU G 27 -23.71 36.37 18.14
C LEU G 27 -25.12 36.19 17.57
N GLY G 28 -25.99 35.45 18.26
CA GLY G 28 -27.36 35.27 17.83
C GLY G 28 -27.67 33.94 17.20
N HIS G 29 -26.78 32.95 17.31
CA HIS G 29 -26.96 31.67 16.64
C HIS G 29 -27.49 30.62 17.61
N HIS G 30 -27.92 29.49 17.03
CA HIS G 30 -28.48 28.36 17.77
C HIS G 30 -27.42 27.27 17.84
N ILE G 31 -27.32 26.61 18.99
CA ILE G 31 -26.32 25.56 19.17
C ILE G 31 -26.97 24.32 19.77
N ASP G 32 -26.86 23.19 19.07
CA ASP G 32 -27.21 21.88 19.60
C ASP G 32 -25.95 21.29 20.25
N VAL G 33 -26.02 21.03 21.55
CA VAL G 33 -24.86 20.58 22.29
C VAL G 33 -25.07 19.13 22.70
N ILE G 34 -24.05 18.31 22.47
CA ILE G 34 -24.04 16.91 22.85
C ILE G 34 -22.82 16.72 23.72
N ILE G 35 -23.05 16.27 24.96
CA ILE G 35 -21.98 16.12 25.94
C ILE G 35 -21.84 14.64 26.25
N SER G 36 -20.64 14.11 26.06
CA SER G 36 -20.42 12.71 26.39
C SER G 36 -20.29 12.54 27.90
N PRO G 37 -20.55 11.34 28.42
CA PRO G 37 -20.36 11.10 29.86
C PRO G 37 -18.91 11.34 30.31
N SER G 38 -17.93 11.02 29.47
CA SER G 38 -16.54 11.39 29.79
C SER G 38 -16.38 12.91 29.86
N ALA G 39 -16.97 13.63 28.91
CA ALA G 39 -16.91 15.09 28.99
C ALA G 39 -17.61 15.59 30.25
N GLN G 40 -18.68 14.93 30.68
CA GLN G 40 -19.35 15.36 31.90
C GLN G 40 -18.40 15.26 33.10
N LYS G 41 -17.53 14.24 33.10
CA LYS G 41 -16.54 14.13 34.17
C LYS G 41 -15.50 15.22 34.06
N THR G 42 -14.97 15.45 32.84
CA THR G 42 -13.98 16.49 32.65
C THR G 42 -14.55 17.85 32.98
N LEU G 43 -15.85 18.07 32.72
CA LEU G 43 -16.49 19.31 33.14
C LEU G 43 -16.34 19.54 34.64
N TYR G 44 -16.40 18.46 35.43
CA TYR G 44 -16.24 18.57 36.88
C TYR G 44 -14.80 18.83 37.28
N TYR G 45 -13.85 18.10 36.66
CA TYR G 45 -12.45 18.23 37.08
C TYR G 45 -11.84 19.55 36.62
N GLU G 46 -12.33 20.12 35.52
CA GLU G 46 -11.70 21.31 34.97
C GLU G 46 -12.44 22.59 35.26
N LEU G 47 -13.75 22.52 35.55
CA LEU G 47 -14.54 23.71 35.78
C LEU G 47 -15.37 23.66 37.06
N ASP G 48 -15.16 22.63 37.89
CA ASP G 48 -15.75 22.51 39.22
C ASP G 48 -17.25 22.79 39.18
N THR G 49 -17.94 22.11 38.27
CA THR G 49 -19.38 22.19 38.11
C THR G 49 -19.87 20.90 37.47
N LYS G 50 -21.08 20.50 37.86
CA LYS G 50 -21.75 19.35 37.26
C LYS G 50 -22.82 19.74 36.25
N SER G 51 -22.97 21.04 35.96
CA SER G 51 -23.98 21.52 35.02
C SER G 51 -23.32 22.37 33.95
N PHE G 52 -23.42 21.93 32.69
CA PHE G 52 -22.82 22.68 31.59
C PHE G 52 -23.45 24.05 31.46
N LEU G 53 -24.78 24.13 31.59
CA LEU G 53 -25.47 25.41 31.39
C LEU G 53 -25.10 26.44 32.43
N SER G 54 -24.71 26.02 33.64
CA SER G 54 -24.31 26.97 34.68
C SER G 54 -23.09 27.80 34.27
N THR G 55 -22.42 27.44 33.17
CA THR G 55 -21.26 28.19 32.68
C THR G 55 -21.60 29.15 31.53
N ILE G 56 -22.84 29.13 31.04
CA ILE G 56 -23.28 30.03 29.98
C ILE G 56 -24.25 31.04 30.60
N PRO G 57 -24.17 32.32 30.23
CA PRO G 57 -25.15 33.28 30.74
C PRO G 57 -26.58 32.78 30.55
N GLN G 58 -27.38 32.90 31.61
CA GLN G 58 -28.75 32.38 31.62
C GLN G 58 -29.57 32.88 30.44
N ASN G 59 -29.33 34.11 29.99
CA ASN G 59 -30.11 34.66 28.88
C ASN G 59 -29.85 33.93 27.56
N PHE G 60 -28.75 33.17 27.46
CA PHE G 60 -28.45 32.47 26.22
C PHE G 60 -29.11 31.10 26.12
N HIS G 61 -29.73 30.62 27.20
CA HIS G 61 -30.09 29.21 27.26
C HIS G 61 -31.19 28.85 26.28
N ASN G 62 -32.03 29.83 25.90
CA ASN G 62 -33.06 29.60 24.90
C ASN G 62 -32.47 29.39 23.50
N GLN G 63 -31.16 29.46 23.34
CA GLN G 63 -30.51 29.21 22.07
C GLN G 63 -29.69 27.92 22.09
N ILE G 64 -29.78 27.15 23.16
CA ILE G 64 -28.95 25.96 23.36
C ILE G 64 -29.87 24.78 23.63
N VAL G 65 -29.62 23.66 22.96
CA VAL G 65 -30.40 22.45 23.19
C VAL G 65 -29.43 21.32 23.52
N LEU G 66 -29.60 20.71 24.69
CA LEU G 66 -28.76 19.61 25.13
C LEU G 66 -29.40 18.30 24.69
N HIS G 67 -28.61 17.44 24.05
CA HIS G 67 -29.06 16.15 23.57
C HIS G 67 -28.31 15.05 24.30
N HIS G 68 -29.04 14.01 24.71
CA HIS G 68 -28.38 12.86 25.34
C HIS G 68 -27.55 12.09 24.32
N ILE G 69 -26.35 11.71 24.73
CA ILE G 69 -25.38 11.00 23.91
C ILE G 69 -25.96 9.75 23.24
N SER G 70 -27.04 9.20 23.81
CA SER G 70 -27.65 7.99 23.26
C SER G 70 -28.84 8.27 22.34
N SER G 71 -29.24 9.54 22.19
CA SER G 71 -30.38 9.89 21.34
C SER G 71 -29.97 9.84 19.86
N ILE G 72 -29.56 8.65 19.43
CA ILE G 72 -29.21 8.42 18.03
C ILE G 72 -30.40 8.67 17.11
N GLU G 73 -31.62 8.62 17.66
CA GLU G 73 -32.85 8.92 16.94
C GLU G 73 -33.09 10.43 16.74
N SER G 74 -32.14 11.29 17.11
CA SER G 74 -32.43 12.71 17.25
C SER G 74 -32.43 13.45 15.91
N SER G 75 -32.99 14.67 15.95
CA SER G 75 -33.27 15.43 14.75
C SER G 75 -32.01 15.99 14.10
N VAL G 76 -30.95 16.21 14.87
CA VAL G 76 -29.70 16.68 14.29
C VAL G 76 -28.95 15.57 13.54
N SER G 77 -29.29 14.30 13.80
CA SER G 77 -28.63 13.16 13.16
C SER G 77 -29.27 12.77 11.84
N SER G 78 -29.86 13.73 11.13
CA SER G 78 -30.45 13.49 9.81
C SER G 78 -29.40 13.69 8.73
N ILE G 83 -27.08 22.60 11.20
CA ILE G 83 -26.64 22.23 9.86
C ILE G 83 -25.52 23.10 9.28
N ASP G 84 -25.19 24.24 9.90
CA ASP G 84 -24.17 25.10 9.30
C ASP G 84 -22.75 24.56 9.50
N ALA G 85 -22.43 24.09 10.70
CA ALA G 85 -21.15 23.44 10.90
C ALA G 85 -21.24 22.58 12.14
N THR G 86 -20.41 21.54 12.17
CA THR G 86 -20.32 20.64 13.30
C THR G 86 -18.91 20.74 13.87
N ILE G 87 -18.82 20.98 15.18
CA ILE G 87 -17.55 21.16 15.88
C ILE G 87 -17.49 20.15 17.03
N ILE G 88 -16.48 19.30 17.03
CA ILE G 88 -16.24 18.44 18.19
C ILE G 88 -15.07 19.04 18.97
N VAL G 89 -15.39 19.64 20.12
CA VAL G 89 -14.42 20.39 20.92
C VAL G 89 -14.75 20.27 22.41
N PRO G 90 -13.76 19.86 23.23
CA PRO G 90 -12.53 19.22 22.75
C PRO G 90 -12.81 17.80 22.26
N CYS G 91 -11.89 17.19 21.54
CA CYS G 91 -12.12 15.90 20.91
C CYS G 91 -11.09 14.88 21.40
N SER G 92 -11.56 13.81 22.04
CA SER G 92 -10.66 12.77 22.51
C SER G 92 -10.15 11.96 21.32
N VAL G 93 -8.99 11.31 21.50
CA VAL G 93 -8.50 10.44 20.43
C VAL G 93 -9.36 9.20 20.28
N ALA G 94 -10.10 8.80 21.32
CA ALA G 94 -11.02 7.69 21.13
C ALA G 94 -12.17 8.09 20.21
N THR G 95 -12.65 9.32 20.35
CA THR G 95 -13.71 9.78 19.45
C THR G 95 -13.16 10.06 18.04
N VAL G 96 -11.91 10.52 17.93
CA VAL G 96 -11.24 10.58 16.63
C VAL G 96 -11.26 9.21 15.96
N ALA G 97 -10.85 8.19 16.69
CA ALA G 97 -10.77 6.85 16.12
C ALA G 97 -12.14 6.36 15.65
N ALA G 98 -13.18 6.64 16.45
CA ALA G 98 -14.53 6.19 16.08
C ALA G 98 -15.01 6.86 14.81
N ILE G 99 -14.80 8.18 14.69
CA ILE G 99 -15.21 8.88 13.48
C ILE G 99 -14.35 8.45 12.30
N SER G 100 -13.05 8.21 12.51
CA SER G 100 -12.23 7.78 11.38
C SER G 100 -12.66 6.42 10.85
N CYS G 101 -13.19 5.55 11.72
CA CYS G 101 -13.68 4.24 11.31
C CYS G 101 -15.10 4.26 10.76
N GLY G 102 -15.84 5.36 10.95
CA GLY G 102 -17.25 5.37 10.63
C GLY G 102 -18.14 4.75 11.69
N LEU G 103 -17.64 4.65 12.92
CA LEU G 103 -18.32 3.93 13.99
C LEU G 103 -19.34 4.85 14.67
N ALA G 104 -20.43 5.11 13.95
CA ALA G 104 -21.39 6.15 14.36
C ALA G 104 -22.44 5.59 15.32
N ASP G 105 -22.00 5.07 16.47
CA ASP G 105 -22.90 4.33 17.36
C ASP G 105 -23.30 5.12 18.59
N ASN G 106 -23.06 6.43 18.63
CA ASN G 106 -23.73 7.31 19.58
C ASN G 106 -23.99 8.63 18.88
N LEU G 107 -24.69 9.55 19.56
CA LEU G 107 -25.15 10.76 18.87
C LEU G 107 -23.99 11.66 18.48
N LEU G 108 -22.99 11.75 19.33
CA LEU G 108 -21.84 12.59 19.02
C LEU G 108 -21.11 12.07 17.79
N ARG G 109 -20.78 10.77 17.77
CA ARG G 109 -20.09 10.21 16.60
C ARG G 109 -20.96 10.27 15.35
N ARG G 110 -22.29 10.13 15.50
CA ARG G 110 -23.16 10.16 14.33
C ARG G 110 -23.27 11.57 13.74
N VAL G 111 -23.36 12.62 14.56
CA VAL G 111 -23.40 13.96 13.94
C VAL G 111 -22.11 14.23 13.17
N ALA G 112 -20.98 13.68 13.61
CA ALA G 112 -19.75 13.83 12.84
C ALA G 112 -19.85 13.06 11.52
N ASP G 113 -20.27 11.80 11.61
CA ASP G 113 -20.45 10.99 10.40
C ASP G 113 -21.35 11.70 9.42
N VAL G 114 -22.41 12.36 9.90
CA VAL G 114 -23.37 12.96 9.00
C VAL G 114 -22.73 14.15 8.27
N ALA G 115 -21.92 14.93 8.98
CA ALA G 115 -21.22 16.04 8.35
C ALA G 115 -20.33 15.56 7.22
N LEU G 116 -19.55 14.52 7.47
CA LEU G 116 -18.70 13.96 6.41
C LEU G 116 -19.54 13.38 5.28
N LYS G 117 -20.65 12.73 5.61
CA LYS G 117 -21.51 12.13 4.59
C LYS G 117 -22.13 13.19 3.69
N GLU G 118 -22.49 14.34 4.25
CA GLU G 118 -23.15 15.38 3.48
C GLU G 118 -22.18 16.44 2.98
N LYS G 119 -20.88 16.31 3.25
CA LYS G 119 -19.87 17.32 2.92
C LYS G 119 -20.17 18.67 3.59
N ARG G 120 -20.59 18.63 4.83
CA ARG G 120 -20.76 19.85 5.59
C ARG G 120 -19.57 20.04 6.50
N PRO G 121 -19.28 21.28 6.91
CA PRO G 121 -18.09 21.52 7.74
C PRO G 121 -18.09 20.67 9.00
N LEU G 122 -17.01 19.94 9.19
CA LEU G 122 -16.73 19.22 10.43
C LEU G 122 -15.37 19.72 10.93
N ILE G 123 -15.37 20.39 12.07
CA ILE G 123 -14.14 20.82 12.73
C ILE G 123 -13.90 19.93 13.95
N LEU G 124 -12.75 19.27 13.99
CA LEU G 124 -12.34 18.48 15.13
C LEU G 124 -11.23 19.22 15.87
N VAL G 125 -11.32 19.26 17.20
CA VAL G 125 -10.26 19.92 18.00
C VAL G 125 -9.61 18.83 18.84
N PRO G 126 -8.80 17.95 18.24
CA PRO G 126 -8.25 16.83 18.99
C PRO G 126 -7.18 17.30 19.95
N ARG G 127 -7.18 16.72 21.14
CA ARG G 127 -6.17 17.03 22.14
C ARG G 127 -5.66 15.73 22.72
N GLU G 128 -4.38 15.46 22.51
CA GLU G 128 -3.67 14.34 23.11
C GLU G 128 -2.20 14.58 22.89
N ALA G 129 -1.38 14.06 23.80
CA ALA G 129 0.08 14.19 23.63
C ALA G 129 0.84 13.19 24.50
N PRO G 130 1.85 12.50 23.93
CA PRO G 130 2.21 12.46 22.50
C PRO G 130 1.10 11.90 21.63
N LEU G 131 1.21 12.09 20.33
CA LEU G 131 0.32 11.46 19.36
C LEU G 131 1.05 10.28 18.75
N SER G 132 0.54 9.08 18.98
CA SER G 132 1.16 7.88 18.45
C SER G 132 0.81 7.71 16.98
N ALA G 133 1.48 6.72 16.34
CA ALA G 133 1.19 6.41 14.94
C ALA G 133 -0.28 6.05 14.73
N ILE G 134 -0.90 5.36 15.69
CA ILE G 134 -2.30 4.97 15.54
C ILE G 134 -3.20 6.19 15.45
N HIS G 135 -3.00 7.17 16.33
CA HIS G 135 -3.82 8.37 16.30
C HIS G 135 -3.52 9.24 15.10
N LEU G 136 -2.26 9.29 14.66
CA LEU G 136 -1.94 10.07 13.47
C LEU G 136 -2.54 9.45 12.23
N GLU G 137 -2.55 8.12 12.16
CA GLU G 137 -3.18 7.48 11.02
C GLU G 137 -4.67 7.82 10.98
N ASN G 138 -5.35 7.79 12.13
CA ASN G 138 -6.77 8.18 12.15
C ASN G 138 -6.95 9.64 11.78
N LEU G 139 -6.06 10.50 12.27
CA LEU G 139 -6.14 11.96 11.99
C LEU G 139 -6.00 12.17 10.48
N LEU G 140 -4.98 11.56 9.88
CA LEU G 140 -4.74 11.66 8.45
C LEU G 140 -5.99 11.27 7.66
N LYS G 141 -6.56 10.11 7.99
CA LYS G 141 -7.75 9.65 7.27
C LYS G 141 -8.88 10.68 7.34
N LEU G 142 -9.08 11.30 8.50
CA LEU G 142 -10.14 12.30 8.59
C LEU G 142 -9.82 13.53 7.76
N ALA G 143 -8.56 14.00 7.78
CA ALA G 143 -8.20 15.15 6.95
C ALA G 143 -8.41 14.84 5.47
N GLN G 144 -8.11 13.61 5.05
CA GLN G 144 -8.30 13.22 3.66
C GLN G 144 -9.78 13.17 3.28
N ASN G 145 -10.65 12.96 4.26
CA ASN G 145 -12.09 12.95 4.00
C ASN G 145 -12.75 14.27 4.34
N GLY G 146 -11.96 15.34 4.52
CA GLY G 146 -12.47 16.70 4.52
C GLY G 146 -12.68 17.33 5.89
N ALA G 147 -12.45 16.59 6.98
CA ALA G 147 -12.54 17.17 8.31
C ALA G 147 -11.41 18.18 8.50
N VAL G 148 -11.74 19.29 9.16
CA VAL G 148 -10.71 20.29 9.53
C VAL G 148 -10.08 19.84 10.83
N ILE G 149 -8.79 19.51 10.77
CA ILE G 149 -8.06 19.02 11.95
C ILE G 149 -7.41 20.20 12.64
N LEU G 150 -7.96 20.62 13.80
CA LEU G 150 -7.56 21.87 14.46
C LEU G 150 -7.18 21.60 15.91
N PRO G 151 -5.99 21.07 16.15
CA PRO G 151 -5.56 20.85 17.51
C PRO G 151 -5.46 22.18 18.22
N PRO G 152 -5.80 22.23 19.57
CA PRO G 152 -5.87 23.49 20.31
C PRO G 152 -4.44 23.93 20.66
N MET G 153 -3.77 24.59 19.74
CA MET G 153 -2.41 24.94 20.04
C MET G 153 -2.23 26.43 20.22
N PRO G 154 -1.56 26.82 21.29
CA PRO G 154 -1.49 28.24 21.66
C PRO G 154 -0.86 29.06 20.55
N ILE G 155 -1.34 30.28 20.42
CA ILE G 155 -0.86 31.21 19.40
C ILE G 155 0.00 32.23 20.15
N TRP G 156 1.30 31.96 20.24
CA TRP G 156 2.16 32.84 21.04
C TRP G 156 2.50 34.16 20.37
N TYR G 157 2.22 34.35 19.08
CA TYR G 157 2.61 35.65 18.53
C TYR G 157 1.59 36.74 18.86
N PHE G 158 0.43 36.39 19.42
CA PHE G 158 -0.49 37.34 20.03
C PHE G 158 -0.08 37.72 21.45
N LYS G 159 1.02 37.15 21.95
CA LYS G 159 1.57 37.50 23.26
C LYS G 159 0.52 37.44 24.37
N PRO G 160 -0.07 36.26 24.62
CA PRO G 160 -1.07 36.15 25.69
C PRO G 160 -0.43 36.30 27.06
N GLN G 161 -1.22 36.75 28.02
CA GLN G 161 -0.77 36.86 29.40
C GLN G 161 -1.45 35.85 30.32
N THR G 162 -2.74 35.60 30.11
CA THR G 162 -3.49 34.71 30.97
C THR G 162 -3.80 33.42 30.23
N ALA G 163 -4.07 32.38 31.04
CA ALA G 163 -4.59 31.14 30.48
C ALA G 163 -5.84 31.40 29.66
N GLU G 164 -6.70 32.30 30.15
CA GLU G 164 -7.93 32.64 29.43
C GLU G 164 -7.61 33.27 28.07
N ASP G 165 -6.55 34.08 28.00
CA ASP G 165 -6.11 34.61 26.71
C ASP G 165 -5.83 33.50 25.72
N ILE G 166 -5.21 32.41 26.18
CA ILE G 166 -4.88 31.34 25.27
C ILE G 166 -6.13 30.64 24.78
N ALA G 167 -7.09 30.37 25.68
CA ALA G 167 -8.34 29.74 25.25
C ALA G 167 -9.10 30.64 24.27
N ASN G 168 -9.15 31.95 24.56
CA ASN G 168 -9.86 32.89 23.70
C ASN G 168 -9.30 32.89 22.27
N ASP G 169 -7.97 32.87 22.15
CA ASP G 169 -7.34 32.91 20.83
C ASP G 169 -7.56 31.61 20.07
N ILE G 170 -7.51 30.48 20.76
CA ILE G 170 -7.83 29.20 20.13
C ILE G 170 -9.27 29.20 19.61
N VAL G 171 -10.22 29.64 20.45
CA VAL G 171 -11.62 29.69 20.02
C VAL G 171 -11.79 30.71 18.90
N GLY G 172 -11.04 31.82 18.95
CA GLY G 172 -11.06 32.77 17.84
C GLY G 172 -10.70 32.12 16.51
N LYS G 173 -9.78 31.15 16.55
CA LYS G 173 -9.42 30.43 15.33
C LYS G 173 -10.57 29.58 14.81
N ILE G 174 -11.31 28.93 15.73
CA ILE G 174 -12.51 28.18 15.34
C ILE G 174 -13.53 29.12 14.71
N LEU G 175 -13.77 30.26 15.37
CA LEU G 175 -14.71 31.25 14.86
C LEU G 175 -14.28 31.75 13.47
N ALA G 176 -12.98 31.92 13.26
CA ALA G 176 -12.48 32.36 11.95
C ALA G 176 -12.74 31.31 10.88
N ILE G 177 -12.46 30.04 11.18
CA ILE G 177 -12.76 28.97 10.23
C ILE G 177 -14.26 28.90 9.96
N LEU G 178 -15.10 29.19 10.95
CA LEU G 178 -16.53 29.31 10.68
C LEU G 178 -16.88 30.58 9.94
N GLN G 179 -15.89 31.43 9.65
CA GLN G 179 -16.08 32.69 8.94
C GLN G 179 -17.14 33.57 9.61
N LEU G 180 -17.04 33.66 10.93
CA LEU G 180 -17.84 34.58 11.72
C LEU G 180 -16.94 35.69 12.26
N ASP G 181 -17.38 36.94 12.11
CA ASP G 181 -16.76 38.05 12.82
C ASP G 181 -16.93 37.87 14.32
N SER G 182 -15.86 38.15 15.07
CA SER G 182 -15.96 38.04 16.52
C SER G 182 -14.80 38.78 17.16
N PRO G 183 -15.03 39.46 18.29
CA PRO G 183 -13.90 40.06 19.02
C PRO G 183 -12.85 39.05 19.46
N LEU G 184 -13.19 37.75 19.50
CA LEU G 184 -12.19 36.76 19.91
C LEU G 184 -11.13 36.51 18.84
N ILE G 185 -11.30 37.05 17.64
CA ILE G 185 -10.36 36.83 16.54
C ILE G 185 -9.39 38.00 16.45
N LYS G 186 -8.14 37.71 16.09
CA LYS G 186 -7.12 38.74 15.96
C LYS G 186 -6.49 38.73 14.57
N MET H 1 -14.40 -43.26 2.80
CA MET H 1 -13.01 -42.91 3.03
C MET H 1 -12.58 -41.60 2.34
N LYS H 2 -12.28 -40.59 3.14
CA LYS H 2 -11.63 -39.38 2.65
C LYS H 2 -10.11 -39.58 2.64
N ARG H 3 -9.39 -38.63 2.02
CA ARG H 3 -7.93 -38.70 1.91
C ARG H 3 -7.33 -37.39 2.39
N TYR H 4 -6.44 -37.48 3.36
CA TYR H 4 -5.85 -36.30 3.97
C TYR H 4 -4.34 -36.32 3.82
N VAL H 5 -3.77 -35.13 3.88
CA VAL H 5 -2.34 -34.92 3.95
C VAL H 5 -2.05 -34.23 5.27
N VAL H 6 -1.17 -34.80 6.08
CA VAL H 6 -0.70 -34.18 7.31
C VAL H 6 0.79 -33.95 7.17
N GLY H 7 1.18 -32.68 7.18
CA GLY H 7 2.58 -32.30 7.22
C GLY H 7 2.96 -31.99 8.66
N ILE H 8 4.05 -32.57 9.10
CA ILE H 8 4.49 -32.41 10.49
C ILE H 8 5.76 -31.58 10.44
N SER H 9 5.63 -30.32 10.81
CA SER H 9 6.71 -29.36 10.76
C SER H 9 7.32 -29.21 12.16
N GLY H 10 8.59 -28.79 12.18
CA GLY H 10 9.39 -28.90 13.38
C GLY H 10 9.11 -27.95 14.53
N ALA H 11 7.85 -27.65 14.81
CA ALA H 11 7.55 -26.83 15.98
C ALA H 11 7.04 -27.71 17.12
N SER H 12 6.93 -27.12 18.30
CA SER H 12 6.49 -27.87 19.46
C SER H 12 5.02 -28.28 19.34
N GLY H 13 4.71 -29.48 19.85
CA GLY H 13 3.34 -29.97 19.84
C GLY H 13 3.09 -31.09 18.88
N ILE H 14 4.10 -31.94 18.67
CA ILE H 14 3.92 -33.05 17.75
C ILE H 14 2.86 -34.03 18.26
N VAL H 15 2.55 -34.03 19.56
CA VAL H 15 1.42 -34.81 20.06
C VAL H 15 0.12 -34.43 19.33
N LEU H 16 0.01 -33.18 18.85
CA LEU H 16 -1.14 -32.81 18.06
C LEU H 16 -1.20 -33.61 16.76
N ALA H 17 -0.05 -33.80 16.08
CA ALA H 17 -0.05 -34.59 14.84
C ALA H 17 -0.36 -36.06 15.12
N VAL H 18 0.18 -36.61 16.21
CA VAL H 18 -0.08 -38.01 16.56
C VAL H 18 -1.58 -38.22 16.80
N THR H 19 -2.21 -37.32 17.57
CA THR H 19 -3.62 -37.44 17.88
C THR H 19 -4.48 -37.26 16.63
N LEU H 20 -4.13 -36.32 15.76
CA LEU H 20 -4.94 -36.09 14.57
C LEU H 20 -4.88 -37.29 13.62
N VAL H 21 -3.67 -37.76 13.32
CA VAL H 21 -3.53 -38.88 12.39
C VAL H 21 -4.27 -40.09 12.93
N SER H 22 -4.12 -40.37 14.23
CA SER H 22 -4.81 -41.50 14.85
C SER H 22 -6.32 -41.37 14.70
N GLU H 23 -6.85 -40.18 14.90
CA GLU H 23 -8.31 -40.04 14.83
C GLU H 23 -8.81 -40.11 13.39
N LEU H 24 -8.03 -39.58 12.44
CA LEU H 24 -8.41 -39.68 11.03
C LEU H 24 -8.48 -41.13 10.57
N ALA H 25 -7.51 -41.95 10.98
CA ALA H 25 -7.51 -43.36 10.59
C ALA H 25 -8.62 -44.14 11.31
N ARG H 26 -8.88 -43.81 12.58
CA ARG H 26 -9.98 -44.47 13.29
C ARG H 26 -11.31 -44.25 12.57
N LEU H 27 -11.50 -43.07 11.99
CA LEU H 27 -12.71 -42.74 11.27
C LEU H 27 -12.79 -43.45 9.93
N GLY H 28 -11.72 -44.12 9.53
CA GLY H 28 -11.70 -44.92 8.32
C GLY H 28 -11.08 -44.26 7.11
N HIS H 29 -10.32 -43.19 7.31
CA HIS H 29 -9.74 -42.41 6.21
C HIS H 29 -8.28 -42.77 6.01
N HIS H 30 -7.74 -42.20 4.94
CA HIS H 30 -6.37 -42.44 4.51
C HIS H 30 -5.57 -41.16 4.74
N ILE H 31 -4.34 -41.31 5.22
CA ILE H 31 -3.50 -40.16 5.58
C ILE H 31 -2.12 -40.34 4.95
N ASP H 32 -1.74 -39.39 4.10
CA ASP H 32 -0.36 -39.24 3.68
C ASP H 32 0.34 -38.27 4.65
N VAL H 33 1.41 -38.73 5.28
CA VAL H 33 2.10 -37.98 6.33
C VAL H 33 3.50 -37.60 5.85
N ILE H 34 3.90 -36.36 6.10
CA ILE H 34 5.23 -35.87 5.76
C ILE H 34 5.84 -35.25 6.99
N ILE H 35 7.07 -35.67 7.32
CA ILE H 35 7.73 -35.25 8.55
C ILE H 35 9.05 -34.60 8.18
N SER H 36 9.22 -33.34 8.58
CA SER H 36 10.49 -32.67 8.32
C SER H 36 11.58 -33.25 9.21
N PRO H 37 12.85 -33.06 8.84
CA PRO H 37 13.95 -33.40 9.76
C PRO H 37 13.84 -32.71 11.11
N SER H 38 13.36 -31.46 11.15
CA SER H 38 13.20 -30.80 12.43
C SER H 38 12.11 -31.46 13.26
N ALA H 39 11.00 -31.86 12.63
CA ALA H 39 9.95 -32.55 13.37
C ALA H 39 10.44 -33.89 13.90
N GLN H 40 11.30 -34.58 13.14
CA GLN H 40 11.87 -35.83 13.65
C GLN H 40 12.64 -35.61 14.95
N LYS H 41 13.42 -34.53 15.02
CA LYS H 41 14.07 -34.15 16.26
C LYS H 41 13.04 -33.88 17.36
N THR H 42 12.01 -33.10 17.04
CA THR H 42 10.99 -32.74 18.03
C THR H 42 10.20 -33.96 18.49
N LEU H 43 9.93 -34.91 17.58
CA LEU H 43 9.33 -36.18 17.96
C LEU H 43 10.12 -36.86 19.07
N TYR H 44 11.45 -36.87 18.94
CA TYR H 44 12.29 -37.47 19.95
C TYR H 44 12.24 -36.69 21.26
N TYR H 45 12.40 -35.37 21.18
CA TYR H 45 12.47 -34.58 22.42
C TYR H 45 11.14 -34.59 23.17
N GLU H 46 10.01 -34.59 22.45
CA GLU H 46 8.71 -34.47 23.10
C GLU H 46 8.01 -35.79 23.36
N LEU H 47 8.28 -36.84 22.57
CA LEU H 47 7.62 -38.12 22.76
C LEU H 47 8.58 -39.27 22.99
N ASP H 48 9.89 -39.03 22.94
CA ASP H 48 10.92 -40.01 23.30
C ASP H 48 10.88 -41.25 22.42
N THR H 49 10.60 -41.03 21.13
CA THR H 49 10.73 -42.05 20.10
C THR H 49 11.34 -41.41 18.86
N LYS H 50 11.98 -42.24 18.04
CA LYS H 50 12.47 -41.79 16.75
C LYS H 50 11.63 -42.33 15.60
N SER H 51 10.50 -42.98 15.90
CA SER H 51 9.61 -43.54 14.91
C SER H 51 8.20 -42.98 15.12
N PHE H 52 7.75 -42.14 14.19
CA PHE H 52 6.38 -41.63 14.26
C PHE H 52 5.35 -42.75 14.27
N LEU H 53 5.53 -43.77 13.41
CA LEU H 53 4.55 -44.85 13.36
C LEU H 53 4.42 -45.59 14.67
N SER H 54 5.44 -45.57 15.54
CA SER H 54 5.32 -46.26 16.82
C SER H 54 4.32 -45.59 17.75
N THR H 55 3.87 -44.40 17.43
CA THR H 55 2.89 -43.67 18.24
C THR H 55 1.45 -43.93 17.83
N ILE H 56 1.22 -44.79 16.84
CA ILE H 56 -0.10 -45.02 16.26
C ILE H 56 -0.42 -46.52 16.31
N PRO H 57 -1.63 -46.91 16.70
CA PRO H 57 -1.97 -48.34 16.73
C PRO H 57 -1.65 -49.01 15.41
N GLN H 58 -1.05 -50.20 15.49
CA GLN H 58 -0.50 -50.82 14.28
C GLN H 58 -1.59 -51.12 13.25
N ASN H 59 -2.80 -51.49 13.69
CA ASN H 59 -3.89 -51.80 12.76
C ASN H 59 -4.28 -50.61 11.89
N PHE H 60 -3.77 -49.42 12.18
CA PHE H 60 -3.99 -48.23 11.36
C PHE H 60 -2.88 -47.98 10.35
N HIS H 61 -1.76 -48.70 10.42
CA HIS H 61 -0.64 -48.37 9.55
C HIS H 61 -0.96 -48.58 8.08
N ASN H 62 -1.85 -49.53 7.76
CA ASN H 62 -2.26 -49.78 6.38
C ASN H 62 -3.04 -48.62 5.78
N GLN H 63 -3.44 -47.63 6.58
CA GLN H 63 -4.11 -46.42 6.11
C GLN H 63 -3.18 -45.20 6.06
N ILE H 64 -1.88 -45.39 6.32
CA ILE H 64 -0.93 -44.29 6.49
C ILE H 64 0.27 -44.51 5.58
N VAL H 65 0.63 -43.48 4.80
CA VAL H 65 1.82 -43.51 3.95
C VAL H 65 2.73 -42.37 4.39
N LEU H 66 3.93 -42.71 4.86
CA LEU H 66 4.95 -41.72 5.14
C LEU H 66 5.69 -41.38 3.86
N HIS H 67 5.92 -40.09 3.64
CA HIS H 67 6.64 -39.60 2.48
C HIS H 67 7.89 -38.86 2.93
N HIS H 68 9.02 -39.11 2.25
CA HIS H 68 10.24 -38.37 2.58
C HIS H 68 10.09 -36.92 2.17
N ILE H 69 10.68 -36.02 2.96
CA ILE H 69 10.48 -34.57 2.82
C ILE H 69 10.93 -34.05 1.44
N SER H 70 11.83 -34.75 0.76
CA SER H 70 12.38 -34.27 -0.51
C SER H 70 11.72 -34.90 -1.74
N SER H 71 10.67 -35.70 -1.56
CA SER H 71 10.00 -36.35 -2.69
C SER H 71 8.98 -35.41 -3.31
N ILE H 72 9.47 -34.35 -3.97
CA ILE H 72 8.56 -33.48 -4.72
C ILE H 72 7.98 -34.17 -5.94
N GLU H 73 8.47 -35.38 -6.28
CA GLU H 73 7.90 -36.21 -7.34
C GLU H 73 6.77 -37.11 -6.84
N SER H 74 6.49 -37.11 -5.54
CA SER H 74 5.50 -38.01 -4.96
C SER H 74 4.12 -37.74 -5.55
N SER H 75 3.23 -38.73 -5.38
CA SER H 75 1.88 -38.64 -5.92
C SER H 75 1.09 -37.48 -5.31
N VAL H 76 1.37 -37.16 -4.04
CA VAL H 76 0.64 -36.07 -3.37
C VAL H 76 1.19 -34.68 -3.68
N SER H 77 2.30 -34.59 -4.42
CA SER H 77 2.85 -33.31 -4.84
C SER H 77 2.20 -32.77 -6.10
N SER H 78 1.14 -33.42 -6.59
CA SER H 78 0.44 -33.00 -7.79
C SER H 78 -1.02 -32.68 -7.47
N GLY H 79 -1.56 -31.65 -8.14
CA GLY H 79 -2.98 -31.39 -8.06
C GLY H 79 -3.84 -32.32 -8.88
N ASN H 81 -4.07 -35.35 -8.22
CA ASN H 81 -4.58 -36.30 -7.22
C ASN H 81 -5.45 -35.54 -6.23
N THR H 82 -6.64 -36.08 -5.95
CA THR H 82 -7.68 -35.34 -5.23
C THR H 82 -7.60 -35.62 -3.73
N ILE H 83 -7.20 -34.59 -2.98
CA ILE H 83 -7.02 -34.66 -1.52
C ILE H 83 -8.14 -33.86 -0.88
N ASP H 84 -8.72 -34.39 0.20
CA ASP H 84 -9.86 -33.68 0.80
C ASP H 84 -9.41 -32.52 1.69
N ALA H 85 -8.29 -32.66 2.40
CA ALA H 85 -7.77 -31.55 3.19
C ALA H 85 -6.31 -31.80 3.50
N THR H 86 -5.58 -30.70 3.68
CA THR H 86 -4.17 -30.70 4.00
C THR H 86 -3.95 -29.92 5.30
N ILE H 87 -3.26 -30.55 6.26
CA ILE H 87 -3.05 -29.98 7.58
C ILE H 87 -1.55 -29.99 7.87
N ILE H 88 -1.00 -28.84 8.19
CA ILE H 88 0.38 -28.76 8.68
C ILE H 88 0.31 -28.57 10.19
N VAL H 89 0.67 -29.61 10.94
CA VAL H 89 0.53 -29.54 12.39
C VAL H 89 1.65 -30.34 13.04
N PRO H 90 2.38 -29.73 13.99
CA PRO H 90 2.40 -28.29 14.21
C PRO H 90 3.10 -27.63 13.03
N CYS H 91 3.11 -26.31 12.99
CA CYS H 91 3.66 -25.60 11.84
C CYS H 91 4.60 -24.51 12.33
N SER H 92 5.90 -24.69 12.05
CA SER H 92 6.89 -23.70 12.45
C SER H 92 6.69 -22.40 11.67
N VAL H 93 7.20 -21.30 12.23
CA VAL H 93 7.09 -20.02 11.53
C VAL H 93 7.90 -20.05 10.24
N ALA H 94 9.01 -20.81 10.23
CA ALA H 94 9.80 -20.95 9.00
C ALA H 94 8.96 -21.58 7.89
N THR H 95 8.21 -22.63 8.22
CA THR H 95 7.35 -23.24 7.20
C THR H 95 6.22 -22.29 6.81
N VAL H 96 5.65 -21.59 7.78
CA VAL H 96 4.70 -20.53 7.46
C VAL H 96 5.33 -19.57 6.47
N ALA H 97 6.55 -19.13 6.77
CA ALA H 97 7.24 -18.19 5.89
C ALA H 97 7.36 -18.76 4.48
N ALA H 98 7.83 -20.01 4.37
CA ALA H 98 8.01 -20.62 3.06
C ALA H 98 6.71 -20.67 2.29
N ILE H 99 5.64 -21.16 2.92
CA ILE H 99 4.36 -21.31 2.24
C ILE H 99 3.83 -19.94 1.80
N SER H 100 3.97 -18.92 2.66
CA SER H 100 3.44 -17.61 2.33
C SER H 100 4.22 -16.97 1.17
N CYS H 101 5.47 -17.36 0.97
CA CYS H 101 6.26 -16.86 -0.17
C CYS H 101 6.04 -17.66 -1.46
N GLY H 102 5.41 -18.83 -1.39
CA GLY H 102 5.32 -19.73 -2.52
C GLY H 102 6.53 -20.61 -2.71
N LEU H 103 7.39 -20.70 -1.69
CA LEU H 103 8.68 -21.38 -1.77
C LEU H 103 8.47 -22.88 -1.58
N ALA H 104 7.94 -23.50 -2.63
CA ALA H 104 7.47 -24.89 -2.58
C ALA H 104 8.60 -25.84 -2.96
N ASP H 105 9.70 -25.80 -2.20
CA ASP H 105 10.90 -26.54 -2.59
C ASP H 105 11.20 -27.75 -1.68
N ASN H 106 10.22 -28.22 -0.93
CA ASN H 106 10.25 -29.58 -0.43
C ASN H 106 8.80 -30.07 -0.43
N LEU H 107 8.60 -31.34 -0.08
CA LEU H 107 7.27 -31.94 -0.26
C LEU H 107 6.24 -31.33 0.68
N LEU H 108 6.66 -30.96 1.89
CA LEU H 108 5.72 -30.37 2.84
C LEU H 108 5.26 -28.99 2.38
N ARG H 109 6.19 -28.16 1.92
CA ARG H 109 5.80 -26.85 1.41
C ARG H 109 5.02 -26.98 0.10
N ARG H 110 5.41 -27.94 -0.74
CA ARG H 110 4.70 -28.17 -2.00
C ARG H 110 3.25 -28.60 -1.75
N VAL H 111 3.05 -29.49 -0.80
CA VAL H 111 1.71 -30.01 -0.52
C VAL H 111 0.80 -28.87 -0.07
N ALA H 112 1.35 -27.93 0.70
CA ALA H 112 0.61 -26.74 1.09
C ALA H 112 0.35 -25.81 -0.09
N ASP H 113 1.35 -25.61 -0.96
CA ASP H 113 1.13 -24.78 -2.13
C ASP H 113 0.06 -25.38 -3.04
N VAL H 114 0.04 -26.72 -3.14
CA VAL H 114 -0.93 -27.36 -4.02
C VAL H 114 -2.35 -27.11 -3.52
N ALA H 115 -2.56 -27.24 -2.22
CA ALA H 115 -3.86 -26.94 -1.63
C ALA H 115 -4.29 -25.51 -1.95
N LEU H 116 -3.35 -24.55 -1.87
CA LEU H 116 -3.73 -23.16 -2.13
C LEU H 116 -4.08 -22.95 -3.59
N LYS H 117 -3.32 -23.56 -4.51
CA LYS H 117 -3.60 -23.33 -5.92
C LYS H 117 -4.87 -24.05 -6.37
N GLU H 118 -5.22 -25.16 -5.73
CA GLU H 118 -6.43 -25.88 -6.12
C GLU H 118 -7.64 -25.46 -5.30
N LYS H 119 -7.46 -24.56 -4.33
CA LYS H 119 -8.56 -24.03 -3.51
C LYS H 119 -9.20 -25.15 -2.70
N ARG H 120 -8.37 -26.05 -2.23
CA ARG H 120 -8.73 -27.13 -1.34
C ARG H 120 -8.29 -26.77 0.06
N PRO H 121 -8.91 -27.35 1.10
CA PRO H 121 -8.65 -26.85 2.46
C PRO H 121 -7.19 -27.04 2.87
N LEU H 122 -6.66 -26.01 3.50
CA LEU H 122 -5.32 -26.01 4.09
C LEU H 122 -5.47 -25.44 5.48
N ILE H 123 -5.19 -26.26 6.49
CA ILE H 123 -5.21 -25.85 7.89
C ILE H 123 -3.76 -25.76 8.35
N LEU H 124 -3.37 -24.60 8.85
CA LEU H 124 -2.05 -24.42 9.43
C LEU H 124 -2.22 -24.27 10.93
N VAL H 125 -1.44 -25.05 11.69
CA VAL H 125 -1.47 -25.00 13.15
C VAL H 125 -0.15 -24.38 13.59
N PRO H 126 -0.01 -23.07 13.39
CA PRO H 126 1.27 -22.41 13.69
C PRO H 126 1.44 -22.21 15.19
N ARG H 127 2.64 -22.50 15.66
CA ARG H 127 2.99 -22.39 17.06
C ARG H 127 4.28 -21.59 17.14
N GLU H 128 4.21 -20.43 17.80
CA GLU H 128 5.35 -19.58 18.12
C GLU H 128 4.85 -18.44 18.99
N ALA H 129 5.66 -18.05 19.97
CA ALA H 129 5.31 -17.02 20.93
C ALA H 129 6.59 -16.40 21.50
N PRO H 130 6.70 -15.05 21.49
CA PRO H 130 5.78 -14.10 20.87
C PRO H 130 5.80 -14.18 19.35
N LEU H 131 4.84 -13.54 18.71
CA LEU H 131 4.77 -13.44 17.25
C LEU H 131 5.22 -12.05 16.83
N SER H 132 6.28 -11.99 16.03
CA SER H 132 6.78 -10.72 15.52
C SER H 132 5.90 -10.23 14.38
N ALA H 133 6.17 -8.97 13.98
CA ALA H 133 5.47 -8.38 12.85
C ALA H 133 5.74 -9.18 11.58
N ILE H 134 6.95 -9.70 11.45
CA ILE H 134 7.31 -10.49 10.28
C ILE H 134 6.40 -11.73 10.18
N HIS H 135 6.24 -12.45 11.29
CA HIS H 135 5.43 -13.66 11.26
C HIS H 135 3.95 -13.34 11.11
N LEU H 136 3.49 -12.26 11.76
CA LEU H 136 2.09 -11.88 11.62
C LEU H 136 1.76 -11.55 10.18
N GLU H 137 2.70 -10.90 9.47
CA GLU H 137 2.44 -10.56 8.08
C GLU H 137 2.35 -11.80 7.21
N ASN H 138 3.22 -12.79 7.43
CA ASN H 138 3.08 -14.02 6.64
C ASN H 138 1.78 -14.73 6.95
N LEU H 139 1.40 -14.74 8.23
CA LEU H 139 0.15 -15.38 8.64
C LEU H 139 -1.05 -14.69 8.00
N LEU H 140 -1.08 -13.35 8.07
CA LEU H 140 -2.06 -12.53 7.37
C LEU H 140 -2.14 -12.90 5.88
N LYS H 141 -1.00 -12.87 5.20
CA LYS H 141 -0.99 -13.18 3.77
C LYS H 141 -1.65 -14.53 3.50
N LEU H 142 -1.31 -15.55 4.29
CA LEU H 142 -1.87 -16.88 4.07
C LEU H 142 -3.37 -16.91 4.29
N ALA H 143 -3.86 -16.22 5.35
CA ALA H 143 -5.29 -16.11 5.60
C ALA H 143 -6.02 -15.47 4.42
N GLN H 144 -5.45 -14.40 3.85
CA GLN H 144 -6.07 -13.75 2.68
C GLN H 144 -6.06 -14.65 1.45
N ASN H 145 -5.17 -15.63 1.40
CA ASN H 145 -5.15 -16.58 0.30
C ASN H 145 -5.91 -17.86 0.62
N GLY H 146 -6.68 -17.88 1.72
CA GLY H 146 -7.61 -18.96 1.98
C GLY H 146 -7.12 -20.04 2.92
N ALA H 147 -5.93 -19.92 3.49
CA ALA H 147 -5.49 -20.85 4.53
C ALA H 147 -6.25 -20.58 5.83
N VAL H 148 -6.63 -21.65 6.53
CA VAL H 148 -7.19 -21.52 7.87
C VAL H 148 -6.05 -21.47 8.87
N ILE H 149 -5.93 -20.35 9.57
CA ILE H 149 -4.86 -20.16 10.55
C ILE H 149 -5.40 -20.57 11.92
N LEU H 150 -4.96 -21.73 12.41
CA LEU H 150 -5.53 -22.35 13.61
C LEU H 150 -4.43 -22.59 14.64
N PRO H 151 -4.01 -21.54 15.37
CA PRO H 151 -2.96 -21.75 16.37
C PRO H 151 -3.49 -22.59 17.51
N PRO H 152 -2.64 -23.38 18.14
CA PRO H 152 -3.12 -24.33 19.16
C PRO H 152 -3.43 -23.64 20.49
N MET H 153 -4.52 -22.88 20.49
CA MET H 153 -4.97 -22.18 21.70
C MET H 153 -5.76 -23.13 22.58
N PRO H 154 -5.39 -23.28 23.85
CA PRO H 154 -6.17 -24.14 24.74
C PRO H 154 -7.58 -23.59 24.93
N ILE H 155 -8.51 -24.50 25.10
CA ILE H 155 -9.94 -24.16 25.18
C ILE H 155 -10.32 -24.38 26.64
N TRP H 156 -10.19 -23.32 27.44
CA TRP H 156 -10.38 -23.45 28.88
C TRP H 156 -11.85 -23.52 29.30
N TYR H 157 -12.79 -23.09 28.44
CA TYR H 157 -14.18 -23.24 28.85
C TYR H 157 -14.63 -24.70 28.88
N PHE H 158 -13.85 -25.60 28.29
CA PHE H 158 -14.08 -27.03 28.43
C PHE H 158 -13.45 -27.64 29.67
N LYS H 159 -13.02 -26.80 30.62
CA LYS H 159 -12.45 -27.22 31.91
C LYS H 159 -11.52 -28.44 31.76
N PRO H 160 -10.43 -28.32 31.03
CA PRO H 160 -9.50 -29.43 30.95
C PRO H 160 -8.78 -29.64 32.26
N GLN H 161 -8.40 -30.88 32.51
CA GLN H 161 -7.69 -31.28 33.72
C GLN H 161 -6.26 -31.72 33.47
N THR H 162 -6.00 -32.33 32.33
CA THR H 162 -4.69 -32.85 32.00
C THR H 162 -4.18 -32.16 30.75
N ALA H 163 -2.88 -32.34 30.50
CA ALA H 163 -2.30 -31.90 29.24
C ALA H 163 -2.97 -32.60 28.06
N GLU H 164 -3.21 -33.91 28.20
CA GLU H 164 -3.85 -34.65 27.12
C GLU H 164 -5.21 -34.06 26.77
N ASP H 165 -5.98 -33.62 27.78
CA ASP H 165 -7.27 -32.98 27.53
C ASP H 165 -7.12 -31.76 26.63
N ILE H 166 -6.10 -30.94 26.87
CA ILE H 166 -5.93 -29.72 26.08
C ILE H 166 -5.62 -30.09 24.62
N ALA H 167 -4.70 -31.04 24.43
CA ALA H 167 -4.34 -31.47 23.09
C ALA H 167 -5.56 -32.02 22.36
N ASN H 168 -6.32 -32.91 23.04
CA ASN H 168 -7.48 -33.53 22.43
C ASN H 168 -8.47 -32.48 21.95
N ASP H 169 -8.73 -31.45 22.77
CA ASP H 169 -9.69 -30.42 22.38
C ASP H 169 -9.19 -29.57 21.23
N ILE H 170 -7.88 -29.34 21.16
CA ILE H 170 -7.32 -28.64 20.01
C ILE H 170 -7.51 -29.47 18.75
N VAL H 171 -7.19 -30.77 18.83
CA VAL H 171 -7.40 -31.64 17.68
C VAL H 171 -8.88 -31.72 17.36
N GLY H 172 -9.75 -31.68 18.38
CA GLY H 172 -11.17 -31.63 18.12
C GLY H 172 -11.58 -30.41 17.31
N LYS H 173 -10.92 -29.28 17.54
CA LYS H 173 -11.20 -28.10 16.73
C LYS H 173 -10.76 -28.29 15.27
N ILE H 174 -9.64 -28.98 15.06
CA ILE H 174 -9.22 -29.31 13.69
C ILE H 174 -10.27 -30.20 13.02
N LEU H 175 -10.69 -31.26 13.73
CA LEU H 175 -11.69 -32.15 13.18
C LEU H 175 -13.00 -31.42 12.90
N ALA H 176 -13.33 -30.39 13.69
CA ALA H 176 -14.56 -29.66 13.40
C ALA H 176 -14.41 -28.83 12.12
N ILE H 177 -13.21 -28.35 11.81
CA ILE H 177 -13.02 -27.60 10.57
C ILE H 177 -13.03 -28.54 9.36
N LEU H 178 -12.44 -29.73 9.49
CA LEU H 178 -12.57 -30.80 8.52
C LEU H 178 -14.01 -31.28 8.35
N GLN H 179 -14.95 -30.80 9.18
CA GLN H 179 -16.36 -31.20 9.10
C GLN H 179 -16.52 -32.71 9.28
N LEU H 180 -15.72 -33.26 10.18
CA LEU H 180 -15.81 -34.66 10.57
C LEU H 180 -16.53 -34.78 11.91
N ASP H 181 -17.12 -35.95 12.13
CA ASP H 181 -17.89 -36.22 13.34
C ASP H 181 -17.06 -37.13 14.25
N SER H 182 -16.44 -36.54 15.25
CA SER H 182 -15.53 -37.27 16.10
C SER H 182 -15.86 -37.02 17.56
N PRO H 183 -15.66 -38.02 18.41
CA PRO H 183 -15.91 -37.81 19.85
C PRO H 183 -14.96 -36.81 20.47
N LEU H 184 -13.82 -36.52 19.83
CA LEU H 184 -12.93 -35.47 20.31
C LEU H 184 -13.53 -34.08 20.24
N ILE H 185 -14.63 -33.88 19.53
CA ILE H 185 -15.23 -32.55 19.37
C ILE H 185 -16.19 -32.30 20.52
N LYS H 186 -16.07 -31.13 21.14
CA LYS H 186 -17.01 -30.66 22.14
C LYS H 186 -17.57 -29.33 21.68
N ARG H 187 -18.67 -28.91 22.31
CA ARG H 187 -19.39 -27.72 21.85
C ARG H 187 -19.89 -26.90 23.05
N TRP H 188 -19.94 -25.59 22.86
CA TRP H 188 -20.29 -24.67 23.94
C TRP H 188 -21.76 -24.81 24.33
N GLU H 189 -22.07 -24.38 25.56
CA GLU H 189 -23.25 -24.80 26.29
C GLU H 189 -24.27 -23.70 26.57
N ASN H 190 -24.10 -23.05 27.75
CA ASN H 190 -25.12 -22.16 28.30
C ASN H 190 -24.98 -20.73 27.81
N MET I 1 31.35 -10.06 31.72
CA MET I 1 31.11 -10.86 30.53
C MET I 1 29.70 -10.73 29.99
N LYS I 2 29.62 -10.42 28.69
CA LYS I 2 28.40 -10.49 27.92
C LYS I 2 28.50 -11.65 26.93
N ARG I 3 27.35 -12.02 26.36
CA ARG I 3 27.29 -13.12 25.41
C ARG I 3 26.79 -12.57 24.07
N TYR I 4 27.52 -12.89 23.01
CA TYR I 4 27.17 -12.47 21.66
C TYR I 4 27.00 -13.68 20.76
N VAL I 5 26.18 -13.50 19.74
CA VAL I 5 26.06 -14.41 18.62
C VAL I 5 26.57 -13.69 17.38
N VAL I 6 27.56 -14.28 16.73
CA VAL I 6 28.09 -13.77 15.46
C VAL I 6 27.78 -14.82 14.41
N GLY I 7 26.93 -14.47 13.47
CA GLY I 7 26.61 -15.34 12.36
C GLY I 7 27.44 -14.88 11.19
N ILE I 8 28.05 -15.83 10.50
CA ILE I 8 28.97 -15.52 9.40
C ILE I 8 28.36 -16.10 8.14
N SER I 9 27.90 -15.23 7.25
CA SER I 9 27.25 -15.65 6.04
C SER I 9 28.18 -15.37 4.85
N GLY I 10 27.94 -16.07 3.75
CA GLY I 10 28.92 -16.13 2.68
C GLY I 10 29.02 -14.90 1.80
N ALA I 11 29.23 -13.74 2.40
CA ALA I 11 29.51 -12.54 1.62
C ALA I 11 30.97 -12.16 1.80
N SER I 12 31.48 -11.40 0.83
CA SER I 12 32.86 -10.95 0.91
C SER I 12 33.06 -10.12 2.19
N GLY I 13 34.26 -10.23 2.76
CA GLY I 13 34.63 -9.46 3.92
C GLY I 13 34.69 -10.25 5.22
N ILE I 14 35.13 -11.50 5.15
CA ILE I 14 35.08 -12.31 6.35
C ILE I 14 36.11 -11.83 7.37
N VAL I 15 37.13 -11.08 6.92
CA VAL I 15 38.02 -10.38 7.85
C VAL I 15 37.23 -9.57 8.87
N LEU I 16 36.08 -9.00 8.47
CA LEU I 16 35.30 -8.23 9.43
C LEU I 16 34.86 -9.08 10.61
N ALA I 17 34.41 -10.32 10.34
CA ALA I 17 33.99 -11.21 11.42
C ALA I 17 35.18 -11.68 12.25
N VAL I 18 36.33 -11.91 11.62
CA VAL I 18 37.55 -12.25 12.37
C VAL I 18 37.87 -11.16 13.38
N THR I 19 37.94 -9.91 12.91
CA THR I 19 38.27 -8.78 13.76
C THR I 19 37.25 -8.61 14.88
N LEU I 20 35.95 -8.64 14.54
CA LEU I 20 34.92 -8.45 15.57
C LEU I 20 35.04 -9.49 16.68
N VAL I 21 35.22 -10.76 16.31
CA VAL I 21 35.28 -11.82 17.32
C VAL I 21 36.52 -11.67 18.19
N SER I 22 37.68 -11.47 17.55
CA SER I 22 38.93 -11.30 18.29
C SER I 22 38.79 -10.21 19.34
N GLU I 23 38.24 -9.07 18.95
CA GLU I 23 38.13 -7.94 19.87
C GLU I 23 37.08 -8.20 20.95
N LEU I 24 35.95 -8.83 20.60
CA LEU I 24 34.95 -9.18 21.63
C LEU I 24 35.55 -10.12 22.66
N ALA I 25 36.34 -11.10 22.21
CA ALA I 25 37.01 -11.99 23.15
C ALA I 25 38.05 -11.24 23.99
N ARG I 26 38.76 -10.30 23.38
CA ARG I 26 39.79 -9.57 24.11
C ARG I 26 39.19 -8.71 25.22
N LEU I 27 37.94 -8.31 25.08
CA LEU I 27 37.21 -7.55 26.09
C LEU I 27 36.59 -8.44 27.18
N GLY I 28 36.80 -9.76 27.11
CA GLY I 28 36.31 -10.66 28.14
C GLY I 28 34.93 -11.23 27.90
N HIS I 29 34.44 -11.23 26.66
CA HIS I 29 33.07 -11.65 26.41
C HIS I 29 33.03 -13.05 25.80
N HIS I 30 31.84 -13.64 25.82
CA HIS I 30 31.58 -14.93 25.20
C HIS I 30 30.93 -14.72 23.82
N ILE I 31 31.35 -15.50 22.83
CA ILE I 31 30.82 -15.40 21.48
C ILE I 31 30.44 -16.80 21.01
N ASP I 32 29.18 -16.97 20.62
CA ASP I 32 28.76 -18.14 19.87
C ASP I 32 28.81 -17.78 18.39
N VAL I 33 29.49 -18.61 17.60
CA VAL I 33 29.75 -18.32 16.19
C VAL I 33 29.08 -19.40 15.34
N ILE I 34 28.34 -18.96 14.31
CA ILE I 34 27.74 -19.85 13.32
C ILE I 34 28.29 -19.47 11.96
N ILE I 35 28.94 -20.42 11.29
CA ILE I 35 29.50 -20.19 9.95
C ILE I 35 28.68 -20.99 8.94
N SER I 36 28.14 -20.29 7.95
CA SER I 36 27.44 -20.99 6.87
C SER I 36 28.46 -21.68 5.96
N PRO I 37 28.01 -22.69 5.20
CA PRO I 37 28.93 -23.34 4.26
C PRO I 37 29.56 -22.39 3.25
N SER I 38 28.83 -21.37 2.79
CA SER I 38 29.40 -20.41 1.85
C SER I 38 30.47 -19.54 2.51
N ALA I 39 30.24 -19.16 3.77
CA ALA I 39 31.27 -18.41 4.49
C ALA I 39 32.53 -19.22 4.66
N GLN I 40 32.42 -20.55 4.78
CA GLN I 40 33.64 -21.37 4.85
C GLN I 40 34.41 -21.30 3.54
N LYS I 41 33.70 -21.29 2.41
CA LYS I 41 34.33 -21.05 1.12
C LYS I 41 34.97 -19.67 1.09
N THR I 42 34.20 -18.64 1.49
CA THR I 42 34.73 -17.29 1.50
C THR I 42 35.97 -17.19 2.38
N LEU I 43 35.92 -17.84 3.55
CA LEU I 43 37.07 -17.87 4.45
C LEU I 43 38.30 -18.44 3.75
N TYR I 44 38.10 -19.45 2.91
CA TYR I 44 39.23 -20.03 2.19
C TYR I 44 39.77 -19.06 1.15
N TYR I 45 38.88 -18.47 0.33
CA TYR I 45 39.33 -17.61 -0.76
C TYR I 45 39.93 -16.29 -0.26
N GLU I 46 39.47 -15.79 0.88
CA GLU I 46 39.87 -14.45 1.30
C GLU I 46 40.95 -14.45 2.38
N LEU I 47 41.02 -15.49 3.20
CA LEU I 47 42.00 -15.57 4.28
C LEU I 47 42.90 -16.80 4.21
N ASP I 48 42.77 -17.63 3.17
CA ASP I 48 43.69 -18.76 2.92
C ASP I 48 43.69 -19.79 4.05
N THR I 49 42.59 -19.91 4.78
CA THR I 49 42.46 -20.94 5.80
C THR I 49 41.08 -21.57 5.72
N LYS I 50 40.99 -22.81 6.16
CA LYS I 50 39.71 -23.46 6.34
C LYS I 50 39.33 -23.54 7.82
N SER I 51 40.16 -23.00 8.70
CA SER I 51 39.87 -22.95 10.14
C SER I 51 39.59 -21.51 10.52
N PHE I 52 38.34 -21.23 10.88
CA PHE I 52 38.04 -19.94 11.48
C PHE I 52 38.87 -19.67 12.71
N LEU I 53 39.05 -20.70 13.56
CA LEU I 53 39.77 -20.49 14.81
C LEU I 53 41.26 -20.27 14.61
N SER I 54 41.83 -20.75 13.49
CA SER I 54 43.22 -20.44 13.17
C SER I 54 43.46 -18.94 13.03
N THR I 55 42.42 -18.14 12.81
CA THR I 55 42.57 -16.69 12.68
C THR I 55 42.44 -15.96 14.01
N ILE I 56 42.20 -16.67 15.12
CA ILE I 56 41.90 -16.09 16.42
C ILE I 56 43.02 -16.47 17.37
N PRO I 57 43.58 -15.52 18.14
CA PRO I 57 44.58 -15.88 19.16
C PRO I 57 44.10 -17.01 20.05
N GLN I 58 44.98 -17.98 20.30
CA GLN I 58 44.54 -19.22 20.94
C GLN I 58 44.00 -18.98 22.35
N ASN I 59 44.55 -18.00 23.07
CA ASN I 59 44.07 -17.68 24.41
C ASN I 59 42.61 -17.23 24.44
N PHE I 60 42.01 -16.96 23.29
CA PHE I 60 40.61 -16.56 23.20
C PHE I 60 39.67 -17.72 22.89
N HIS I 61 40.19 -18.91 22.59
CA HIS I 61 39.35 -19.98 22.07
C HIS I 61 38.38 -20.52 23.11
N ASN I 62 38.73 -20.47 24.40
CA ASN I 62 37.80 -20.91 25.43
C ASN I 62 36.54 -20.04 25.50
N GLN I 63 36.56 -18.84 24.93
CA GLN I 63 35.42 -17.94 24.93
C GLN I 63 34.54 -18.08 23.70
N ILE I 64 34.87 -19.00 22.79
CA ILE I 64 34.21 -19.12 21.49
C ILE I 64 33.64 -20.51 21.37
N VAL I 65 32.37 -20.59 20.98
CA VAL I 65 31.72 -21.87 20.68
C VAL I 65 31.25 -21.81 19.23
N LEU I 66 31.75 -22.73 18.40
CA LEU I 66 31.30 -22.83 17.02
C LEU I 66 30.11 -23.77 16.95
N HIS I 67 29.09 -23.35 16.20
CA HIS I 67 27.89 -24.14 16.01
C HIS I 67 27.76 -24.51 14.54
N HIS I 68 27.23 -25.70 14.29
CA HIS I 68 26.93 -26.09 12.92
C HIS I 68 25.65 -25.40 12.46
N ILE I 69 25.61 -25.07 11.17
CA ILE I 69 24.50 -24.29 10.60
C ILE I 69 23.16 -25.04 10.64
N SER I 70 23.16 -26.37 10.71
CA SER I 70 21.92 -27.11 10.75
C SER I 70 21.45 -27.44 12.16
N SER I 71 22.20 -27.01 13.19
CA SER I 71 21.85 -27.31 14.58
C SER I 71 20.75 -26.36 15.07
N ILE I 72 19.64 -26.36 14.32
CA ILE I 72 18.46 -25.56 14.64
C ILE I 72 17.99 -25.76 16.08
N GLU I 73 18.27 -26.94 16.65
CA GLU I 73 17.85 -27.27 18.01
C GLU I 73 18.76 -26.67 19.09
N SER I 74 19.72 -25.82 18.75
CA SER I 74 20.74 -25.40 19.70
C SER I 74 20.17 -24.49 20.80
N SER I 75 20.88 -24.46 21.93
CA SER I 75 20.49 -23.61 23.07
C SER I 75 20.53 -22.13 22.70
N VAL I 76 21.36 -21.75 21.74
CA VAL I 76 21.31 -20.40 21.18
C VAL I 76 19.96 -20.16 20.52
N SER I 77 19.41 -21.18 19.85
CA SER I 77 18.16 -21.07 19.09
C SER I 77 16.94 -20.96 19.99
N ILE I 83 22.67 -13.66 23.81
CA ILE I 83 21.67 -12.97 24.64
C ILE I 83 21.81 -11.45 24.53
N ASP I 84 23.04 -10.91 24.52
CA ASP I 84 23.19 -9.44 24.52
C ASP I 84 23.06 -8.83 23.12
N ALA I 85 23.63 -9.48 22.10
CA ALA I 85 23.44 -8.98 20.74
C ALA I 85 23.82 -10.06 19.74
N THR I 86 23.17 -9.97 18.59
CA THR I 86 23.38 -10.88 17.47
C THR I 86 23.87 -10.06 16.28
N ILE I 87 25.02 -10.42 15.72
CA ILE I 87 25.61 -9.74 14.58
C ILE I 87 25.80 -10.76 13.46
N ILE I 88 25.21 -10.49 12.30
CA ILE I 88 25.42 -11.30 11.11
C ILE I 88 26.44 -10.54 10.25
N VAL I 89 27.68 -10.99 10.26
CA VAL I 89 28.73 -10.28 9.54
C VAL I 89 29.73 -11.25 8.93
N PRO I 90 30.03 -11.10 7.62
CA PRO I 90 29.26 -10.30 6.67
C PRO I 90 27.92 -10.99 6.39
N CYS I 91 26.96 -10.28 5.83
CA CYS I 91 25.64 -10.83 5.61
C CYS I 91 25.31 -10.79 4.11
N SER I 92 25.18 -11.96 3.49
CA SER I 92 24.82 -12.03 2.07
C SER I 92 23.40 -11.54 1.86
N VAL I 93 23.11 -11.07 0.63
CA VAL I 93 21.74 -10.68 0.34
C VAL I 93 20.79 -11.88 0.44
N ALA I 94 21.29 -13.08 0.17
CA ALA I 94 20.42 -14.24 0.34
C ALA I 94 20.02 -14.40 1.81
N THR I 95 20.94 -14.13 2.73
CA THR I 95 20.59 -14.24 4.14
C THR I 95 19.69 -13.09 4.56
N VAL I 96 19.91 -11.90 4.00
CA VAL I 96 18.98 -10.79 4.22
C VAL I 96 17.59 -11.17 3.79
N ALA I 97 17.48 -11.78 2.60
CA ALA I 97 16.18 -12.18 2.07
C ALA I 97 15.49 -13.16 3.01
N ALA I 98 16.21 -14.20 3.47
CA ALA I 98 15.63 -15.21 4.35
C ALA I 98 15.16 -14.59 5.67
N ILE I 99 16.00 -13.78 6.29
CA ILE I 99 15.64 -13.18 7.58
C ILE I 99 14.44 -12.26 7.41
N SER I 100 14.41 -11.45 6.34
CA SER I 100 13.30 -10.54 6.14
C SER I 100 12.01 -11.30 5.87
N CYS I 101 12.08 -12.50 5.30
CA CYS I 101 10.90 -13.32 5.09
C CYS I 101 10.46 -14.08 6.33
N GLY I 102 11.30 -14.14 7.36
CA GLY I 102 11.09 -15.05 8.48
C GLY I 102 11.41 -16.49 8.20
N LEU I 103 12.22 -16.77 7.17
CA LEU I 103 12.54 -18.12 6.75
C LEU I 103 13.65 -18.70 7.64
N ALA I 104 13.28 -19.02 8.88
CA ALA I 104 14.25 -19.37 9.92
C ALA I 104 14.55 -20.87 9.91
N ASP I 105 15.12 -21.35 8.79
CA ASP I 105 15.23 -22.79 8.60
C ASP I 105 16.68 -23.28 8.64
N ASN I 106 17.60 -22.45 9.15
CA ASN I 106 18.87 -22.95 9.65
C ASN I 106 19.23 -22.10 10.86
N LEU I 107 20.30 -22.51 11.57
CA LEU I 107 20.63 -21.91 12.86
C LEU I 107 20.97 -20.44 12.72
N LEU I 108 21.67 -20.08 11.65
CA LEU I 108 22.01 -18.68 11.44
C LEU I 108 20.75 -17.85 11.24
N ARG I 109 19.87 -18.30 10.36
CA ARG I 109 18.62 -17.57 10.16
C ARG I 109 17.76 -17.61 11.41
N ARG I 110 17.88 -18.67 12.21
CA ARG I 110 17.06 -18.81 13.40
C ARG I 110 17.47 -17.81 14.48
N VAL I 111 18.78 -17.61 14.72
CA VAL I 111 19.17 -16.71 15.81
C VAL I 111 18.82 -15.27 15.47
N ALA I 112 18.91 -14.90 14.19
CA ALA I 112 18.47 -13.56 13.80
C ALA I 112 16.98 -13.38 14.04
N ASP I 113 16.19 -14.39 13.68
CA ASP I 113 14.75 -14.33 13.90
C ASP I 113 14.42 -14.29 15.39
N VAL I 114 15.19 -15.00 16.22
CA VAL I 114 14.94 -14.94 17.66
C VAL I 114 15.28 -13.55 18.20
N ALA I 115 16.35 -12.94 17.71
CA ALA I 115 16.67 -11.58 18.12
C ALA I 115 15.48 -10.65 17.83
N LEU I 116 14.93 -10.74 16.62
CA LEU I 116 13.83 -9.87 16.24
C LEU I 116 12.58 -10.16 17.05
N LYS I 117 12.33 -11.44 17.32
CA LYS I 117 11.17 -11.84 18.11
C LYS I 117 11.29 -11.36 19.55
N GLU I 118 12.47 -11.44 20.14
CA GLU I 118 12.61 -11.06 21.54
C GLU I 118 12.96 -9.59 21.67
N LYS I 119 13.06 -8.87 20.56
CA LYS I 119 13.46 -7.47 20.53
C LYS I 119 14.78 -7.27 21.27
N ARG I 120 15.75 -8.08 20.90
CA ARG I 120 17.15 -7.93 21.25
C ARG I 120 17.90 -7.37 20.06
N PRO I 121 19.08 -6.79 20.28
CA PRO I 121 19.81 -6.17 19.16
C PRO I 121 20.19 -7.19 18.09
N LEU I 122 19.99 -6.78 16.84
CA LEU I 122 20.37 -7.55 15.68
C LEU I 122 21.05 -6.60 14.71
N ILE I 123 22.33 -6.85 14.43
CA ILE I 123 23.10 -6.00 13.54
C ILE I 123 23.46 -6.83 12.32
N LEU I 124 23.05 -6.36 11.15
CA LEU I 124 23.35 -7.01 9.88
C LEU I 124 24.37 -6.17 9.16
N VAL I 125 25.40 -6.81 8.63
CA VAL I 125 26.45 -6.11 7.88
C VAL I 125 26.34 -6.58 6.44
N PRO I 126 25.35 -6.08 5.70
CA PRO I 126 25.12 -6.61 4.36
C PRO I 126 26.10 -6.02 3.37
N ARG I 127 26.65 -6.90 2.53
CA ARG I 127 27.65 -6.51 1.54
C ARG I 127 27.17 -7.00 0.19
N GLU I 128 26.90 -6.07 -0.72
CA GLU I 128 26.49 -6.39 -2.08
C GLU I 128 26.41 -5.07 -2.83
N ALA I 129 26.86 -5.09 -4.08
CA ALA I 129 26.85 -3.85 -4.86
C ALA I 129 26.94 -4.16 -6.33
N PRO I 130 26.04 -3.58 -7.16
CA PRO I 130 24.92 -2.71 -6.78
C PRO I 130 23.83 -3.42 -5.95
N LEU I 131 22.99 -2.66 -5.29
CA LEU I 131 21.82 -3.18 -4.56
C LEU I 131 20.58 -2.97 -5.42
N SER I 132 19.94 -4.07 -5.82
CA SER I 132 18.74 -3.99 -6.63
C SER I 132 17.53 -3.60 -5.77
N ALA I 133 16.43 -3.27 -6.45
CA ALA I 133 15.18 -2.93 -5.75
C ALA I 133 14.74 -4.08 -4.85
N ILE I 134 14.92 -5.32 -5.32
CA ILE I 134 14.50 -6.49 -4.52
C ILE I 134 15.26 -6.53 -3.19
N HIS I 135 16.57 -6.32 -3.23
CA HIS I 135 17.33 -6.38 -1.99
C HIS I 135 17.07 -5.16 -1.11
N LEU I 136 16.93 -3.97 -1.72
CA LEU I 136 16.61 -2.79 -0.93
C LEU I 136 15.28 -2.96 -0.21
N GLU I 137 14.30 -3.59 -0.85
CA GLU I 137 13.03 -3.81 -0.19
C GLU I 137 13.19 -4.68 1.04
N ASN I 138 13.99 -5.75 0.93
CA ASN I 138 14.24 -6.61 2.09
C ASN I 138 14.99 -5.85 3.19
N LEU I 139 15.96 -5.03 2.80
CA LEU I 139 16.68 -4.21 3.79
C LEU I 139 15.74 -3.27 4.51
N LEU I 140 14.83 -2.63 3.76
CA LEU I 140 13.86 -1.71 4.35
C LEU I 140 12.98 -2.43 5.35
N LYS I 141 12.46 -3.59 4.97
CA LYS I 141 11.62 -4.37 5.88
C LYS I 141 12.36 -4.67 7.18
N LEU I 142 13.63 -5.08 7.08
CA LEU I 142 14.37 -5.46 8.28
C LEU I 142 14.64 -4.25 9.16
N ALA I 143 14.92 -3.10 8.54
CA ALA I 143 15.07 -1.90 9.34
C ALA I 143 13.77 -1.53 10.04
N GLN I 144 12.62 -1.74 9.36
CA GLN I 144 11.37 -1.36 10.02
C GLN I 144 11.01 -2.30 11.16
N ASN I 145 11.64 -3.48 11.24
CA ASN I 145 11.40 -4.43 12.30
C ASN I 145 12.50 -4.43 13.35
N GLY I 146 13.32 -3.38 13.38
CA GLY I 146 14.27 -3.18 14.44
C GLY I 146 15.70 -3.54 14.13
N ALA I 147 15.96 -4.26 13.05
CA ALA I 147 17.33 -4.64 12.73
C ALA I 147 18.17 -3.39 12.46
N VAL I 148 19.42 -3.38 12.92
CA VAL I 148 20.35 -2.34 12.53
C VAL I 148 20.99 -2.76 11.22
N ILE I 149 20.84 -1.92 10.19
CA ILE I 149 21.38 -2.16 8.86
C ILE I 149 22.68 -1.38 8.76
N LEU I 150 23.81 -2.09 8.83
CA LEU I 150 25.13 -1.49 8.90
C LEU I 150 26.01 -2.02 7.77
N PRO I 151 25.87 -1.49 6.57
CA PRO I 151 26.73 -1.94 5.48
C PRO I 151 28.16 -1.55 5.79
N PRO I 152 29.13 -2.30 5.29
CA PRO I 152 30.52 -2.01 5.65
C PRO I 152 31.09 -0.85 4.84
N MET I 153 30.64 0.34 5.19
CA MET I 153 31.04 1.57 4.51
C MET I 153 32.38 2.06 5.07
N PRO I 154 33.41 2.23 4.24
CA PRO I 154 34.67 2.77 4.76
C PRO I 154 34.52 4.19 5.30
N ILE I 155 35.21 4.45 6.39
CA ILE I 155 35.15 5.74 7.08
C ILE I 155 36.41 6.50 6.67
N TRP I 156 36.31 7.25 5.58
CA TRP I 156 37.51 7.88 5.03
C TRP I 156 37.97 9.09 5.82
N TYR I 157 37.10 9.74 6.61
CA TYR I 157 37.62 10.91 7.32
C TYR I 157 38.58 10.53 8.44
N PHE I 158 38.68 9.25 8.78
CA PHE I 158 39.76 8.72 9.60
C PHE I 158 41.04 8.51 8.83
N LYS I 159 41.05 8.82 7.53
CA LYS I 159 42.25 8.77 6.70
C LYS I 159 43.02 7.47 6.82
N PRO I 160 42.43 6.34 6.44
CA PRO I 160 43.14 5.07 6.54
C PRO I 160 44.27 4.99 5.53
N GLN I 161 45.33 4.27 5.91
CA GLN I 161 46.45 3.96 5.03
C GLN I 161 46.34 2.59 4.40
N THR I 162 45.93 1.61 5.21
CA THR I 162 45.98 0.20 4.84
C THR I 162 44.57 -0.34 4.75
N ALA I 163 44.45 -1.50 4.11
CA ALA I 163 43.16 -2.19 4.09
C ALA I 163 42.76 -2.62 5.50
N GLU I 164 43.74 -2.97 6.34
CA GLU I 164 43.45 -3.32 7.72
C GLU I 164 42.84 -2.14 8.47
N ASP I 165 43.33 -0.92 8.22
CA ASP I 165 42.76 0.28 8.83
C ASP I 165 41.27 0.41 8.53
N ILE I 166 40.89 0.12 7.29
CA ILE I 166 39.48 0.27 6.90
C ILE I 166 38.63 -0.78 7.60
N ALA I 167 39.12 -2.02 7.69
CA ALA I 167 38.38 -3.07 8.37
C ALA I 167 38.23 -2.77 9.86
N ASN I 168 39.30 -2.29 10.48
CA ASN I 168 39.26 -1.98 11.91
C ASN I 168 38.22 -0.90 12.23
N ASP I 169 38.15 0.13 11.40
CA ASP I 169 37.22 1.22 11.70
C ASP I 169 35.78 0.78 11.51
N ILE I 170 35.54 -0.04 10.49
CA ILE I 170 34.22 -0.62 10.28
C ILE I 170 33.82 -1.47 11.49
N VAL I 171 34.73 -2.32 11.99
CA VAL I 171 34.41 -3.10 13.17
C VAL I 171 34.22 -2.18 14.37
N GLY I 172 35.03 -1.12 14.46
CA GLY I 172 34.86 -0.14 15.54
C GLY I 172 33.46 0.45 15.57
N LYS I 173 32.87 0.69 14.40
CA LYS I 173 31.48 1.15 14.34
C LYS I 173 30.51 0.09 14.86
N ILE I 174 30.75 -1.19 14.54
CA ILE I 174 29.98 -2.27 15.15
C ILE I 174 30.11 -2.21 16.67
N LEU I 175 31.34 -2.07 17.17
CA LEU I 175 31.58 -1.97 18.61
C LEU I 175 30.84 -0.78 19.21
N ALA I 176 30.85 0.36 18.52
CA ALA I 176 30.14 1.53 19.03
C ALA I 176 28.65 1.24 19.15
N ILE I 177 28.08 0.57 18.15
CA ILE I 177 26.66 0.25 18.17
C ILE I 177 26.34 -0.72 19.31
N LEU I 178 27.24 -1.67 19.57
CA LEU I 178 27.10 -2.52 20.75
C LEU I 178 27.37 -1.78 22.06
N GLN I 179 27.67 -0.48 22.02
CA GLN I 179 27.92 0.33 23.21
C GLN I 179 29.04 -0.25 24.06
N LEU I 180 30.02 -0.86 23.41
CA LEU I 180 31.26 -1.28 24.05
C LEU I 180 32.32 -0.22 23.81
N ASP I 181 33.26 -0.10 24.74
CA ASP I 181 34.40 0.76 24.55
C ASP I 181 35.59 -0.06 24.10
N SER I 182 36.27 0.42 23.05
CA SER I 182 37.29 -0.39 22.42
C SER I 182 38.29 0.52 21.71
N PRO I 183 39.58 0.17 21.70
CA PRO I 183 40.56 1.00 20.98
C PRO I 183 40.36 0.99 19.47
N LEU I 184 39.45 0.16 18.94
CA LEU I 184 39.11 0.22 17.52
C LEU I 184 38.19 1.39 17.18
N ILE I 185 37.44 1.91 18.17
CA ILE I 185 36.50 3.00 17.95
C ILE I 185 37.28 4.31 17.83
N LYS I 186 36.79 5.20 16.97
CA LYS I 186 37.41 6.52 16.84
C LYS I 186 36.33 7.59 16.80
N ARG I 187 36.65 8.76 17.34
CA ARG I 187 35.73 9.87 17.52
C ARG I 187 36.03 10.95 16.49
N TRP I 188 34.97 11.41 15.80
CA TRP I 188 35.10 12.52 14.84
C TRP I 188 35.16 13.86 15.57
N MET J 1 29.92 -15.01 -31.51
CA MET J 1 29.50 -15.96 -30.48
C MET J 1 29.01 -15.23 -29.23
N LYS J 2 27.83 -15.59 -28.77
CA LYS J 2 27.29 -15.05 -27.53
C LYS J 2 27.32 -16.13 -26.47
N ARG J 3 27.12 -15.69 -25.22
CA ARG J 3 27.17 -16.56 -24.05
C ARG J 3 25.85 -16.46 -23.29
N TYR J 4 25.23 -17.60 -23.03
CA TYR J 4 23.95 -17.68 -22.35
C TYR J 4 24.08 -18.55 -21.12
N VAL J 5 23.24 -18.25 -20.12
CA VAL J 5 23.06 -19.12 -18.97
C VAL J 5 21.65 -19.73 -19.07
N VAL J 6 21.58 -21.04 -18.95
CA VAL J 6 20.31 -21.75 -18.93
C VAL J 6 20.20 -22.50 -17.60
N GLY J 7 19.28 -22.06 -16.75
CA GLY J 7 18.95 -22.75 -15.52
C GLY J 7 17.76 -23.65 -15.79
N ILE J 8 17.87 -24.89 -15.34
CA ILE J 8 16.82 -25.88 -15.54
C ILE J 8 16.21 -26.17 -14.18
N SER J 9 15.04 -25.62 -13.95
CA SER J 9 14.29 -25.71 -12.72
C SER J 9 13.27 -26.83 -12.86
N GLY J 10 12.82 -27.37 -11.73
CA GLY J 10 12.09 -28.61 -11.77
C GLY J 10 10.60 -28.53 -12.11
N ALA J 11 10.23 -27.83 -13.17
CA ALA J 11 8.83 -27.88 -13.59
C ALA J 11 8.70 -28.72 -14.86
N SER J 12 7.44 -29.05 -15.19
CA SER J 12 7.18 -29.85 -16.36
C SER J 12 7.61 -29.10 -17.62
N GLY J 13 8.21 -29.82 -18.56
CA GLY J 13 8.56 -29.25 -19.86
C GLY J 13 10.05 -29.16 -20.13
N ILE J 14 10.80 -30.14 -19.64
CA ILE J 14 12.25 -30.05 -19.78
C ILE J 14 12.67 -30.18 -21.24
N VAL J 15 11.78 -30.71 -22.11
CA VAL J 15 12.07 -30.71 -23.54
C VAL J 15 12.39 -29.32 -24.04
N LEU J 16 11.73 -28.29 -23.48
CA LEU J 16 12.01 -26.91 -23.90
C LEU J 16 13.47 -26.56 -23.64
N ALA J 17 14.00 -26.94 -22.47
CA ALA J 17 15.40 -26.67 -22.17
C ALA J 17 16.32 -27.42 -23.13
N VAL J 18 15.99 -28.68 -23.42
CA VAL J 18 16.80 -29.47 -24.36
C VAL J 18 16.82 -28.81 -25.73
N THR J 19 15.63 -28.51 -26.26
CA THR J 19 15.52 -27.88 -27.57
C THR J 19 16.26 -26.55 -27.61
N LEU J 20 16.12 -25.74 -26.55
CA LEU J 20 16.74 -24.42 -26.51
C LEU J 20 18.26 -24.50 -26.53
N VAL J 21 18.83 -25.24 -25.57
CA VAL J 21 20.28 -25.36 -25.48
C VAL J 21 20.86 -25.94 -26.77
N SER J 22 20.21 -26.95 -27.33
CA SER J 22 20.75 -27.54 -28.56
C SER J 22 20.69 -26.55 -29.72
N GLU J 23 19.66 -25.70 -29.78
CA GLU J 23 19.59 -24.74 -30.88
C GLU J 23 20.55 -23.58 -30.69
N LEU J 24 20.75 -23.11 -29.44
CA LEU J 24 21.76 -22.09 -29.19
C LEU J 24 23.14 -22.61 -29.58
N ALA J 25 23.46 -23.85 -29.22
CA ALA J 25 24.75 -24.42 -29.63
C ALA J 25 24.83 -24.59 -31.14
N ARG J 26 23.72 -24.93 -31.80
CA ARG J 26 23.76 -25.08 -33.25
C ARG J 26 24.12 -23.77 -33.92
N LEU J 27 23.72 -22.63 -33.32
CA LEU J 27 24.07 -21.30 -33.79
C LEU J 27 25.48 -20.89 -33.38
N GLY J 28 26.21 -21.75 -32.69
CA GLY J 28 27.59 -21.45 -32.36
C GLY J 28 27.81 -20.72 -31.07
N HIS J 29 26.84 -20.72 -30.17
CA HIS J 29 26.96 -19.96 -28.94
C HIS J 29 27.45 -20.85 -27.81
N HIS J 30 27.80 -20.22 -26.69
CA HIS J 30 28.24 -20.91 -25.50
C HIS J 30 27.11 -20.92 -24.47
N ILE J 31 26.91 -22.05 -23.80
CA ILE J 31 25.84 -22.19 -22.81
C ILE J 31 26.39 -22.78 -21.53
N ASP J 32 26.21 -22.06 -20.43
CA ASP J 32 26.37 -22.60 -19.09
C ASP J 32 25.02 -23.10 -18.63
N VAL J 33 24.96 -24.38 -18.26
CA VAL J 33 23.72 -25.02 -17.88
C VAL J 33 23.79 -25.39 -16.41
N ILE J 34 22.71 -25.11 -15.68
CA ILE J 34 22.59 -25.46 -14.27
C ILE J 34 21.31 -26.25 -14.12
N ILE J 35 21.42 -27.47 -13.61
CA ILE J 35 20.28 -28.36 -13.49
C ILE J 35 19.99 -28.58 -12.01
N SER J 36 18.77 -28.24 -11.58
CA SER J 36 18.42 -28.49 -10.20
C SER J 36 18.17 -29.97 -9.97
N PRO J 37 18.28 -30.43 -8.72
CA PRO J 37 17.94 -31.84 -8.43
C PRO J 37 16.55 -32.23 -8.89
N SER J 38 15.59 -31.33 -8.71
CA SER J 38 14.23 -31.61 -9.17
C SER J 38 14.18 -31.78 -10.69
N ALA J 39 14.90 -30.92 -11.42
CA ALA J 39 14.92 -31.04 -12.87
C ALA J 39 15.56 -32.35 -13.31
N GLN J 40 16.54 -32.83 -12.56
CA GLN J 40 17.11 -34.15 -12.83
C GLN J 40 16.04 -35.23 -12.75
N LYS J 41 15.11 -35.12 -11.79
CA LYS J 41 14.01 -36.08 -11.69
C LYS J 41 13.06 -35.95 -12.86
N THR J 42 12.76 -34.71 -13.28
CA THR J 42 11.80 -34.56 -14.38
C THR J 42 12.43 -34.93 -15.71
N LEU J 43 13.74 -34.74 -15.86
CA LEU J 43 14.45 -35.29 -17.01
C LEU J 43 14.16 -36.77 -17.16
N TYR J 44 14.32 -37.51 -16.07
CA TYR J 44 14.02 -38.93 -16.06
C TYR J 44 12.57 -39.20 -16.45
N TYR J 45 11.62 -38.61 -15.72
CA TYR J 45 10.20 -38.94 -15.94
C TYR J 45 9.71 -38.45 -17.31
N GLU J 46 10.23 -37.34 -17.82
CA GLU J 46 9.70 -36.80 -19.06
C GLU J 46 10.48 -37.22 -20.30
N LEU J 47 11.77 -37.51 -20.17
CA LEU J 47 12.61 -37.82 -21.32
C LEU J 47 13.31 -39.17 -21.23
N ASP J 48 12.95 -40.00 -20.24
CA ASP J 48 13.46 -41.37 -20.11
C ASP J 48 14.99 -41.41 -20.15
N THR J 49 15.63 -40.40 -19.54
CA THR J 49 17.09 -40.38 -19.45
C THR J 49 17.50 -39.81 -18.10
N LYS J 50 18.70 -40.17 -17.67
CA LYS J 50 19.31 -39.62 -16.47
C LYS J 50 20.54 -38.77 -16.78
N SER J 51 20.77 -38.46 -18.06
CA SER J 51 21.88 -37.62 -18.48
C SER J 51 21.36 -36.53 -19.40
N PHE J 52 21.49 -35.27 -18.98
CA PHE J 52 21.04 -34.17 -19.82
C PHE J 52 21.83 -34.10 -21.13
N LEU J 53 23.16 -34.31 -21.06
CA LEU J 53 23.97 -34.26 -22.28
C LEU J 53 23.55 -35.32 -23.30
N SER J 54 23.01 -36.45 -22.84
CA SER J 54 22.57 -37.50 -23.75
C SER J 54 21.45 -37.02 -24.67
N THR J 55 20.69 -36.00 -24.27
CA THR J 55 19.67 -35.44 -25.14
C THR J 55 20.22 -34.46 -26.17
N ILE J 56 21.48 -34.04 -26.03
CA ILE J 56 22.09 -33.07 -26.93
C ILE J 56 23.03 -33.81 -27.87
N PRO J 57 23.04 -33.50 -29.18
CA PRO J 57 24.03 -34.14 -30.06
C PRO J 57 25.44 -33.92 -29.52
N GLN J 58 26.26 -34.96 -29.63
CA GLN J 58 27.56 -34.96 -28.94
C GLN J 58 28.49 -33.88 -29.48
N ASN J 59 28.41 -33.54 -30.77
CA ASN J 59 29.29 -32.52 -31.35
C ASN J 59 29.10 -31.13 -30.74
N PHE J 60 27.98 -30.86 -30.07
CA PHE J 60 27.76 -29.57 -29.42
C PHE J 60 28.24 -29.54 -27.98
N HIS J 61 28.77 -30.65 -27.46
CA HIS J 61 29.07 -30.72 -26.02
C HIS J 61 30.20 -29.77 -25.62
N ASN J 62 31.16 -29.52 -26.52
CA ASN J 62 32.27 -28.62 -26.22
C ASN J 62 31.82 -27.18 -26.00
N GLN J 63 30.60 -26.84 -26.40
CA GLN J 63 30.07 -25.49 -26.18
C GLN J 63 29.16 -25.41 -24.95
N ILE J 64 28.97 -26.52 -24.26
CA ILE J 64 28.11 -26.57 -23.09
C ILE J 64 28.97 -26.87 -21.88
N VAL J 65 28.74 -26.13 -20.79
CA VAL J 65 29.40 -26.39 -19.53
C VAL J 65 28.33 -26.55 -18.46
N LEU J 66 28.40 -27.66 -17.73
CA LEU J 66 27.45 -27.92 -16.65
C LEU J 66 28.03 -27.42 -15.34
N HIS J 67 27.16 -26.87 -14.49
CA HIS J 67 27.57 -26.34 -13.20
C HIS J 67 26.71 -26.93 -12.10
N HIS J 68 27.36 -27.39 -11.04
CA HIS J 68 26.60 -27.93 -9.92
C HIS J 68 25.76 -26.84 -9.25
N ILE J 69 24.60 -27.26 -8.75
CA ILE J 69 23.62 -26.34 -8.19
C ILE J 69 24.15 -25.66 -6.92
N SER J 70 24.99 -26.33 -6.15
CA SER J 70 25.52 -25.80 -4.90
C SER J 70 26.76 -24.94 -5.10
N SER J 71 27.19 -24.74 -6.35
CA SER J 71 28.46 -24.10 -6.63
C SER J 71 28.26 -22.60 -6.85
N ILE J 72 27.98 -21.90 -5.75
CA ILE J 72 27.65 -20.48 -5.84
C ILE J 72 28.88 -19.64 -6.18
N GLU J 73 30.06 -20.10 -5.80
CA GLU J 73 31.28 -19.63 -6.45
C GLU J 73 31.24 -20.13 -7.89
N SER J 74 31.53 -19.23 -8.83
CA SER J 74 31.64 -19.52 -10.26
C SER J 74 31.74 -18.23 -11.05
N SER J 75 32.48 -18.26 -12.16
CA SER J 75 32.57 -17.08 -13.01
C SER J 75 31.20 -16.64 -13.52
N VAL J 76 30.27 -17.60 -13.67
CA VAL J 76 28.89 -17.23 -14.01
C VAL J 76 28.24 -16.47 -12.87
N SER J 77 28.69 -16.67 -11.64
CA SER J 77 28.14 -15.95 -10.48
C SER J 77 29.03 -14.78 -10.08
N THR J 82 31.29 -12.34 -19.37
CA THR J 82 30.12 -11.48 -19.51
C THR J 82 28.95 -12.18 -20.29
N ILE J 83 27.74 -12.12 -19.74
CA ILE J 83 26.62 -12.99 -20.11
C ILE J 83 25.60 -12.22 -20.96
N ASP J 84 25.16 -12.82 -22.06
CA ASP J 84 24.22 -12.13 -22.94
C ASP J 84 22.77 -12.29 -22.49
N ALA J 85 22.40 -13.45 -21.98
CA ALA J 85 21.08 -13.62 -21.37
C ALA J 85 21.09 -14.83 -20.46
N THR J 86 20.16 -14.80 -19.51
CA THR J 86 19.91 -15.87 -18.58
C THR J 86 18.46 -16.34 -18.76
N ILE J 87 18.28 -17.63 -18.99
CA ILE J 87 16.96 -18.23 -19.22
C ILE J 87 16.77 -19.34 -18.19
N ILE J 88 15.71 -19.23 -17.39
CA ILE J 88 15.28 -20.30 -16.49
C ILE J 88 14.13 -21.02 -17.17
N VAL J 89 14.38 -22.23 -17.65
CA VAL J 89 13.36 -22.96 -18.39
C VAL J 89 13.57 -24.47 -18.21
N PRO J 90 12.52 -25.20 -17.82
CA PRO J 90 11.30 -24.64 -17.24
C PRO J 90 11.62 -24.01 -15.89
N CYS J 91 10.69 -23.18 -15.40
CA CYS J 91 10.88 -22.50 -14.13
C CYS J 91 9.72 -22.87 -13.20
N SER J 92 10.02 -23.53 -12.10
CA SER J 92 9.00 -23.90 -11.15
C SER J 92 8.55 -22.66 -10.37
N VAL J 93 7.35 -22.74 -9.77
CA VAL J 93 6.85 -21.61 -8.98
C VAL J 93 7.75 -21.40 -7.78
N ALA J 94 8.34 -22.48 -7.26
CA ALA J 94 9.27 -22.38 -6.14
C ALA J 94 10.50 -21.55 -6.49
N THR J 95 11.04 -21.75 -7.69
CA THR J 95 12.18 -20.94 -8.15
C THR J 95 11.76 -19.52 -8.44
N VAL J 96 10.57 -19.33 -9.01
CA VAL J 96 10.01 -17.99 -9.11
C VAL J 96 9.97 -17.32 -7.75
N ALA J 97 9.49 -18.04 -6.73
CA ALA J 97 9.32 -17.44 -5.41
C ALA J 97 10.66 -16.99 -4.86
N ALA J 98 11.68 -17.85 -4.98
CA ALA J 98 13.00 -17.55 -4.44
C ALA J 98 13.61 -16.34 -5.11
N ILE J 99 13.53 -16.27 -6.44
CA ILE J 99 14.09 -15.15 -7.16
C ILE J 99 13.34 -13.87 -6.81
N SER J 100 12.00 -13.94 -6.77
CA SER J 100 11.22 -12.75 -6.41
C SER J 100 11.59 -12.24 -5.02
N CYS J 101 11.97 -13.14 -4.10
CA CYS J 101 12.35 -12.74 -2.74
C CYS J 101 13.82 -12.35 -2.63
N GLY J 102 14.63 -12.56 -3.66
CA GLY J 102 16.07 -12.40 -3.53
C GLY J 102 16.75 -13.51 -2.78
N LEU J 103 16.13 -14.69 -2.70
CA LEU J 103 16.70 -15.80 -1.95
C LEU J 103 17.71 -16.54 -2.84
N ALA J 104 18.87 -15.93 -2.96
CA ALA J 104 19.86 -16.35 -3.96
C ALA J 104 20.86 -17.35 -3.35
N ASP J 105 20.33 -18.44 -2.84
CA ASP J 105 21.13 -19.36 -2.03
C ASP J 105 21.43 -20.68 -2.75
N ASN J 106 21.32 -20.71 -4.07
CA ASN J 106 21.99 -21.72 -4.86
C ASN J 106 22.34 -21.06 -6.20
N LEU J 107 23.11 -21.77 -7.02
CA LEU J 107 23.68 -21.15 -8.21
C LEU J 107 22.61 -20.76 -9.22
N LEU J 108 21.55 -21.55 -9.36
CA LEU J 108 20.46 -21.18 -10.25
C LEU J 108 19.78 -19.91 -9.78
N ARG J 109 19.40 -19.86 -8.51
CA ARG J 109 18.80 -18.64 -8.00
C ARG J 109 19.77 -17.48 -8.12
N ARG J 110 21.06 -17.76 -7.98
CA ARG J 110 22.07 -16.70 -7.96
C ARG J 110 22.25 -16.08 -9.34
N VAL J 111 22.34 -16.89 -10.39
CA VAL J 111 22.55 -16.32 -11.72
C VAL J 111 21.36 -15.47 -12.13
N ALA J 112 20.15 -15.89 -11.76
CA ALA J 112 18.97 -15.04 -11.95
C ALA J 112 19.08 -13.73 -11.17
N ASP J 113 19.51 -13.80 -9.91
CA ASP J 113 19.70 -12.60 -9.11
C ASP J 113 20.74 -11.68 -9.74
N VAL J 114 21.84 -12.24 -10.24
CA VAL J 114 22.89 -11.42 -10.86
C VAL J 114 22.35 -10.70 -12.09
N ALA J 115 21.59 -11.40 -12.93
CA ALA J 115 21.00 -10.73 -14.10
C ALA J 115 20.15 -9.54 -13.69
N LEU J 116 19.31 -9.72 -12.68
CA LEU J 116 18.47 -8.62 -12.22
C LEU J 116 19.31 -7.47 -11.66
N LYS J 117 20.29 -7.81 -10.83
CA LYS J 117 21.19 -6.82 -10.23
C LYS J 117 21.94 -6.01 -11.30
N GLU J 118 22.45 -6.67 -12.33
CA GLU J 118 23.18 -5.99 -13.38
C GLU J 118 22.29 -5.52 -14.53
N LYS J 119 20.97 -5.74 -14.48
CA LYS J 119 20.08 -5.31 -15.56
C LYS J 119 20.46 -5.97 -16.89
N ARG J 120 20.75 -7.27 -16.83
CA ARG J 120 20.96 -8.08 -18.00
C ARG J 120 19.74 -8.98 -18.22
N PRO J 121 19.51 -9.43 -19.45
CA PRO J 121 18.24 -10.11 -19.74
C PRO J 121 18.07 -11.38 -18.91
N LEU J 122 16.87 -11.51 -18.33
CA LEU J 122 16.46 -12.68 -17.56
C LEU J 122 15.10 -13.12 -18.09
N ILE J 123 15.05 -14.28 -18.72
CA ILE J 123 13.80 -14.84 -19.26
C ILE J 123 13.39 -16.01 -18.39
N LEU J 124 12.20 -15.93 -17.81
CA LEU J 124 11.63 -16.97 -16.97
C LEU J 124 10.52 -17.65 -17.75
N VAL J 125 10.53 -18.98 -17.76
CA VAL J 125 9.49 -19.74 -18.47
C VAL J 125 8.75 -20.53 -17.41
N PRO J 126 7.93 -19.85 -16.60
CA PRO J 126 7.27 -20.53 -15.48
C PRO J 126 6.15 -21.43 -15.97
N ARG J 127 6.03 -22.59 -15.34
CA ARG J 127 5.03 -23.56 -15.73
C ARG J 127 4.31 -24.06 -14.49
N GLU J 128 3.05 -23.67 -14.35
CA GLU J 128 2.20 -24.12 -13.26
C GLU J 128 0.77 -23.72 -13.59
N ALA J 129 -0.16 -24.57 -13.15
CA ALA J 129 -1.56 -24.33 -13.45
C ALA J 129 -2.40 -25.05 -12.43
N PRO J 130 -3.37 -24.35 -11.82
CA PRO J 130 -3.58 -22.90 -11.97
C PRO J 130 -2.47 -22.05 -11.32
N LEU J 131 -2.47 -20.75 -11.63
CA LEU J 131 -1.59 -19.78 -10.97
C LEU J 131 -2.39 -19.10 -9.87
N SER J 132 -2.01 -19.36 -8.61
CA SER J 132 -2.64 -18.74 -7.44
C SER J 132 -2.23 -17.27 -7.32
N ALA J 133 -2.95 -16.55 -6.44
CA ALA J 133 -2.59 -15.16 -6.14
C ALA J 133 -1.15 -15.07 -5.65
N ILE J 134 -0.70 -16.05 -4.87
CA ILE J 134 0.70 -16.00 -4.38
C ILE J 134 1.68 -16.03 -5.54
N HIS J 135 1.47 -16.94 -6.49
CA HIS J 135 2.36 -17.08 -7.63
C HIS J 135 2.29 -15.84 -8.52
N LEU J 136 1.10 -15.28 -8.70
CA LEU J 136 0.93 -14.13 -9.60
C LEU J 136 1.60 -12.89 -9.02
N GLU J 137 1.52 -12.71 -7.70
CA GLU J 137 2.23 -11.60 -7.07
C GLU J 137 3.73 -11.71 -7.32
N ASN J 138 4.31 -12.91 -7.12
CA ASN J 138 5.75 -13.05 -7.35
C ASN J 138 6.10 -12.76 -8.80
N LEU J 139 5.26 -13.26 -9.71
CA LEU J 139 5.46 -13.04 -11.17
C LEU J 139 5.42 -11.53 -11.43
N LEU J 140 4.40 -10.85 -10.91
CA LEU J 140 4.25 -9.42 -11.06
C LEU J 140 5.51 -8.71 -10.59
N LYS J 141 5.95 -9.06 -9.38
CA LYS J 141 7.13 -8.41 -8.81
C LYS J 141 8.35 -8.57 -9.72
N LEU J 142 8.50 -9.75 -10.31
CA LEU J 142 9.64 -10.01 -11.18
C LEU J 142 9.53 -9.20 -12.46
N ALA J 143 8.34 -9.14 -13.06
CA ALA J 143 8.14 -8.33 -14.24
C ALA J 143 8.46 -6.86 -13.95
N GLN J 144 8.12 -6.38 -12.76
CA GLN J 144 8.42 -4.99 -12.39
C GLN J 144 9.91 -4.75 -12.24
N ASN J 145 10.70 -5.79 -11.97
CA ASN J 145 12.13 -5.66 -11.87
C ASN J 145 12.84 -6.03 -13.17
N GLY J 146 12.10 -6.16 -14.27
CA GLY J 146 12.68 -6.28 -15.59
C GLY J 146 12.77 -7.69 -16.14
N ALA J 147 12.38 -8.69 -15.36
CA ALA J 147 12.38 -10.04 -15.89
C ALA J 147 11.31 -10.17 -16.97
N VAL J 148 11.61 -10.95 -18.00
CA VAL J 148 10.63 -11.31 -19.02
C VAL J 148 9.89 -12.55 -18.55
N ILE J 149 8.56 -12.48 -18.51
CA ILE J 149 7.73 -13.57 -18.02
C ILE J 149 7.13 -14.24 -19.25
N LEU J 150 7.64 -15.41 -19.58
CA LEU J 150 7.31 -16.11 -20.82
C LEU J 150 6.74 -17.49 -20.47
N PRO J 151 5.47 -17.57 -20.08
CA PRO J 151 4.89 -18.89 -19.84
C PRO J 151 4.84 -19.66 -21.14
N PRO J 152 5.02 -20.99 -21.09
CA PRO J 152 5.13 -21.81 -22.33
C PRO J 152 3.73 -22.09 -22.92
N MET J 153 3.18 -21.11 -23.62
CA MET J 153 1.84 -21.17 -24.17
C MET J 153 1.89 -21.71 -25.59
N PRO J 154 1.16 -22.77 -25.92
CA PRO J 154 1.18 -23.26 -27.30
C PRO J 154 0.72 -22.18 -28.27
N ILE J 155 1.38 -22.12 -29.41
CA ILE J 155 1.08 -21.13 -30.44
C ILE J 155 0.23 -21.87 -31.47
N TRP J 156 -1.09 -21.83 -31.26
CA TRP J 156 -1.96 -22.62 -32.11
C TRP J 156 -2.14 -22.03 -33.50
N TYR J 157 -1.90 -20.72 -33.67
CA TYR J 157 -2.08 -20.21 -35.03
C TYR J 157 -1.02 -20.71 -35.98
N PHE J 158 -0.01 -21.42 -35.50
CA PHE J 158 0.91 -22.13 -36.38
C PHE J 158 0.44 -23.55 -36.70
N LYS J 159 -0.78 -23.90 -36.30
CA LYS J 159 -1.40 -25.18 -36.63
C LYS J 159 -0.50 -26.39 -36.39
N PRO J 160 0.01 -26.57 -35.17
CA PRO J 160 0.89 -27.72 -34.90
C PRO J 160 0.15 -29.04 -35.06
N GLN J 161 0.89 -30.06 -35.49
CA GLN J 161 0.38 -31.41 -35.63
C GLN J 161 0.80 -32.32 -34.48
N THR J 162 2.04 -32.19 -34.04
CA THR J 162 2.66 -33.06 -33.06
C THR J 162 3.01 -32.28 -31.80
N ALA J 163 3.35 -33.02 -30.74
CA ALA J 163 3.82 -32.38 -29.51
C ALA J 163 5.13 -31.64 -29.74
N GLU J 164 5.96 -32.20 -30.61
CA GLU J 164 7.23 -31.56 -30.88
C GLU J 164 7.06 -30.23 -31.60
N ASP J 165 6.08 -30.14 -32.54
CA ASP J 165 5.78 -28.86 -33.15
C ASP J 165 5.49 -27.79 -32.11
N ILE J 166 4.71 -28.15 -31.08
CA ILE J 166 4.35 -27.21 -30.02
C ILE J 166 5.58 -26.76 -29.24
N ALA J 167 6.43 -27.73 -28.85
CA ALA J 167 7.63 -27.38 -28.10
C ALA J 167 8.60 -26.55 -28.94
N ASN J 168 8.73 -26.90 -30.23
CA ASN J 168 9.62 -26.13 -31.10
C ASN J 168 9.18 -24.68 -31.25
N ASP J 169 7.88 -24.44 -31.42
CA ASP J 169 7.44 -23.05 -31.59
C ASP J 169 7.53 -22.27 -30.29
N ILE J 170 7.42 -22.95 -29.14
CA ILE J 170 7.60 -22.26 -27.87
C ILE J 170 9.04 -21.80 -27.74
N VAL J 171 9.99 -22.68 -28.06
CA VAL J 171 11.41 -22.32 -28.04
C VAL J 171 11.70 -21.24 -29.09
N GLY J 172 11.01 -21.30 -30.24
CA GLY J 172 11.16 -20.25 -31.23
C GLY J 172 10.84 -18.88 -30.66
N LYS J 173 9.84 -18.82 -29.79
CA LYS J 173 9.46 -17.56 -29.15
C LYS J 173 10.57 -17.07 -28.21
N ILE J 174 11.20 -17.97 -27.46
CA ILE J 174 12.36 -17.60 -26.65
C ILE J 174 13.47 -17.06 -27.54
N LEU J 175 13.82 -17.81 -28.60
CA LEU J 175 14.88 -17.37 -29.50
C LEU J 175 14.58 -15.99 -30.05
N ALA J 176 13.32 -15.72 -30.41
CA ALA J 176 12.98 -14.39 -30.90
C ALA J 176 13.26 -13.34 -29.84
N ILE J 177 12.84 -13.59 -28.59
CA ILE J 177 13.10 -12.65 -27.51
C ILE J 177 14.60 -12.45 -27.32
N LEU J 178 15.37 -13.52 -27.49
CA LEU J 178 16.83 -13.43 -27.47
C LEU J 178 17.41 -12.65 -28.66
N GLN J 179 16.55 -12.25 -29.61
CA GLN J 179 16.95 -11.51 -30.81
C GLN J 179 17.76 -12.36 -31.78
N LEU J 180 17.60 -13.67 -31.73
CA LEU J 180 18.34 -14.57 -32.61
C LEU J 180 17.47 -14.99 -33.78
N ASP J 181 18.14 -15.27 -34.90
CA ASP J 181 17.47 -15.74 -36.10
C ASP J 181 17.63 -17.24 -36.16
N SER J 182 16.52 -17.96 -36.27
CA SER J 182 16.54 -19.40 -36.19
C SER J 182 15.36 -19.96 -36.98
N PRO J 183 15.51 -21.13 -37.61
CA PRO J 183 14.37 -21.74 -38.30
C PRO J 183 13.25 -22.17 -37.35
N LEU J 184 13.52 -22.27 -36.04
CA LEU J 184 12.45 -22.54 -35.09
C LEU J 184 11.44 -21.40 -35.00
N ILE J 185 11.76 -20.23 -35.54
CA ILE J 185 10.84 -19.10 -35.62
C ILE J 185 10.19 -19.12 -37.00
N LYS J 186 8.87 -19.18 -37.03
CA LYS J 186 8.15 -19.14 -38.30
C LYS J 186 7.62 -17.75 -38.60
N MET K 1 9.99 -2.84 44.33
CA MET K 1 8.58 -3.07 44.02
C MET K 1 8.16 -2.32 42.74
N LYS K 2 7.78 -3.08 41.73
CA LYS K 2 7.31 -2.53 40.46
C LYS K 2 5.79 -2.45 40.46
N ARG K 3 5.27 -1.72 39.47
CA ARG K 3 3.84 -1.51 39.32
C ARG K 3 3.40 -1.98 37.94
N TYR K 4 2.36 -2.81 37.92
CA TYR K 4 1.85 -3.41 36.70
C TYR K 4 0.37 -3.15 36.56
N VAL K 5 -0.08 -3.04 35.32
CA VAL K 5 -1.49 -2.97 34.99
C VAL K 5 -1.87 -4.26 34.28
N VAL K 6 -2.90 -4.94 34.78
CA VAL K 6 -3.40 -6.17 34.19
C VAL K 6 -4.84 -5.90 33.77
N GLY K 7 -5.09 -5.91 32.46
CA GLY K 7 -6.43 -5.86 31.93
C GLY K 7 -6.88 -7.28 31.66
N ILE K 8 -8.07 -7.60 32.14
CA ILE K 8 -8.66 -8.91 31.92
C ILE K 8 -9.82 -8.72 30.97
N SER K 9 -9.61 -9.14 29.73
CA SER K 9 -10.59 -9.09 28.66
C SER K 9 -11.25 -10.46 28.56
N GLY K 10 -12.43 -10.50 27.95
CA GLY K 10 -13.28 -11.67 28.03
C GLY K 10 -12.94 -12.81 27.08
N ALA K 11 -11.68 -13.19 26.95
CA ALA K 11 -11.32 -14.38 26.19
C ALA K 11 -11.17 -15.55 27.14
N SER K 12 -11.20 -16.76 26.59
CA SER K 12 -11.00 -17.94 27.43
C SER K 12 -9.56 -17.95 27.97
N GLY K 13 -9.42 -18.38 29.22
CA GLY K 13 -8.11 -18.47 29.83
C GLY K 13 -7.91 -17.52 31.00
N ILE K 14 -8.97 -17.16 31.71
CA ILE K 14 -8.82 -16.21 32.81
C ILE K 14 -7.89 -16.78 33.88
N VAL K 15 -7.78 -18.11 33.97
CA VAL K 15 -6.79 -18.73 34.85
C VAL K 15 -5.40 -18.15 34.61
N LEU K 16 -5.09 -17.75 33.37
CA LEU K 16 -3.81 -17.08 33.09
C LEU K 16 -3.67 -15.77 33.86
N ALA K 17 -4.72 -14.94 33.86
CA ALA K 17 -4.71 -13.72 34.67
C ALA K 17 -4.53 -14.06 36.14
N VAL K 18 -5.31 -15.02 36.63
CA VAL K 18 -5.21 -15.38 38.05
C VAL K 18 -3.78 -15.75 38.41
N THR K 19 -3.15 -16.66 37.64
CA THR K 19 -1.84 -17.06 38.11
C THR K 19 -0.80 -15.97 37.86
N LEU K 20 -1.02 -15.09 36.88
CA LEU K 20 -0.08 -13.99 36.67
C LEU K 20 -0.16 -12.98 37.81
N VAL K 21 -1.37 -12.52 38.15
CA VAL K 21 -1.52 -11.56 39.25
C VAL K 21 -1.01 -12.15 40.56
N SER K 22 -1.27 -13.43 40.79
CA SER K 22 -0.81 -14.08 42.01
C SER K 22 0.71 -14.10 42.10
N GLU K 23 1.38 -14.47 40.99
CA GLU K 23 2.83 -14.53 41.03
C GLU K 23 3.45 -13.13 41.13
N LEU K 24 2.86 -12.15 40.45
CA LEU K 24 3.39 -10.78 40.55
C LEU K 24 3.31 -10.28 41.98
N ALA K 25 2.21 -10.59 42.68
CA ALA K 25 2.09 -10.19 44.08
C ALA K 25 3.08 -10.96 44.96
N ARG K 26 3.28 -12.25 44.68
CA ARG K 26 4.16 -13.07 45.51
C ARG K 26 5.60 -12.57 45.46
N LEU K 27 6.02 -12.01 44.31
CA LEU K 27 7.32 -11.38 44.18
C LEU K 27 7.35 -9.96 44.73
N GLY K 28 6.25 -9.48 45.29
CA GLY K 28 6.24 -8.22 46.02
C GLY K 28 5.77 -7.00 45.25
N HIS K 29 5.14 -7.17 44.10
CA HIS K 29 4.82 -6.03 43.27
C HIS K 29 3.38 -5.54 43.48
N HIS K 30 3.07 -4.41 42.86
CA HIS K 30 1.76 -3.79 42.90
C HIS K 30 1.07 -3.97 41.55
N ILE K 31 -0.18 -4.42 41.59
CA ILE K 31 -0.93 -4.72 40.38
C ILE K 31 -2.25 -3.95 40.41
N ASP K 32 -2.47 -3.14 39.39
CA ASP K 32 -3.78 -2.55 39.12
C ASP K 32 -4.51 -3.45 38.13
N VAL K 33 -5.69 -3.93 38.51
CA VAL K 33 -6.44 -4.91 37.71
C VAL K 33 -7.72 -4.26 37.18
N ILE K 34 -7.95 -4.38 35.88
CA ILE K 34 -9.16 -3.88 35.24
C ILE K 34 -9.86 -5.09 34.63
N ILE K 35 -11.10 -5.33 35.04
CA ILE K 35 -11.84 -6.50 34.58
C ILE K 35 -13.03 -6.03 33.75
N SER K 36 -13.15 -6.57 32.55
CA SER K 36 -14.27 -6.18 31.73
C SER K 36 -15.50 -6.99 32.15
N PRO K 37 -16.70 -6.51 31.85
CA PRO K 37 -17.91 -7.30 32.17
C PRO K 37 -17.89 -8.69 31.52
N SER K 38 -17.33 -8.82 30.32
CA SER K 38 -17.27 -10.14 29.68
C SER K 38 -16.32 -11.07 30.41
N ALA K 39 -15.16 -10.55 30.85
CA ALA K 39 -14.24 -11.36 31.63
C ALA K 39 -14.87 -11.80 32.95
N GLN K 40 -15.69 -10.92 33.53
CA GLN K 40 -16.43 -11.29 34.73
C GLN K 40 -17.30 -12.52 34.47
N LYS K 41 -17.91 -12.61 33.29
CA LYS K 41 -18.68 -13.82 32.97
C LYS K 41 -17.77 -15.01 32.77
N THR K 42 -16.61 -14.81 32.15
CA THR K 42 -15.68 -15.90 31.91
C THR K 42 -15.09 -16.43 33.22
N LEU K 43 -14.85 -15.53 34.18
CA LEU K 43 -14.42 -15.94 35.51
C LEU K 43 -15.40 -16.96 36.10
N TYR K 44 -16.69 -16.65 36.00
CA TYR K 44 -17.70 -17.59 36.48
C TYR K 44 -17.65 -18.90 35.70
N TYR K 45 -17.75 -18.84 34.36
CA TYR K 45 -17.89 -20.08 33.60
C TYR K 45 -16.63 -20.95 33.69
N GLU K 46 -15.46 -20.35 33.89
CA GLU K 46 -14.22 -21.10 33.89
C GLU K 46 -13.67 -21.39 35.29
N LEU K 47 -13.85 -20.48 36.26
CA LEU K 47 -13.37 -20.71 37.62
C LEU K 47 -14.48 -20.82 38.67
N ASP K 48 -15.75 -20.87 38.25
CA ASP K 48 -16.88 -21.08 39.16
C ASP K 48 -16.90 -20.08 40.30
N THR K 49 -16.49 -18.86 40.02
CA THR K 49 -16.59 -17.80 41.01
C THR K 49 -16.95 -16.49 40.33
N LYS K 50 -17.52 -15.58 41.11
CA LYS K 50 -17.89 -14.25 40.66
C LYS K 50 -17.01 -13.16 41.24
N SER K 51 -15.99 -13.52 42.02
CA SER K 51 -15.08 -12.55 42.62
C SER K 51 -13.67 -12.90 42.20
N PHE K 52 -13.01 -11.98 41.46
CA PHE K 52 -11.62 -12.20 41.08
C PHE K 52 -10.72 -12.25 42.31
N LEU K 53 -10.92 -11.33 43.25
CA LEU K 53 -10.15 -11.36 44.49
C LEU K 53 -10.22 -12.71 45.18
N SER K 54 -11.36 -13.41 45.07
CA SER K 54 -11.47 -14.69 45.75
C SER K 54 -10.51 -15.74 45.21
N THR K 55 -9.88 -15.51 44.04
CA THR K 55 -8.92 -16.45 43.49
C THR K 55 -7.48 -16.14 43.92
N ILE K 56 -7.24 -15.03 44.59
CA ILE K 56 -5.90 -14.60 44.98
C ILE K 56 -5.74 -14.85 46.48
N PRO K 57 -4.63 -15.45 46.93
CA PRO K 57 -4.44 -15.61 48.39
C PRO K 57 -4.51 -14.27 49.11
N GLN K 58 -5.08 -14.29 50.31
CA GLN K 58 -5.63 -13.10 50.91
C GLN K 58 -4.56 -12.09 51.32
N ASN K 59 -3.36 -12.54 51.70
CA ASN K 59 -2.35 -11.58 52.10
C ASN K 59 -1.88 -10.71 50.93
N PHE K 60 -2.13 -11.14 49.70
CA PHE K 60 -1.77 -10.38 48.51
C PHE K 60 -2.76 -9.28 48.17
N HIS K 61 -3.93 -9.25 48.80
CA HIS K 61 -4.96 -8.32 48.35
C HIS K 61 -4.57 -6.86 48.60
N ASN K 62 -3.70 -6.60 49.57
CA ASN K 62 -3.25 -5.22 49.78
C ASN K 62 -2.43 -4.69 48.61
N GLN K 63 -1.85 -5.56 47.80
CA GLN K 63 -1.04 -5.16 46.65
C GLN K 63 -1.84 -5.05 45.36
N ILE K 64 -3.14 -5.29 45.39
CA ILE K 64 -3.96 -5.32 44.19
C ILE K 64 -5.04 -4.25 44.31
N VAL K 65 -5.27 -3.52 43.24
CA VAL K 65 -6.34 -2.54 43.18
C VAL K 65 -7.23 -2.88 41.99
N LEU K 66 -8.51 -3.13 42.25
CA LEU K 66 -9.49 -3.31 41.19
C LEU K 66 -10.03 -1.95 40.74
N HIS K 67 -10.12 -1.77 39.44
CA HIS K 67 -10.63 -0.54 38.84
C HIS K 67 -11.81 -0.88 37.95
N HIS K 68 -12.87 -0.09 38.06
CA HIS K 68 -14.02 -0.29 37.19
C HIS K 68 -13.69 0.04 35.73
N ILE K 69 -14.29 -0.74 34.82
CA ILE K 69 -14.03 -0.63 33.39
C ILE K 69 -14.39 0.74 32.84
N SER K 70 -15.30 1.47 33.50
CA SER K 70 -15.72 2.78 33.02
C SER K 70 -14.91 3.93 33.62
N SER K 71 -14.01 3.64 34.56
CA SER K 71 -13.28 4.67 35.27
C SER K 71 -12.13 5.18 34.39
N ILE K 72 -12.49 5.82 33.28
CA ILE K 72 -11.44 6.39 32.43
C ILE K 72 -10.77 7.57 33.11
N GLU K 73 -11.37 8.14 34.16
CA GLU K 73 -10.73 9.17 34.96
C GLU K 73 -9.70 8.62 35.93
N SER K 74 -9.42 7.33 35.88
CA SER K 74 -8.52 6.71 36.86
C SER K 74 -7.09 7.22 36.68
N SER K 75 -6.35 7.24 37.78
CA SER K 75 -4.97 7.73 37.73
C SER K 75 -4.09 6.82 36.88
N VAL K 76 -4.40 5.52 36.82
CA VAL K 76 -3.65 4.67 35.90
C VAL K 76 -3.88 5.07 34.45
N SER K 77 -5.01 5.71 34.16
CA SER K 77 -5.35 6.13 32.81
C SER K 77 -4.55 7.32 32.31
N SER K 78 -3.68 7.92 33.13
CA SER K 78 -2.86 9.05 32.70
C SER K 78 -1.46 8.58 32.35
N GLY K 79 -0.89 9.19 31.30
CA GLY K 79 0.50 8.91 30.95
C GLY K 79 1.49 9.46 31.95
N SER K 80 1.10 10.50 32.69
CA SER K 80 1.99 11.10 33.69
C SER K 80 2.40 10.08 34.75
N ASN K 81 1.54 9.11 35.06
CA ASN K 81 1.80 8.13 36.10
C ASN K 81 2.56 6.94 35.53
N THR K 82 3.70 6.62 36.13
CA THR K 82 4.67 5.70 35.55
C THR K 82 4.33 4.26 35.93
N ILE K 83 4.10 3.43 34.91
CA ILE K 83 3.77 2.02 35.02
C ILE K 83 4.94 1.23 34.44
N ASP K 84 5.27 0.09 35.04
CA ASP K 84 6.39 -0.71 34.52
C ASP K 84 6.01 -1.56 33.31
N ALA K 85 4.79 -2.12 33.28
CA ALA K 85 4.34 -2.85 32.12
C ALA K 85 2.84 -3.08 32.24
N THR K 86 2.18 -3.12 31.09
CA THR K 86 0.75 -3.34 30.97
C THR K 86 0.55 -4.65 30.23
N ILE K 87 -0.26 -5.54 30.81
CA ILE K 87 -0.55 -6.85 30.26
C ILE K 87 -2.06 -6.98 30.09
N ILE K 88 -2.51 -7.29 28.88
CA ILE K 88 -3.92 -7.62 28.66
C ILE K 88 -3.98 -9.14 28.52
N VAL K 89 -4.41 -9.81 29.57
CA VAL K 89 -4.50 -11.26 29.59
C VAL K 89 -5.78 -11.71 30.31
N PRO K 90 -6.52 -12.66 29.71
CA PRO K 90 -6.38 -12.95 28.29
C PRO K 90 -6.97 -11.76 27.51
N CYS K 91 -6.81 -11.74 26.19
CA CYS K 91 -7.23 -10.59 25.39
C CYS K 91 -8.09 -11.08 24.25
N SER K 92 -9.30 -10.55 24.15
CA SER K 92 -10.20 -10.96 23.07
C SER K 92 -9.83 -10.23 21.80
N VAL K 93 -10.30 -10.76 20.65
CA VAL K 93 -10.06 -10.10 19.37
C VAL K 93 -10.82 -8.79 19.31
N ALA K 94 -11.94 -8.69 20.02
CA ALA K 94 -12.66 -7.44 20.14
C ALA K 94 -11.79 -6.35 20.75
N THR K 95 -11.09 -6.68 21.84
CA THR K 95 -10.21 -5.70 22.48
C THR K 95 -8.95 -5.45 21.64
N VAL K 96 -8.41 -6.51 21.01
CA VAL K 96 -7.33 -6.29 20.04
C VAL K 96 -7.77 -5.29 19.00
N ALA K 97 -8.98 -5.49 18.45
CA ALA K 97 -9.51 -4.60 17.44
C ALA K 97 -9.57 -3.16 17.95
N ALA K 98 -10.15 -2.97 19.15
CA ALA K 98 -10.29 -1.62 19.69
C ALA K 98 -8.94 -0.96 19.88
N ILE K 99 -7.98 -1.68 20.45
CA ILE K 99 -6.66 -1.07 20.71
C ILE K 99 -6.01 -0.72 19.39
N SER K 100 -6.07 -1.63 18.41
CA SER K 100 -5.40 -1.37 17.14
C SER K 100 -6.02 -0.16 16.42
N CYS K 101 -7.31 0.13 16.67
CA CYS K 101 -7.95 1.27 16.03
C CYS K 101 -7.75 2.56 16.80
N GLY K 102 -7.30 2.50 18.05
CA GLY K 102 -7.22 3.68 18.90
C GLY K 102 -8.47 3.98 19.67
N LEU K 103 -9.38 3.01 19.77
CA LEU K 103 -10.70 3.21 20.34
C LEU K 103 -10.65 3.10 21.88
N ALA K 104 -10.00 4.10 22.48
CA ALA K 104 -9.66 4.10 23.92
C ALA K 104 -10.83 4.55 24.78
N ASP K 105 -12.00 3.94 24.63
CA ASP K 105 -13.22 4.47 25.21
C ASP K 105 -13.68 3.72 26.44
N ASN K 106 -12.90 2.77 26.94
CA ASN K 106 -13.05 2.30 28.32
C ASN K 106 -11.66 2.21 28.94
N LEU K 107 -11.63 1.94 30.25
CA LEU K 107 -10.36 2.03 30.98
C LEU K 107 -9.36 0.97 30.51
N LEU K 108 -9.86 -0.22 30.17
CA LEU K 108 -8.96 -1.28 29.72
C LEU K 108 -8.32 -0.93 28.39
N ARG K 109 -9.13 -0.48 27.41
CA ARG K 109 -8.57 -0.05 26.13
C ARG K 109 -7.66 1.15 26.33
N ARG K 110 -7.97 1.99 27.31
CA ARG K 110 -7.22 3.24 27.51
C ARG K 110 -5.84 2.95 28.09
N VAL K 111 -5.73 2.07 29.07
CA VAL K 111 -4.41 1.78 29.61
C VAL K 111 -3.53 1.15 28.55
N ALA K 112 -4.13 0.39 27.63
CA ALA K 112 -3.32 -0.15 26.56
C ALA K 112 -2.87 0.95 25.61
N ASP K 113 -3.79 1.85 25.25
CA ASP K 113 -3.44 2.95 24.36
C ASP K 113 -2.41 3.88 24.99
N VAL K 114 -2.47 4.04 26.31
CA VAL K 114 -1.51 4.89 27.02
C VAL K 114 -0.12 4.29 26.95
N ALA K 115 0.01 2.98 27.15
CA ALA K 115 1.31 2.32 27.05
C ALA K 115 1.89 2.46 25.65
N LEU K 116 1.04 2.44 24.60
CA LEU K 116 1.55 2.60 23.25
C LEU K 116 2.07 4.00 23.01
N LYS K 117 1.31 5.03 23.44
CA LYS K 117 1.75 6.39 23.14
C LYS K 117 2.92 6.81 24.01
N GLU K 118 3.09 6.19 25.18
CA GLU K 118 4.26 6.48 26.00
C GLU K 118 5.43 5.54 25.71
N LYS K 119 5.25 4.60 24.79
CA LYS K 119 6.29 3.62 24.48
C LYS K 119 6.73 2.89 25.77
N ARG K 120 5.75 2.45 26.56
CA ARG K 120 5.96 1.58 27.70
C ARG K 120 5.52 0.17 27.33
N PRO K 121 5.99 -0.86 28.04
CA PRO K 121 5.71 -2.24 27.61
C PRO K 121 4.22 -2.60 27.65
N LEU K 122 3.71 -3.09 26.52
CA LEU K 122 2.33 -3.57 26.39
C LEU K 122 2.39 -5.01 25.89
N ILE K 123 1.93 -5.94 26.72
CA ILE K 123 1.90 -7.35 26.37
C ILE K 123 0.44 -7.77 26.21
N LEU K 124 0.09 -8.26 25.03
CA LEU K 124 -1.24 -8.74 24.73
C LEU K 124 -1.19 -10.26 24.64
N VAL K 125 -2.17 -10.93 25.24
CA VAL K 125 -2.26 -12.39 25.24
C VAL K 125 -3.53 -12.76 24.51
N PRO K 126 -3.57 -12.61 23.18
CA PRO K 126 -4.83 -12.84 22.46
C PRO K 126 -5.14 -14.32 22.30
N ARG K 127 -6.39 -14.68 22.48
CA ARG K 127 -6.82 -16.06 22.37
C ARG K 127 -8.05 -16.11 21.48
N GLU K 128 -7.89 -16.69 20.29
CA GLU K 128 -9.01 -16.94 19.39
C GLU K 128 -8.52 -17.92 18.35
N ALA K 129 -9.44 -18.72 17.82
CA ALA K 129 -9.10 -19.70 16.79
C ALA K 129 -10.36 -20.10 16.07
N PRO K 130 -10.31 -20.14 14.73
CA PRO K 130 -9.16 -19.68 13.93
C PRO K 130 -8.97 -18.18 14.01
N LEU K 131 -7.84 -17.69 13.50
CA LEU K 131 -7.58 -16.25 13.39
C LEU K 131 -7.85 -15.84 11.94
N SER K 132 -8.85 -14.97 11.77
CA SER K 132 -9.23 -14.48 10.45
C SER K 132 -8.24 -13.43 9.96
N ALA K 133 -8.36 -13.07 8.67
CA ALA K 133 -7.57 -11.98 8.13
C ALA K 133 -7.77 -10.68 8.92
N ILE K 134 -9.01 -10.40 9.33
CA ILE K 134 -9.26 -9.14 10.04
C ILE K 134 -8.54 -9.12 11.38
N HIS K 135 -8.55 -10.23 12.09
CA HIS K 135 -7.82 -10.30 13.36
C HIS K 135 -6.32 -10.21 13.13
N LEU K 136 -5.80 -10.90 12.11
CA LEU K 136 -4.36 -10.92 11.90
C LEU K 136 -3.85 -9.54 11.51
N GLU K 137 -4.63 -8.80 10.74
CA GLU K 137 -4.24 -7.43 10.40
C GLU K 137 -4.18 -6.55 11.65
N ASN K 138 -5.15 -6.68 12.56
CA ASN K 138 -5.09 -5.88 13.79
C ASN K 138 -3.87 -6.24 14.62
N LEU K 139 -3.56 -7.53 14.72
CA LEU K 139 -2.40 -7.97 15.49
C LEU K 139 -1.11 -7.46 14.86
N LEU K 140 -1.02 -7.58 13.54
CA LEU K 140 0.16 -7.08 12.82
C LEU K 140 0.37 -5.59 13.13
N LYS K 141 -0.72 -4.81 13.06
CA LYS K 141 -0.63 -3.38 13.30
C LYS K 141 -0.18 -3.08 14.72
N LEU K 142 -0.64 -3.87 15.69
CA LEU K 142 -0.20 -3.63 17.08
C LEU K 142 1.26 -4.03 17.27
N ALA K 143 1.71 -5.10 16.62
CA ALA K 143 3.13 -5.45 16.72
C ALA K 143 3.99 -4.36 16.08
N GLN K 144 3.54 -3.81 14.95
CA GLN K 144 4.30 -2.72 14.34
C GLN K 144 4.32 -1.49 15.23
N ASN K 145 3.39 -1.36 16.17
CA ASN K 145 3.39 -0.21 17.06
C ASN K 145 4.02 -0.51 18.41
N GLY K 146 4.67 -1.66 18.56
CA GLY K 146 5.50 -1.96 19.69
C GLY K 146 4.92 -2.95 20.67
N ALA K 147 3.65 -3.33 20.52
CA ALA K 147 3.05 -4.30 21.45
C ALA K 147 3.68 -5.66 21.26
N VAL K 148 3.84 -6.39 22.35
CA VAL K 148 4.30 -7.78 22.30
C VAL K 148 3.07 -8.65 22.15
N ILE K 149 3.02 -9.42 21.07
CA ILE K 149 1.90 -10.29 20.76
C ILE K 149 2.28 -11.67 21.24
N LEU K 150 1.69 -12.11 22.36
CA LEU K 150 2.03 -13.36 23.02
C LEU K 150 0.80 -14.25 23.15
N PRO K 151 0.45 -15.00 22.11
CA PRO K 151 -0.67 -15.91 22.23
C PRO K 151 -0.35 -17.02 23.23
N PRO K 152 -1.37 -17.50 23.97
CA PRO K 152 -1.11 -18.55 24.96
C PRO K 152 -0.87 -19.91 24.29
N MET K 153 0.34 -20.11 23.78
CA MET K 153 0.72 -21.33 23.09
C MET K 153 1.30 -22.32 24.09
N PRO K 154 0.73 -23.50 24.25
CA PRO K 154 1.32 -24.49 25.17
C PRO K 154 2.76 -24.80 24.79
N ILE K 155 3.60 -25.01 25.79
CA ILE K 155 5.00 -25.31 25.57
C ILE K 155 5.17 -26.80 25.82
N TRP K 156 5.10 -27.60 24.74
CA TRP K 156 5.09 -29.04 24.94
C TRP K 156 6.46 -29.62 25.21
N TYR K 157 7.55 -28.89 24.93
CA TYR K 157 8.82 -29.53 25.26
C TYR K 157 9.16 -29.43 26.74
N PHE K 158 8.38 -28.72 27.54
CA PHE K 158 8.46 -28.84 28.99
C PHE K 158 7.67 -30.03 29.52
N LYS K 159 7.13 -30.86 28.63
CA LYS K 159 6.46 -32.10 28.97
C LYS K 159 5.43 -31.93 30.09
N PRO K 160 4.40 -31.11 29.88
CA PRO K 160 3.41 -30.88 30.94
C PRO K 160 2.54 -32.10 31.15
N GLN K 161 2.14 -32.30 32.41
CA GLN K 161 1.24 -33.38 32.77
C GLN K 161 -0.20 -32.90 32.92
N THR K 162 -0.39 -31.82 33.68
CA THR K 162 -1.71 -31.33 34.04
C THR K 162 -2.04 -30.10 33.22
N ALA K 163 -3.33 -29.76 33.20
CA ALA K 163 -3.73 -28.49 32.61
C ALA K 163 -3.08 -27.30 33.34
N GLU K 164 -2.85 -27.45 34.65
CA GLU K 164 -2.22 -26.37 35.42
C GLU K 164 -0.79 -26.14 34.97
N ASP K 165 -0.05 -27.22 34.65
CA ASP K 165 1.31 -27.08 34.16
C ASP K 165 1.36 -26.26 32.88
N ILE K 166 0.43 -26.54 31.95
CA ILE K 166 0.44 -25.79 30.71
C ILE K 166 0.23 -24.32 31.01
N ALA K 167 -0.69 -24.01 31.93
CA ALA K 167 -0.99 -22.63 32.28
C ALA K 167 0.20 -21.96 32.95
N ASN K 168 0.80 -22.65 33.92
CA ASN K 168 1.95 -22.09 34.63
C ASN K 168 3.08 -21.73 33.68
N ASP K 169 3.36 -22.60 32.72
CA ASP K 169 4.47 -22.35 31.81
C ASP K 169 4.14 -21.22 30.82
N ILE K 170 2.88 -21.06 30.41
CA ILE K 170 2.51 -19.89 29.63
C ILE K 170 2.78 -18.61 30.44
N VAL K 171 2.40 -18.61 31.74
CA VAL K 171 2.61 -17.42 32.56
C VAL K 171 4.11 -17.19 32.77
N GLY K 172 4.89 -18.26 32.88
CA GLY K 172 6.34 -18.14 32.94
C GLY K 172 6.92 -17.39 31.75
N LYS K 173 6.31 -17.56 30.57
CA LYS K 173 6.82 -16.80 29.43
C LYS K 173 6.47 -15.32 29.57
N ILE K 174 5.27 -14.99 30.07
CA ILE K 174 4.93 -13.59 30.33
C ILE K 174 5.93 -12.97 31.30
N LEU K 175 6.24 -13.70 32.38
CA LEU K 175 7.19 -13.20 33.37
C LEU K 175 8.60 -13.07 32.79
N ALA K 176 8.97 -13.96 31.88
CA ALA K 176 10.28 -13.82 31.21
C ALA K 176 10.35 -12.52 30.43
N ILE K 177 9.31 -12.23 29.64
CA ILE K 177 9.25 -10.97 28.89
C ILE K 177 9.34 -9.78 29.84
N LEU K 178 8.72 -9.90 31.01
CA LEU K 178 8.74 -8.81 32.00
C LEU K 178 10.09 -8.64 32.68
N GLN K 179 11.06 -9.52 32.41
CA GLN K 179 12.40 -9.44 32.99
C GLN K 179 12.41 -9.79 34.47
N LEU K 180 11.52 -10.67 34.89
CA LEU K 180 11.47 -11.11 36.28
C LEU K 180 12.00 -12.52 36.41
N ASP K 181 12.64 -12.81 37.52
CA ASP K 181 13.04 -14.16 37.86
C ASP K 181 11.91 -14.79 38.65
N SER K 182 11.51 -15.99 38.27
CA SER K 182 10.39 -16.60 38.97
C SER K 182 10.48 -18.10 38.84
N PRO K 183 10.09 -18.87 39.85
CA PRO K 183 10.06 -20.33 39.70
C PRO K 183 9.08 -20.83 38.64
N LEU K 184 8.20 -19.97 38.10
CA LEU K 184 7.35 -20.37 37.00
C LEU K 184 8.08 -20.39 35.67
N ILE K 185 9.30 -19.87 35.61
CA ILE K 185 10.04 -19.76 34.36
C ILE K 185 10.91 -20.99 34.20
N LYS K 186 10.85 -21.60 33.01
CA LYS K 186 11.70 -22.73 32.66
C LYS K 186 12.43 -22.38 31.37
N MET L 1 34.72 10.42 -28.25
CA MET L 1 34.74 10.87 -26.86
C MET L 1 33.35 10.85 -26.21
N LYS L 2 33.28 10.37 -24.97
CA LYS L 2 32.03 10.32 -24.22
C LYS L 2 31.99 11.45 -23.20
N ARG L 3 30.78 11.78 -22.74
CA ARG L 3 30.54 12.92 -21.86
C ARG L 3 29.88 12.46 -20.57
N TYR L 4 30.55 12.70 -19.44
CA TYR L 4 30.10 12.25 -18.13
C TYR L 4 29.87 13.44 -17.20
N VAL L 5 28.89 13.28 -16.31
CA VAL L 5 28.65 14.24 -15.25
C VAL L 5 28.99 13.55 -13.94
N VAL L 6 29.80 14.22 -13.11
CA VAL L 6 30.16 13.72 -11.79
C VAL L 6 29.76 14.77 -10.77
N GLY L 7 28.78 14.42 -9.93
CA GLY L 7 28.37 15.28 -8.84
C GLY L 7 29.04 14.78 -7.57
N ILE L 8 29.66 15.70 -6.85
CA ILE L 8 30.37 15.35 -5.64
C ILE L 8 29.56 15.92 -4.48
N SER L 9 28.92 15.01 -3.76
CA SER L 9 28.05 15.33 -2.64
C SER L 9 28.84 15.17 -1.35
N GLY L 10 28.45 15.90 -0.31
CA GLY L 10 29.28 15.98 0.87
C GLY L 10 29.20 14.78 1.81
N ALA L 11 29.46 13.59 1.31
CA ALA L 11 29.64 12.43 2.17
C ALA L 11 31.11 12.04 2.19
N SER L 12 31.47 11.09 3.06
CA SER L 12 32.87 10.71 3.20
C SER L 12 33.31 9.86 2.01
N GLY L 13 34.49 10.17 1.45
CA GLY L 13 34.99 9.41 0.32
C GLY L 13 35.24 10.22 -0.94
N ILE L 14 35.62 11.49 -0.79
CA ILE L 14 35.95 12.33 -1.95
C ILE L 14 36.96 11.65 -2.85
N VAL L 15 37.85 10.84 -2.26
CA VAL L 15 38.89 10.17 -3.02
C VAL L 15 38.31 9.33 -4.14
N LEU L 16 37.09 8.80 -3.95
CA LEU L 16 36.41 8.07 -5.00
C LEU L 16 36.13 8.98 -6.20
N ALA L 17 35.65 10.19 -5.94
CA ALA L 17 35.41 11.13 -7.04
C ALA L 17 36.72 11.54 -7.72
N VAL L 18 37.76 11.82 -6.92
CA VAL L 18 39.05 12.14 -7.52
C VAL L 18 39.52 11.01 -8.41
N THR L 19 39.50 9.78 -7.87
CA THR L 19 39.94 8.63 -8.67
C THR L 19 39.05 8.42 -9.89
N LEU L 20 37.74 8.60 -9.75
CA LEU L 20 36.87 8.35 -10.91
C LEU L 20 37.13 9.38 -12.01
N VAL L 21 37.14 10.66 -11.65
CA VAL L 21 37.37 11.72 -12.63
C VAL L 21 38.72 11.51 -13.32
N SER L 22 39.78 11.34 -12.54
CA SER L 22 41.10 11.19 -13.12
C SER L 22 41.16 10.02 -14.11
N GLU L 23 40.44 8.93 -13.80
CA GLU L 23 40.51 7.80 -14.71
C GLU L 23 39.63 8.00 -15.93
N LEU L 24 38.46 8.63 -15.78
CA LEU L 24 37.64 8.92 -16.95
C LEU L 24 38.39 9.83 -17.92
N ALA L 25 39.11 10.84 -17.39
CA ALA L 25 39.87 11.74 -18.26
C ALA L 25 40.98 10.99 -18.99
N ARG L 26 41.67 10.09 -18.29
CA ARG L 26 42.73 9.32 -18.92
C ARG L 26 42.20 8.46 -20.06
N LEU L 27 41.01 7.86 -19.88
CA LEU L 27 40.39 7.10 -20.96
C LEU L 27 40.04 7.97 -22.16
N GLY L 28 40.15 9.29 -22.04
CA GLY L 28 39.90 10.20 -23.14
C GLY L 28 38.53 10.85 -23.17
N HIS L 29 37.80 10.86 -22.06
CA HIS L 29 36.42 11.34 -22.06
C HIS L 29 36.34 12.71 -21.40
N HIS L 30 35.17 13.33 -21.51
CA HIS L 30 34.91 14.66 -20.99
C HIS L 30 34.05 14.58 -19.74
N ILE L 31 34.39 15.37 -18.72
CA ILE L 31 33.73 15.31 -17.42
C ILE L 31 33.31 16.72 -17.00
N ASP L 32 32.03 16.89 -16.76
CA ASP L 32 31.50 18.03 -16.04
C ASP L 32 31.39 17.67 -14.57
N VAL L 33 31.97 18.48 -13.70
CA VAL L 33 32.07 18.17 -12.28
C VAL L 33 31.32 19.22 -11.50
N ILE L 34 30.56 18.78 -10.49
CA ILE L 34 29.80 19.67 -9.62
C ILE L 34 30.08 19.28 -8.17
N ILE L 35 30.64 20.22 -7.41
CA ILE L 35 31.02 20.02 -6.01
C ILE L 35 30.06 20.82 -5.14
N SER L 36 29.41 20.16 -4.20
CA SER L 36 28.59 20.87 -3.22
C SER L 36 29.48 21.51 -2.16
N PRO L 37 28.99 22.55 -1.48
CA PRO L 37 29.85 23.17 -0.43
C PRO L 37 30.18 22.19 0.68
N SER L 38 29.25 21.31 1.05
CA SER L 38 29.59 20.22 1.96
C SER L 38 30.78 19.43 1.42
N ALA L 39 30.72 19.04 0.15
CA ALA L 39 31.83 18.33 -0.47
C ALA L 39 33.11 19.15 -0.47
N GLN L 40 33.01 20.47 -0.56
CA GLN L 40 34.22 21.29 -0.42
C GLN L 40 34.82 21.15 0.98
N LYS L 41 33.97 21.23 2.01
CA LYS L 41 34.46 20.99 3.37
C LYS L 41 35.14 19.63 3.48
N THR L 42 34.45 18.56 3.09
CA THR L 42 35.04 17.24 3.28
C THR L 42 36.24 17.02 2.36
N LEU L 43 36.33 17.76 1.27
CA LEU L 43 37.56 17.77 0.47
C LEU L 43 38.75 18.28 1.29
N TYR L 44 38.53 19.22 2.20
CA TYR L 44 39.62 19.66 3.06
C TYR L 44 39.87 18.66 4.19
N TYR L 45 38.80 18.18 4.82
CA TYR L 45 38.95 17.30 5.98
C TYR L 45 39.57 15.97 5.60
N GLU L 46 39.41 15.54 4.34
CA GLU L 46 39.85 14.22 3.92
C GLU L 46 41.06 14.22 2.99
N LEU L 47 41.23 15.24 2.13
CA LEU L 47 42.38 15.28 1.24
C LEU L 47 43.34 16.44 1.51
N ASP L 48 43.06 17.27 2.51
CA ASP L 48 43.96 18.38 2.90
C ASP L 48 44.19 19.35 1.75
N THR L 49 43.10 19.74 1.10
CA THR L 49 43.16 20.72 0.02
C THR L 49 41.82 21.43 -0.09
N LYS L 50 41.87 22.67 -0.56
CA LYS L 50 40.68 23.42 -0.93
C LYS L 50 40.56 23.60 -2.44
N SER L 51 41.32 22.84 -3.22
CA SER L 51 41.26 22.87 -4.67
C SER L 51 41.05 21.45 -5.19
N PHE L 52 39.87 21.18 -5.75
CA PHE L 52 39.63 19.85 -6.30
C PHE L 52 40.59 19.56 -7.44
N LEU L 53 40.77 20.53 -8.34
CA LEU L 53 41.63 20.34 -9.50
C LEU L 53 43.06 20.01 -9.12
N SER L 54 43.52 20.47 -7.95
CA SER L 54 44.87 20.14 -7.51
C SER L 54 45.05 18.64 -7.26
N THR L 55 43.97 17.86 -7.17
CA THR L 55 44.06 16.41 -7.04
C THR L 55 44.18 15.69 -8.38
N ILE L 56 43.97 16.39 -9.49
CA ILE L 56 43.98 15.79 -10.82
C ILE L 56 45.17 16.34 -11.58
N PRO L 57 45.91 15.52 -12.33
CA PRO L 57 47.04 16.04 -13.11
C PRO L 57 46.62 17.17 -14.05
N GLN L 58 47.58 18.07 -14.31
CA GLN L 58 47.31 19.27 -15.08
C GLN L 58 46.78 18.96 -16.48
N ASN L 59 47.33 17.92 -17.11
CA ASN L 59 47.04 17.64 -18.51
C ASN L 59 45.60 17.23 -18.75
N PHE L 60 44.88 16.83 -17.69
CA PHE L 60 43.47 16.45 -17.78
C PHE L 60 42.53 17.62 -17.52
N HIS L 61 43.04 18.77 -17.07
CA HIS L 61 42.18 19.90 -16.75
C HIS L 61 41.43 20.38 -17.98
N ASN L 62 42.01 20.12 -19.16
CA ASN L 62 41.41 20.48 -20.42
C ASN L 62 40.11 19.72 -20.66
N GLN L 63 39.95 18.54 -20.07
CA GLN L 63 38.76 17.72 -20.26
C GLN L 63 37.76 17.83 -19.10
N ILE L 64 37.99 18.73 -18.14
CA ILE L 64 37.19 18.84 -16.93
C ILE L 64 36.57 20.24 -16.89
N VAL L 65 35.26 20.32 -16.67
CA VAL L 65 34.59 21.60 -16.48
C VAL L 65 33.87 21.61 -15.13
N LEU L 66 34.21 22.59 -14.30
CA LEU L 66 33.59 22.79 -13.00
C LEU L 66 32.36 23.70 -13.13
N HIS L 67 31.27 23.32 -12.47
CA HIS L 67 30.06 24.14 -12.43
C HIS L 67 29.73 24.47 -10.98
N HIS L 68 29.31 25.70 -10.72
CA HIS L 68 28.88 26.06 -9.38
C HIS L 68 27.58 25.34 -9.05
N ILE L 69 27.46 24.94 -7.77
CA ILE L 69 26.29 24.19 -7.33
C ILE L 69 24.98 24.95 -7.59
N SER L 70 25.03 26.28 -7.70
CA SER L 70 23.82 27.07 -7.89
C SER L 70 23.49 27.31 -9.36
N SER L 71 24.33 26.85 -10.29
CA SER L 71 24.19 27.16 -11.70
C SER L 71 23.20 26.21 -12.38
N ILE L 72 21.93 26.33 -11.99
CA ILE L 72 20.89 25.53 -12.64
C ILE L 72 20.57 26.02 -14.05
N GLU L 73 21.27 27.05 -14.52
CA GLU L 73 21.20 27.52 -15.91
C GLU L 73 22.28 26.89 -16.79
N SER L 74 23.11 26.03 -16.23
CA SER L 74 24.23 25.50 -16.98
C SER L 74 23.73 24.55 -18.08
N SER L 75 24.63 24.23 -19.01
CA SER L 75 24.24 23.43 -20.17
C SER L 75 23.95 21.98 -19.83
N VAL L 76 24.51 21.45 -18.74
CA VAL L 76 24.09 20.11 -18.30
C VAL L 76 22.82 20.13 -17.47
N SER L 77 22.22 21.31 -17.25
CA SER L 77 20.92 21.41 -16.62
C SER L 77 19.77 20.99 -17.55
N SER L 78 20.07 20.58 -18.79
CA SER L 78 19.04 20.28 -19.77
C SER L 78 19.15 18.85 -20.26
N GLY L 79 17.98 18.21 -20.47
CA GLY L 79 17.96 16.97 -21.23
C GLY L 79 18.32 17.16 -22.69
N SER L 80 18.30 18.41 -23.17
CA SER L 80 18.75 18.73 -24.53
C SER L 80 20.14 18.18 -24.80
N ASN L 81 21.03 18.28 -23.83
CA ASN L 81 22.44 17.95 -24.02
C ASN L 81 22.66 16.51 -23.57
N THR L 82 22.91 15.63 -24.53
CA THR L 82 22.98 14.19 -24.25
C THR L 82 24.25 13.88 -23.48
N ILE L 83 24.07 13.28 -22.29
CA ILE L 83 25.16 12.85 -21.44
C ILE L 83 25.18 11.33 -21.48
N ASP L 84 26.37 10.74 -21.43
CA ASP L 84 26.46 9.28 -21.45
C ASP L 84 26.20 8.66 -20.09
N ALA L 85 26.72 9.24 -19.01
CA ALA L 85 26.30 8.80 -17.69
C ALA L 85 26.46 9.92 -16.69
N THR L 86 25.65 9.85 -15.65
CA THR L 86 25.73 10.75 -14.51
C THR L 86 26.02 9.93 -13.26
N ILE L 87 27.03 10.36 -12.50
CA ILE L 87 27.46 9.64 -11.30
C ILE L 87 27.52 10.63 -10.16
N ILE L 88 26.84 10.31 -9.07
CA ILE L 88 26.94 11.10 -7.85
C ILE L 88 27.76 10.29 -6.86
N VAL L 89 28.98 10.75 -6.59
CA VAL L 89 29.95 10.03 -5.78
C VAL L 89 30.87 11.05 -5.11
N PRO L 90 31.02 11.00 -3.79
CA PRO L 90 30.15 10.24 -2.87
C PRO L 90 28.76 10.88 -2.90
N CYS L 91 27.74 10.19 -2.40
CA CYS L 91 26.39 10.73 -2.33
C CYS L 91 25.93 10.69 -0.87
N SER L 92 25.62 11.85 -0.31
CA SER L 92 25.08 11.90 1.05
C SER L 92 23.63 11.44 1.04
N VAL L 93 23.11 11.09 2.24
CA VAL L 93 21.71 10.70 2.31
C VAL L 93 20.80 11.89 2.08
N ALA L 94 21.26 13.10 2.41
CA ALA L 94 20.45 14.27 2.10
C ALA L 94 20.22 14.37 0.60
N THR L 95 21.26 14.11 -0.19
CA THR L 95 21.14 14.20 -1.63
C THR L 95 20.29 13.05 -2.18
N VAL L 96 20.47 11.84 -1.64
CA VAL L 96 19.54 10.75 -1.90
C VAL L 96 18.10 11.18 -1.65
N ALA L 97 17.83 11.80 -0.50
CA ALA L 97 16.46 12.20 -0.18
C ALA L 97 15.94 13.19 -1.23
N ALA L 98 16.75 14.21 -1.55
CA ALA L 98 16.33 15.22 -2.51
C ALA L 98 16.02 14.60 -3.87
N ILE L 99 16.90 13.73 -4.36
CA ILE L 99 16.69 13.10 -5.65
C ILE L 99 15.45 12.21 -5.63
N SER L 100 15.29 11.42 -4.56
CA SER L 100 14.15 10.52 -4.51
C SER L 100 12.85 11.31 -4.45
N CYS L 101 12.89 12.52 -3.88
CA CYS L 101 11.69 13.34 -3.82
C CYS L 101 11.43 14.10 -5.11
N GLY L 102 12.44 14.24 -5.98
CA GLY L 102 12.34 15.14 -7.12
C GLY L 102 12.66 16.59 -6.82
N LEU L 103 13.29 16.86 -5.67
CA LEU L 103 13.63 18.22 -5.26
C LEU L 103 14.90 18.73 -5.98
N ALA L 104 14.75 19.00 -7.27
CA ALA L 104 15.88 19.37 -8.13
C ALA L 104 16.15 20.88 -8.03
N ASP L 105 16.49 21.34 -6.82
CA ASP L 105 16.61 22.78 -6.60
C ASP L 105 18.06 23.25 -6.50
N ASN L 106 19.01 22.40 -6.90
CA ASN L 106 20.35 22.87 -7.25
C ASN L 106 20.85 22.01 -8.40
N LEU L 107 22.04 22.36 -8.92
CA LEU L 107 22.51 21.74 -10.16
C LEU L 107 22.86 20.27 -9.96
N LEU L 108 23.40 19.92 -8.81
CA LEU L 108 23.72 18.52 -8.56
C LEU L 108 22.44 17.69 -8.46
N ARG L 109 21.41 18.22 -7.80
CA ARG L 109 20.14 17.49 -7.74
C ARG L 109 19.47 17.45 -9.12
N ARG L 110 19.57 18.55 -9.87
CA ARG L 110 18.92 18.67 -11.17
C ARG L 110 19.53 17.72 -12.19
N VAL L 111 20.84 17.59 -12.16
CA VAL L 111 21.56 16.71 -13.08
C VAL L 111 21.13 15.25 -12.86
N ALA L 112 20.88 14.87 -11.60
CA ALA L 112 20.38 13.53 -11.31
C ALA L 112 18.95 13.36 -11.82
N ASP L 113 18.07 14.33 -11.51
CA ASP L 113 16.71 14.33 -12.02
C ASP L 113 16.66 14.29 -13.55
N VAL L 114 17.63 14.89 -14.23
CA VAL L 114 17.63 14.88 -15.70
C VAL L 114 17.87 13.46 -16.21
N ALA L 115 18.86 12.77 -15.63
CA ALA L 115 19.13 11.40 -16.06
C ALA L 115 17.92 10.50 -15.84
N LEU L 116 17.22 10.66 -14.71
CA LEU L 116 16.02 9.85 -14.46
C LEU L 116 14.93 10.16 -15.48
N LYS L 117 14.69 11.45 -15.69
CA LYS L 117 13.69 11.91 -16.65
C LYS L 117 13.99 11.41 -18.05
N GLU L 118 15.25 11.46 -18.46
CA GLU L 118 15.60 11.04 -19.81
C GLU L 118 15.94 9.56 -19.86
N LYS L 119 15.86 8.86 -18.74
CA LYS L 119 16.21 7.44 -18.70
C LYS L 119 17.63 7.20 -19.26
N ARG L 120 18.58 7.97 -18.74
CA ARG L 120 19.99 7.77 -18.99
C ARG L 120 20.65 7.27 -17.71
N PRO L 121 21.81 6.61 -17.81
CA PRO L 121 22.45 6.04 -16.62
C PRO L 121 22.63 7.06 -15.49
N LEU L 122 22.13 6.71 -14.31
CA LEU L 122 22.41 7.49 -13.11
C LEU L 122 22.97 6.52 -12.09
N ILE L 123 24.23 6.73 -11.70
CA ILE L 123 24.87 5.90 -10.70
C ILE L 123 25.04 6.70 -9.42
N LEU L 124 24.44 6.20 -8.34
CA LEU L 124 24.55 6.82 -7.02
C LEU L 124 25.47 5.97 -6.16
N VAL L 125 26.39 6.64 -5.46
CA VAL L 125 27.32 5.95 -4.57
C VAL L 125 27.05 6.42 -3.14
N PRO L 126 25.96 5.97 -2.53
CA PRO L 126 25.56 6.52 -1.22
C PRO L 126 26.43 5.96 -0.10
N ARG L 127 26.90 6.86 0.75
CA ARG L 127 27.74 6.48 1.87
C ARG L 127 27.06 6.96 3.16
N GLU L 128 26.61 6.02 3.98
CA GLU L 128 26.05 6.30 5.30
C GLU L 128 25.88 4.98 6.03
N ALA L 129 26.11 4.98 7.34
CA ALA L 129 25.97 3.78 8.14
C ALA L 129 25.80 4.14 9.61
N PRO L 130 24.81 3.53 10.27
CA PRO L 130 23.82 2.61 9.70
C PRO L 130 22.86 3.31 8.78
N LEU L 131 22.08 2.54 8.04
CA LEU L 131 21.05 3.07 7.15
C LEU L 131 19.68 2.94 7.81
N SER L 132 19.03 4.06 8.07
CA SER L 132 17.72 3.99 8.71
C SER L 132 16.65 3.61 7.68
N ALA L 133 15.44 3.35 8.20
CA ALA L 133 14.32 3.03 7.34
C ALA L 133 14.02 4.18 6.38
N ILE L 134 14.15 5.43 6.85
CA ILE L 134 13.88 6.56 5.97
C ILE L 134 14.83 6.55 4.76
N HIS L 135 16.12 6.28 5.00
CA HIS L 135 17.08 6.28 3.88
C HIS L 135 16.87 5.11 2.96
N LEU L 136 16.52 3.95 3.53
CA LEU L 136 16.36 2.75 2.71
C LEU L 136 15.16 2.88 1.78
N GLU L 137 14.07 3.50 2.28
CA GLU L 137 12.92 3.78 1.43
C GLU L 137 13.29 4.71 0.26
N ASN L 138 14.11 5.74 0.53
CA ASN L 138 14.57 6.63 -0.56
C ASN L 138 15.39 5.87 -1.59
N LEU L 139 16.31 5.02 -1.13
CA LEU L 139 17.14 4.24 -2.06
C LEU L 139 16.29 3.28 -2.87
N LEU L 140 15.34 2.61 -2.19
CA LEU L 140 14.42 1.72 -2.88
C LEU L 140 13.71 2.46 -4.00
N LYS L 141 13.11 3.61 -3.67
CA LYS L 141 12.39 4.41 -4.64
C LYS L 141 13.28 4.74 -5.85
N LEU L 142 14.53 5.14 -5.59
CA LEU L 142 15.44 5.45 -6.68
C LEU L 142 15.76 4.21 -7.53
N ALA L 143 16.03 3.07 -6.89
CA ALA L 143 16.23 1.83 -7.63
C ALA L 143 15.03 1.50 -8.50
N GLN L 144 13.81 1.68 -7.96
CA GLN L 144 12.63 1.36 -8.77
C GLN L 144 12.47 2.31 -9.94
N ASN L 145 13.04 3.50 -9.86
CA ASN L 145 12.98 4.45 -10.96
C ASN L 145 14.21 4.40 -11.84
N GLY L 146 15.08 3.40 -11.68
CA GLY L 146 16.13 3.14 -12.64
C GLY L 146 17.54 3.55 -12.23
N ALA L 147 17.70 4.31 -11.14
CA ALA L 147 19.03 4.63 -10.62
C ALA L 147 19.78 3.36 -10.23
N VAL L 148 21.07 3.33 -10.53
CA VAL L 148 21.93 2.26 -10.05
C VAL L 148 22.43 2.66 -8.67
N ILE L 149 22.18 1.81 -7.67
CA ILE L 149 22.54 2.10 -6.27
C ILE L 149 23.80 1.33 -5.97
N LEU L 150 24.94 2.03 -5.86
CA LEU L 150 26.26 1.41 -5.72
C LEU L 150 26.94 1.90 -4.45
N PRO L 151 26.58 1.37 -3.28
CA PRO L 151 27.30 1.74 -2.07
C PRO L 151 28.76 1.35 -2.18
N PRO L 152 29.67 2.13 -1.60
CA PRO L 152 31.10 1.80 -1.74
C PRO L 152 31.52 0.67 -0.80
N MET L 153 31.12 -0.54 -1.17
CA MET L 153 31.49 -1.75 -0.44
C MET L 153 32.87 -2.22 -0.88
N PRO L 154 33.84 -2.35 0.03
CA PRO L 154 35.13 -2.93 -0.35
C PRO L 154 34.98 -4.35 -0.91
N ILE L 155 35.84 -4.68 -1.85
CA ILE L 155 35.89 -6.00 -2.47
C ILE L 155 37.09 -6.72 -1.89
N TRP L 156 36.87 -7.54 -0.85
CA TRP L 156 37.98 -8.17 -0.17
C TRP L 156 38.57 -9.35 -0.92
N TYR L 157 37.83 -10.00 -1.82
CA TYR L 157 38.42 -11.14 -2.52
C TYR L 157 39.38 -10.73 -3.62
N PHE L 158 39.63 -9.44 -3.82
CA PHE L 158 40.81 -9.01 -4.57
C PHE L 158 42.02 -8.86 -3.68
N LYS L 159 41.88 -9.20 -2.39
CA LYS L 159 42.98 -9.18 -1.42
C LYS L 159 43.69 -7.83 -1.40
N PRO L 160 42.99 -6.75 -1.13
CA PRO L 160 43.64 -5.44 -1.13
C PRO L 160 44.58 -5.32 0.06
N GLN L 161 45.66 -4.57 -0.15
CA GLN L 161 46.60 -4.33 0.93
C GLN L 161 46.50 -2.92 1.49
N THR L 162 46.27 -1.92 0.65
CA THR L 162 46.26 -0.53 1.07
C THR L 162 44.85 0.04 1.02
N ALA L 163 44.70 1.23 1.60
CA ALA L 163 43.45 1.97 1.45
C ALA L 163 43.18 2.28 -0.02
N GLU L 164 44.22 2.74 -0.73
CA GLU L 164 44.11 3.07 -2.15
C GLU L 164 43.60 1.89 -2.97
N ASP L 165 44.03 0.67 -2.63
CA ASP L 165 43.54 -0.53 -3.31
C ASP L 165 42.03 -0.64 -3.21
N ILE L 166 41.48 -0.42 -2.01
CA ILE L 166 40.03 -0.54 -1.85
C ILE L 166 39.31 0.54 -2.63
N ALA L 167 39.82 1.77 -2.60
CA ALA L 167 39.22 2.84 -3.41
C ALA L 167 39.28 2.51 -4.88
N ASN L 168 40.44 2.04 -5.37
CA ASN L 168 40.58 1.75 -6.79
C ASN L 168 39.59 0.67 -7.25
N ASP L 169 39.45 -0.41 -6.49
CA ASP L 169 38.52 -1.46 -6.90
C ASP L 169 37.07 -0.98 -6.87
N ILE L 170 36.72 -0.11 -5.93
CA ILE L 170 35.37 0.46 -5.92
C ILE L 170 35.13 1.26 -7.19
N VAL L 171 36.10 2.07 -7.60
CA VAL L 171 35.95 2.87 -8.82
C VAL L 171 35.95 1.97 -10.05
N GLY L 172 36.74 0.89 -10.01
CA GLY L 172 36.65 -0.08 -11.09
C GLY L 172 35.24 -0.61 -11.27
N LYS L 173 34.52 -0.80 -10.16
CA LYS L 173 33.13 -1.24 -10.24
C LYS L 173 32.25 -0.18 -10.90
N ILE L 174 32.48 1.10 -10.57
CA ILE L 174 31.76 2.15 -11.29
C ILE L 174 32.05 2.07 -12.79
N LEU L 175 33.33 1.91 -13.13
CA LEU L 175 33.73 1.88 -14.53
C LEU L 175 33.09 0.69 -15.26
N ALA L 176 33.02 -0.47 -14.61
CA ALA L 176 32.40 -1.63 -15.25
C ALA L 176 30.92 -1.38 -15.52
N ILE L 177 30.24 -0.66 -14.62
CA ILE L 177 28.85 -0.30 -14.88
C ILE L 177 28.75 0.64 -16.07
N LEU L 178 29.73 1.54 -16.23
CA LEU L 178 29.82 2.42 -17.40
C LEU L 178 30.27 1.70 -18.65
N GLN L 179 30.46 0.38 -18.61
CA GLN L 179 30.88 -0.41 -19.77
C GLN L 179 32.15 0.15 -20.39
N LEU L 180 33.13 0.43 -19.53
CA LEU L 180 34.41 0.99 -19.94
C LEU L 180 35.54 0.04 -19.61
N ASP L 181 36.45 -0.17 -20.56
CA ASP L 181 37.70 -0.86 -20.28
C ASP L 181 38.55 0.00 -19.36
N SER L 182 39.18 -0.63 -18.40
CA SER L 182 40.04 0.10 -17.48
C SER L 182 40.90 -0.88 -16.70
N PRO L 183 42.18 -0.56 -16.47
CA PRO L 183 43.00 -1.41 -15.60
C PRO L 183 42.61 -1.34 -14.13
N LEU L 184 41.66 -0.49 -13.75
CA LEU L 184 41.12 -0.54 -12.40
C LEU L 184 40.16 -1.71 -12.20
N ILE L 185 39.73 -2.38 -13.27
CA ILE L 185 38.70 -3.40 -13.20
C ILE L 185 39.37 -4.76 -13.21
N LYS L 186 39.28 -5.49 -12.09
CA LYS L 186 39.76 -6.85 -12.00
C LYS L 186 38.59 -7.83 -12.08
N ARG L 187 38.85 -9.01 -12.63
CA ARG L 187 37.88 -10.10 -12.63
C ARG L 187 38.40 -11.24 -11.75
N TRP L 188 37.48 -12.01 -11.18
CA TRP L 188 37.86 -13.08 -10.25
C TRP L 188 38.17 -14.37 -10.98
N1 FMN M . -26.38 -3.44 -14.79
C2 FMN M . -26.13 -2.99 -13.52
O2 FMN M . -24.98 -2.70 -13.18
N3 FMN M . -27.16 -2.86 -12.61
C4 FMN M . -28.45 -3.19 -12.99
O4 FMN M . -29.40 -3.09 -12.21
C4A FMN M . -28.69 -3.63 -14.28
N5 FMN M . -29.99 -3.94 -14.61
C5A FMN M . -30.28 -4.38 -15.87
C6 FMN M . -31.60 -4.69 -16.19
C7 FMN M . -31.91 -5.15 -17.47
C7M FMN M . -33.32 -5.48 -17.82
C8 FMN M . -30.89 -5.29 -18.41
C8M FMN M . -31.23 -5.77 -19.78
C9 FMN M . -29.57 -4.97 -18.09
C9A FMN M . -29.27 -4.52 -16.81
N10 FMN M . -27.95 -4.20 -16.47
C10 FMN M . -27.67 -3.75 -15.20
C1' FMN M . -26.88 -4.38 -17.52
C2' FMN M . -26.16 -3.07 -17.82
O2' FMN M . -26.90 -2.32 -18.75
C3' FMN M . -24.77 -3.40 -18.38
O3' FMN M . -23.81 -3.25 -17.35
C4' FMN M . -24.43 -2.50 -19.56
O4' FMN M . -23.47 -3.12 -20.40
C5' FMN M . -23.88 -1.17 -19.09
O5' FMN M . -23.95 -0.28 -20.18
P FMN M . -24.19 1.27 -19.92
O1P FMN M . -23.30 2.08 -20.83
O2P FMN M . -25.65 1.56 -20.18
O3P FMN M . -23.86 1.59 -18.48
N1 FMN N . -9.94 14.01 -25.88
C2 FMN N . -8.86 14.37 -25.07
O2 FMN N . -8.43 13.64 -24.18
N3 FMN N . -8.24 15.58 -25.25
C4 FMN N . -8.70 16.42 -26.23
O4 FMN N . -8.17 17.50 -26.41
C4A FMN N . -9.77 16.07 -27.04
N5 FMN N . -10.16 16.99 -28.01
C5A FMN N . -11.22 16.70 -28.84
C6 FMN N . -11.59 17.64 -29.81
C7 FMN N . -12.66 17.39 -30.66
C7M FMN N . -13.06 18.41 -31.70
C8 FMN N . -13.34 16.19 -30.55
C8M FMN N . -14.49 15.93 -31.48
C9 FMN N . -12.97 15.26 -29.58
C9A FMN N . -11.89 15.50 -28.71
N10 FMN N . -11.50 14.57 -27.75
C10 FMN N . -10.42 14.85 -26.89
C1' FMN N . -12.33 13.30 -27.71
C2' FMN N . -11.60 12.01 -27.40
O2' FMN N . -10.74 11.67 -28.46
C3' FMN N . -12.66 10.95 -27.12
O3' FMN N . -12.78 10.77 -25.74
C4' FMN N . -12.40 9.59 -27.78
O4' FMN N . -13.53 8.76 -27.63
C5' FMN N . -11.17 8.87 -27.28
O5' FMN N . -10.14 9.24 -28.16
P FMN N . -10.05 8.52 -29.60
O1P FMN N . -9.84 7.03 -29.44
O2P FMN N . -11.25 8.79 -30.47
O3P FMN N . -8.87 9.11 -30.31
N1 FMN O . 5.23 27.91 10.48
C2 FMN O . 4.52 26.82 10.95
O2 FMN O . 4.43 25.81 10.25
N3 FMN O . 3.93 26.88 12.21
C4 FMN O . 4.05 28.02 12.98
O4 FMN O . 3.52 28.07 14.10
C4A FMN O . 4.76 29.11 12.50
N5 FMN O . 4.89 30.24 13.28
C5A FMN O . 5.60 31.33 12.82
C6 FMN O . 5.70 32.45 13.62
C7 FMN O . 6.41 33.57 13.18
C7M FMN O . 6.52 34.78 14.06
C8 FMN O . 7.01 33.53 11.93
C8M FMN O . 7.79 34.74 11.46
C9 FMN O . 6.91 32.40 11.12
C9A FMN O . 6.19 31.29 11.55
N10 FMN O . 6.07 30.13 10.77
C10 FMN O . 5.36 29.05 11.25
C1' FMN O . 6.69 30.03 9.40
C2' FMN O . 7.96 29.19 9.42
O2' FMN O . 9.02 29.99 9.90
C3' FMN O . 8.34 28.67 8.05
O3' FMN O . 7.65 27.48 7.69
C4' FMN O . 9.86 28.50 7.97
O4' FMN O . 10.31 28.45 6.62
C5' FMN O . 10.37 27.29 8.73
O5' FMN O . 11.75 27.48 8.92
P FMN O . 12.65 26.49 9.80
O1P FMN O . 13.86 26.06 9.00
O2P FMN O . 13.11 27.23 11.04
O3P FMN O . 11.82 25.28 10.17
N1 FMN P . 13.20 23.17 -14.43
C2 FMN P . 12.03 22.46 -14.68
O2 FMN P . 11.63 21.58 -13.91
N3 FMN P . 11.28 22.73 -15.81
C4 FMN P . 11.70 23.70 -16.70
O4 FMN P . 11.03 23.94 -17.70
C4A FMN P . 12.87 24.41 -16.45
N5 FMN P . 13.26 25.38 -17.35
C5A FMN P . 14.41 26.10 -17.12
C6 FMN P . 14.78 27.08 -18.05
C7 FMN P . 15.94 27.83 -17.86
C7M FMN P . 16.34 28.88 -18.86
C8 FMN P . 16.72 27.59 -16.74
C8M FMN P . 17.95 28.41 -16.55
C9 FMN P . 16.36 26.62 -15.80
C9A FMN P . 15.19 25.86 -15.99
N10 FMN P . 14.80 24.88 -15.07
C10 FMN P . 13.63 24.15 -15.32
C1' FMN P . 15.64 24.59 -13.86
C2' FMN P . 15.04 25.09 -12.55
O2' FMN P . 15.14 26.49 -12.53
C3' FMN P . 15.77 24.46 -11.35
O3' FMN P . 15.36 23.12 -11.14
C4' FMN P . 15.59 25.29 -10.08
O4' FMN P . 16.41 24.74 -9.05
C5' FMN P . 14.14 25.37 -9.61
O5' FMN P . 14.05 26.38 -8.63
P FMN P . 12.66 27.11 -8.24
O1P FMN P . 12.57 27.20 -6.73
O2P FMN P . 12.64 28.51 -8.82
O3P FMN P . 11.51 26.32 -8.79
N1 FMN Q . -28.11 4.49 10.52
C2 FMN Q . -27.59 4.10 9.29
O2 FMN Q . -26.39 3.99 9.12
N3 FMN Q . -28.46 3.84 8.23
C4 FMN Q . -29.83 3.97 8.41
O4 FMN Q . -30.63 3.74 7.49
C4A FMN Q . -30.33 4.35 9.64
N5 FMN Q . -31.70 4.47 9.78
C5A FMN Q . -32.24 4.84 11.00
C6 FMN Q . -33.62 4.94 11.12
C7 FMN Q . -34.19 5.33 12.34
C7M FMN Q . -35.68 5.43 12.46
C8 FMN Q . -33.36 5.59 13.42
C8M FMN Q . -33.97 6.00 14.73
C9 FMN Q . -31.97 5.49 13.29
C9A FMN Q . -31.39 5.12 12.08
N10 FMN Q . -30.01 5.00 11.94
C10 FMN Q . -29.47 4.61 10.71
C1' FMN Q . -29.10 5.30 13.09
C2' FMN Q . -28.39 4.05 13.61
O2' FMN Q . -29.26 3.31 14.43
C3' FMN Q . -27.16 4.45 14.42
O3' FMN Q . -26.03 4.63 13.58
C4' FMN Q . -26.88 3.40 15.49
O4' FMN Q . -25.99 3.87 16.47
C5' FMN Q . -26.38 2.09 14.87
O5' FMN Q . -26.45 1.11 15.88
P FMN Q . -26.80 -0.41 15.55
O1P FMN Q . -26.01 -1.31 16.47
O2P FMN Q . -28.28 -0.65 15.78
O3P FMN Q . -26.42 -0.69 14.12
N1 FMN R . -4.94 -11.64 -27.98
C2 FMN R . -4.41 -12.27 -26.87
O2 FMN R . -4.40 -11.71 -25.77
N3 FMN R . -3.87 -13.54 -26.99
C4 FMN R . -3.88 -14.18 -28.22
O4 FMN R . -3.40 -15.31 -28.32
C4A FMN R . -4.41 -13.54 -29.33
N5 FMN R . -4.41 -14.21 -30.53
C5A FMN R . -4.93 -13.61 -31.64
C6 FMN R . -4.92 -14.29 -32.86
C7 FMN R . -5.44 -13.70 -34.00
C7M FMN R . -5.43 -14.43 -35.31
C8 FMN R . -5.99 -12.42 -33.92
C8M FMN R . -6.56 -11.78 -35.16
C9 FMN R . -6.01 -11.73 -32.71
C9A FMN R . -5.48 -12.32 -31.56
N10 FMN R . -5.50 -11.65 -30.34
C10 FMN R . -4.96 -12.27 -29.22
C1' FMN R . -6.08 -10.25 -30.29
C2' FMN R . -7.27 -10.04 -29.36
O2' FMN R . -8.38 -10.77 -29.85
C3' FMN R . -7.65 -8.56 -29.22
O3' FMN R . -7.09 -8.05 -28.02
C4' FMN R . -9.16 -8.36 -29.18
O4' FMN R . -9.48 -7.02 -29.46
C5' FMN R . -9.75 -8.75 -27.83
O5' FMN R . -11.13 -8.93 -28.02
P FMN R . -11.86 -10.24 -27.43
O1P FMN R . -12.94 -9.84 -26.47
O2P FMN R . -12.43 -11.06 -28.55
O3P FMN R . -10.83 -11.06 -26.71
N1 FMN S . -8.47 11.56 26.45
C2 FMN S . -7.76 12.09 25.39
O2 FMN S . -7.66 11.46 24.34
N3 FMN S . -7.18 13.33 25.51
C4 FMN S . -7.29 14.05 26.69
O4 FMN S . -6.76 15.17 26.78
C4A FMN S . -8.01 13.52 27.75
N5 FMN S . -8.13 14.24 28.92
C5A FMN S . -8.85 13.72 29.97
C6 FMN S . -8.96 14.46 31.14
C7 FMN S . -9.67 13.94 32.22
C7M FMN S . -9.82 14.73 33.49
C8 FMN S . -10.27 12.70 32.10
C8M FMN S . -11.05 12.16 33.26
C9 FMN S . -10.17 11.95 30.93
C9A FMN S . -9.44 12.46 29.86
N10 FMN S . -9.32 11.73 28.68
C10 FMN S . -8.60 12.26 27.63
C1' FMN S . -9.94 10.36 28.56
C2' FMN S . -11.13 10.21 27.62
O2' FMN S . -12.18 10.95 28.20
C3' FMN S . -11.51 8.74 27.43
O3' FMN S . -10.65 8.11 26.48
C4' FMN S . -12.98 8.62 27.01
O4' FMN S . -13.45 7.29 26.94
C5' FMN S . -13.24 9.31 25.67
O5' FMN S . -14.64 9.31 25.55
P FMN S . -15.40 10.43 24.71
O1P FMN S . -16.70 9.86 24.20
O2P FMN S . -15.73 11.63 25.57
O3P FMN S . -14.50 10.89 23.58
N1 FMN T . 10.19 -23.16 15.79
C2 FMN T . 9.02 -22.44 15.84
O2 FMN T . 8.82 -21.55 15.01
N3 FMN T . 8.08 -22.71 16.82
C4 FMN T . 8.30 -23.73 17.74
O4 FMN T . 7.47 -23.99 18.61
C4A FMN T . 9.47 -24.46 17.69
N5 FMN T . 9.68 -25.47 18.61
C5A FMN T . 10.85 -26.20 18.56
C6 FMN T . 11.03 -27.21 19.50
C7 FMN T . 12.19 -27.97 19.48
C7M FMN T . 12.40 -29.05 20.49
C8 FMN T . 13.16 -27.71 18.52
C8M FMN T . 14.41 -28.53 18.49
C9 FMN T . 12.98 -26.69 17.56
C9A FMN T . 11.81 -25.93 17.58
N10 FMN T . 11.61 -24.91 16.65
C10 FMN T . 10.43 -24.19 16.70
C1' FMN T . 12.63 -24.58 15.59
C2' FMN T . 12.08 -24.94 14.21
O2' FMN T . 11.98 -26.34 14.15
C3' FMN T . 12.97 -24.40 13.09
O3' FMN T . 12.62 -23.08 12.71
C4' FMN T . 12.93 -25.35 11.89
O4' FMN T . 13.91 -24.98 10.95
C5' FMN T . 11.57 -25.43 11.20
O5' FMN T . 11.73 -26.44 10.23
P FMN T . 10.50 -27.21 9.51
O1P FMN T . 10.86 -27.47 8.07
O2P FMN T . 10.30 -28.52 10.24
O3P FMN T . 9.28 -26.34 9.63
N1 FMN U . 27.11 -12.94 -2.00
C2 FMN U . 26.70 -11.66 -1.68
O2 FMN U . 25.50 -11.38 -1.59
N3 FMN U . 27.63 -10.67 -1.43
C4 FMN U . 28.99 -10.95 -1.49
O4 FMN U . 29.81 -10.05 -1.27
C4A FMN U . 29.41 -12.24 -1.81
N5 FMN U . 30.77 -12.53 -1.87
C5A FMN U . 31.19 -13.81 -2.18
C6 FMN U . 32.55 -14.08 -2.23
C7 FMN U . 33.00 -15.36 -2.55
C7M FMN U . 34.48 -15.65 -2.61
C8 FMN U . 32.07 -16.37 -2.81
C8M FMN U . 32.55 -17.74 -3.14
C9 FMN U . 30.71 -16.10 -2.75
C9A FMN U . 30.26 -14.81 -2.43
N10 FMN U . 28.88 -14.54 -2.37
C10 FMN U . 28.47 -13.24 -2.06
C1' FMN U . 27.88 -15.62 -2.67
C2' FMN U . 26.99 -16.05 -1.53
O2' FMN U . 27.75 -16.91 -0.71
C3' FMN U . 25.75 -16.78 -2.05
O3' FMN U . 24.72 -15.90 -2.45
C4' FMN U . 25.20 -17.76 -1.02
O4' FMN U . 24.07 -18.37 -1.58
C5' FMN U . 24.83 -17.09 0.31
O5' FMN U . 24.97 -18.07 1.32
P FMN U . 24.80 -17.76 2.89
O1P FMN U . 23.63 -18.55 3.42
O2P FMN U . 26.08 -18.17 3.59
O3P FMN U . 24.55 -16.29 3.09
N1 FMN V . 6.53 -27.72 -9.93
C2 FMN V . 5.94 -26.63 -10.56
O2 FMN V . 5.86 -25.54 -10.00
N3 FMN V . 5.44 -26.74 -11.84
C4 FMN V . 5.50 -27.95 -12.50
O4 FMN V . 5.05 -28.08 -13.65
C4A FMN V . 6.09 -29.04 -11.88
N5 FMN V . 6.15 -30.22 -12.58
C5A FMN V . 6.72 -31.32 -12.01
C6 FMN V . 6.75 -32.48 -12.78
C7 FMN V . 7.32 -33.63 -12.26
C7M FMN V . 7.34 -34.88 -13.08
C8 FMN V . 7.85 -33.59 -10.96
C8M FMN V . 8.46 -34.84 -10.43
C9 FMN V . 7.82 -32.43 -10.20
C9A FMN V . 7.25 -31.26 -10.72
N10 FMN V . 7.22 -30.07 -9.99
C10 FMN V . 6.62 -28.94 -10.58
C1' FMN V . 7.77 -30.03 -8.58
C2' FMN V . 8.95 -29.12 -8.31
O2' FMN V . 10.10 -29.80 -8.74
C3' FMN V . 9.12 -28.82 -6.82
O3' FMN V . 8.24 -27.78 -6.39
C4' FMN V . 10.57 -28.47 -6.48
O4' FMN V . 10.70 -28.40 -5.08
C5' FMN V . 11.05 -27.17 -7.13
O5' FMN V . 12.45 -27.20 -7.24
P FMN V . 13.28 -26.40 -8.37
O1P FMN V . 14.40 -25.60 -7.74
O2P FMN V . 13.88 -27.38 -9.34
O3P FMN V . 12.35 -25.46 -9.10
N1 FMN W . -13.87 -14.06 22.48
C2 FMN W . -12.65 -14.21 21.82
O2 FMN W . -12.30 -13.42 20.93
N3 FMN W . -11.81 -15.26 22.16
C4 FMN W . -12.16 -16.16 23.16
O4 FMN W . -11.39 -17.08 23.45
C4A FMN W . -13.39 -16.00 23.82
N5 FMN W . -13.75 -16.87 24.82
C5A FMN W . -14.96 -16.72 25.49
C6 FMN W . -15.29 -17.63 26.49
C7 FMN W . -16.49 -17.50 27.19
C7M FMN W . -16.86 -18.46 28.28
C8 FMN W . -17.34 -16.46 26.85
C8M FMN W . -18.64 -16.33 27.60
C9 FMN W . -17.02 -15.54 25.85
C9A FMN W . -15.81 -15.67 25.16
N10 FMN W . -15.46 -14.77 24.15
C10 FMN W . -14.24 -14.94 23.47
C1' FMN W . -16.37 -13.65 23.73
C2' FMN W . -15.91 -12.29 24.23
O2' FMN W . -16.22 -12.22 25.61
C3' FMN W . -16.63 -11.16 23.50
O3' FMN W . -16.05 -10.91 22.22
C4' FMN W . -16.59 -9.89 24.35
O4' FMN W . -17.47 -8.92 23.80
C5' FMN W . -15.18 -9.33 24.49
O5' FMN W . -15.22 -8.30 25.45
P FMN W . -13.92 -7.69 26.21
O1P FMN W . -14.25 -6.24 26.48
O2P FMN W . -13.66 -8.41 27.50
O3P FMN W . -12.70 -7.86 25.33
N1 FMN X . 26.58 12.62 5.39
C2 FMN X . 26.24 11.34 4.95
O2 FMN X . 25.08 11.05 4.65
N3 FMN X . 27.21 10.36 4.83
C4 FMN X . 28.52 10.64 5.14
O4 FMN X . 29.38 9.76 5.03
C4A FMN X . 28.87 11.93 5.59
N5 FMN X . 30.18 12.19 5.89
C5A FMN X . 30.56 13.45 6.33
C6 FMN X . 31.89 13.69 6.63
C7 FMN X . 32.30 14.94 7.08
C7M FMN X . 33.74 15.21 7.40
C8 FMN X . 31.36 15.95 7.21
C8M FMN X . 31.80 17.29 7.67
C9 FMN X . 30.01 15.72 6.90
C9A FMN X . 29.59 14.45 6.46
N10 FMN X . 28.26 14.20 6.14
C10 FMN X . 27.89 12.93 5.71
C1' FMN X . 27.21 15.28 6.31
C2' FMN X . 26.68 15.92 5.03
O2' FMN X . 27.67 16.78 4.51
C3' FMN X . 25.41 16.75 5.27
O3' FMN X . 24.30 15.92 5.56
C4' FMN X . 25.14 17.67 4.08
O4' FMN X . 24.11 18.61 4.34
C5' FMN X . 24.84 16.94 2.77
O5' FMN X . 24.97 17.90 1.74
P FMN X . 25.28 17.55 0.20
O1P FMN X . 24.54 18.58 -0.64
O2P FMN X . 26.76 17.64 -0.05
O3P FMN X . 24.81 16.15 -0.11
#